data_4Q1T
#
_entry.id   4Q1T
#
_cell.length_a   151.850
_cell.length_b   69.150
_cell.length_c   141.680
_cell.angle_alpha   90.000
_cell.angle_beta   119.510
_cell.angle_gamma   90.000
#
_symmetry.space_group_name_H-M   'C 1 2 1'
#
loop_
_entity.id
_entity.type
_entity.pdbx_description
1 polymer 'Glutamate 5-kinase'
2 water water
#
_entity_poly.entity_id   1
_entity_poly.type   'polypeptide(L)'
_entity_poly.pdbx_seq_one_letter_code
;GPGSMRSIIADSKRLVVKVGSSLVTNDGRGLDHDAIGRWAAQIAALRNEGKEVVLVSSGAIAEGMQRLGWSRRPREIDEL
QAAAAVGQMGLAQVYESRFAEHGIRTAQILLTHADLADRERYLNARSTLLTLLRLGVVPIINENDTVVTDEIKFGDNDTL
GALVANLIEGDALIILTDQQGLFTADPRKDPGATLVAEASAGAPELEAMAGGAGSSIGRGGMLTKILAAKRAAHSGANTV
IASGRERDVLLRLASGEAIGTQLIARTARMAARKQWMADHLQVRGHVVIDAGAVDKLTAGGKSLLPIGVVAVQGVFARGE
VIACVNDAGREVARGITNYSSAEAKLIQRKPSGEIEAVLGYMLEPELIHRDNLVLV
;
_entity_poly.pdbx_strand_id   A,B,C,D
#
# COMPACT_ATOMS: atom_id res chain seq x y z
N MET A 5 45.14 15.36 8.60
CA MET A 5 43.85 15.03 7.89
C MET A 5 43.17 16.24 7.24
N ARG A 6 42.91 16.13 5.94
CA ARG A 6 42.11 17.11 5.24
C ARG A 6 40.66 16.69 5.45
N SER A 7 39.77 17.65 5.68
CA SER A 7 38.34 17.32 5.78
C SER A 7 37.81 17.00 4.42
N ILE A 8 37.11 15.87 4.34
CA ILE A 8 36.37 15.48 3.15
C ILE A 8 35.30 16.53 2.73
N ILE A 9 34.89 17.40 3.64
CA ILE A 9 33.88 18.42 3.33
C ILE A 9 34.39 19.42 2.28
N ALA A 10 35.72 19.63 2.25
CA ALA A 10 36.30 20.56 1.28
C ALA A 10 36.02 20.18 -0.16
N ASP A 11 35.94 18.89 -0.44
CA ASP A 11 35.56 18.50 -1.79
C ASP A 11 34.17 17.84 -1.90
N SER A 12 33.26 18.27 -1.04
CA SER A 12 31.88 17.81 -1.05
C SER A 12 31.01 18.97 -1.47
N LYS A 13 30.34 18.83 -2.60
CA LYS A 13 29.49 19.90 -3.11
C LYS A 13 28.07 19.92 -2.47
N ARG A 14 27.49 18.74 -2.21
CA ARG A 14 26.12 18.66 -1.73
C ARG A 14 26.11 18.10 -0.31
N LEU A 15 25.67 18.91 0.63
CA LEU A 15 25.77 18.61 2.04
C LEU A 15 24.41 18.54 2.72
N VAL A 16 24.21 17.52 3.58
CA VAL A 16 23.10 17.49 4.49
C VAL A 16 23.66 17.87 5.86
N VAL A 17 23.14 18.93 6.46
CA VAL A 17 23.60 19.43 7.74
C VAL A 17 22.52 19.20 8.78
N LYS A 18 22.86 18.44 9.82
CA LYS A 18 21.91 18.09 10.85
C LYS A 18 22.35 18.69 12.18
N VAL A 19 21.50 19.51 12.75
CA VAL A 19 21.85 20.26 13.97
C VAL A 19 21.04 19.75 15.15
N GLY A 20 21.72 19.33 16.22
CA GLY A 20 21.05 18.69 17.35
C GLY A 20 20.24 19.64 18.20
N SER A 21 19.30 19.08 18.95
CA SER A 21 18.47 19.85 19.87
C SER A 21 19.25 20.74 20.81
N SER A 22 20.20 20.13 21.51
CA SER A 22 20.99 20.84 22.52
C SER A 22 21.63 22.10 21.97
N LEU A 23 22.01 22.07 20.68
CA LEU A 23 22.65 23.22 20.05
C LEU A 23 21.69 24.34 19.73
N VAL A 24 20.45 23.97 19.43
CA VAL A 24 19.51 24.93 18.88
C VAL A 24 18.56 25.43 19.97
N THR A 25 18.52 24.75 21.12
CA THR A 25 17.62 25.06 22.22
C THR A 25 18.36 25.46 23.50
N ASN A 26 17.74 26.33 24.29
CA ASN A 26 18.25 26.64 25.65
C ASN A 26 18.04 25.51 26.70
N GLY A 30 13.19 26.65 25.11
CA GLY A 30 12.79 26.93 23.74
C GLY A 30 13.99 27.06 22.84
N LEU A 31 13.94 27.98 21.86
CA LEU A 31 15.01 28.11 20.88
C LEU A 31 16.01 29.22 21.20
N ASP A 32 17.28 28.93 20.94
CA ASP A 32 18.36 29.91 21.01
C ASP A 32 18.45 30.61 19.64
N HIS A 33 17.77 31.72 19.50
CA HIS A 33 17.69 32.42 18.21
C HIS A 33 19.08 32.90 17.69
N ASP A 34 20.00 33.20 18.61
CA ASP A 34 21.33 33.68 18.22
C ASP A 34 22.14 32.56 17.63
N ALA A 35 22.05 31.38 18.23
CA ALA A 35 22.76 30.22 17.71
C ALA A 35 22.23 29.81 16.33
N ILE A 36 20.93 29.95 16.12
CA ILE A 36 20.33 29.65 14.80
C ILE A 36 20.84 30.65 13.76
N GLY A 37 20.96 31.91 14.16
CA GLY A 37 21.51 32.94 13.29
C GLY A 37 22.93 32.59 12.87
N ARG A 38 23.73 32.06 13.79
CA ARG A 38 25.09 31.65 13.47
C ARG A 38 25.13 30.48 12.48
N TRP A 39 24.25 29.50 12.65
CA TRP A 39 24.16 28.38 11.69
C TRP A 39 23.69 28.88 10.34
N ALA A 40 22.66 29.71 10.34
CA ALA A 40 22.17 30.32 9.13
C ALA A 40 23.29 31.09 8.42
N ALA A 41 24.09 31.85 9.15
CA ALA A 41 25.18 32.61 8.55
C ALA A 41 26.22 31.68 7.94
N GLN A 42 26.57 30.62 8.65
CA GLN A 42 27.53 29.64 8.13
C GLN A 42 27.02 28.93 6.90
N ILE A 43 25.77 28.52 6.93
CA ILE A 43 25.18 27.83 5.80
C ILE A 43 25.07 28.78 4.61
N ALA A 44 24.71 30.04 4.88
CA ALA A 44 24.73 31.09 3.84
C ALA A 44 26.10 31.26 3.21
N ALA A 45 27.16 31.25 4.00
CA ALA A 45 28.51 31.34 3.44
C ALA A 45 28.85 30.11 2.60
N LEU A 46 28.39 28.92 2.98
CA LEU A 46 28.63 27.71 2.17
C LEU A 46 27.88 27.81 0.85
N ARG A 47 26.63 28.27 0.91
CA ARG A 47 25.76 28.48 -0.28
CA ARG A 47 25.79 28.44 -0.29
C ARG A 47 26.44 29.44 -1.25
N ASN A 48 27.15 30.45 -0.73
CA ASN A 48 27.86 31.45 -1.55
C ASN A 48 29.23 30.99 -2.09
N GLU A 49 29.78 29.92 -1.51
CA GLU A 49 30.94 29.26 -2.09
C GLU A 49 30.53 28.29 -3.20
N GLY A 50 29.24 28.07 -3.37
CA GLY A 50 28.73 27.10 -4.36
C GLY A 50 28.28 25.74 -3.83
N LYS A 51 28.26 25.55 -2.50
CA LYS A 51 27.75 24.29 -1.93
C LYS A 51 26.25 24.27 -2.04
N GLU A 52 25.69 23.07 -2.10
CA GLU A 52 24.26 22.84 -2.07
C GLU A 52 24.02 22.23 -0.71
N VAL A 53 23.14 22.85 0.07
CA VAL A 53 22.93 22.48 1.45
C VAL A 53 21.45 22.21 1.73
N VAL A 54 21.20 21.08 2.37
CA VAL A 54 19.87 20.74 2.92
C VAL A 54 20.05 20.70 4.43
N LEU A 55 19.10 21.28 5.15
CA LEU A 55 19.15 21.35 6.59
C LEU A 55 18.12 20.42 7.18
N VAL A 56 18.56 19.58 8.08
CA VAL A 56 17.67 18.78 8.88
C VAL A 56 17.83 19.29 10.31
N SER A 57 16.86 20.00 10.81
CA SER A 57 17.06 20.59 12.13
C SER A 57 16.05 20.10 13.12
N SER A 58 16.55 19.79 14.31
CA SER A 58 15.75 19.45 15.46
C SER A 58 15.42 20.75 16.14
N GLY A 59 14.67 20.64 17.22
CA GLY A 59 14.26 21.81 17.95
C GLY A 59 12.76 22.01 17.94
N ALA A 60 12.04 21.30 17.07
CA ALA A 60 10.60 21.52 16.91
C ALA A 60 9.86 21.24 18.18
N ILE A 61 10.20 20.14 18.85
CA ILE A 61 9.50 19.75 20.03
C ILE A 61 9.78 20.71 21.17
N ALA A 62 11.04 21.12 21.31
CA ALA A 62 11.42 22.11 22.31
C ALA A 62 10.71 23.44 22.09
N GLU A 63 10.57 23.86 20.83
CA GLU A 63 9.90 25.13 20.53
C GLU A 63 8.40 24.98 20.84
N GLY A 64 7.85 23.82 20.48
CA GLY A 64 6.45 23.53 20.72
C GLY A 64 6.17 23.57 22.20
N MET A 65 7.05 22.93 22.97
CA MET A 65 6.94 22.92 24.41
C MET A 65 6.88 24.35 24.92
N GLN A 66 7.81 25.21 24.48
CA GLN A 66 7.83 26.58 24.96
C GLN A 66 6.54 27.31 24.61
N ARG A 67 6.08 27.13 23.38
CA ARG A 67 4.86 27.80 22.94
C ARG A 67 3.62 27.29 23.62
N LEU A 68 3.63 26.05 24.09
CA LEU A 68 2.50 25.49 24.81
C LEU A 68 2.63 25.64 26.33
N GLY A 69 3.75 26.19 26.82
CA GLY A 69 3.96 26.41 28.25
C GLY A 69 4.37 25.18 29.02
N TRP A 70 4.98 24.22 28.34
CA TRP A 70 5.40 22.96 28.97
C TRP A 70 6.87 23.02 29.35
N SER A 71 7.18 22.68 30.60
CA SER A 71 8.55 22.69 31.11
C SER A 71 9.22 21.35 30.97
N ARG A 72 8.41 20.29 30.90
CA ARG A 72 8.89 18.92 30.78
C ARG A 72 8.53 18.34 29.40
N ARG A 73 9.47 17.63 28.78
CA ARG A 73 9.19 16.88 27.56
C ARG A 73 8.09 15.86 27.83
N PRO A 74 7.02 15.88 27.03
CA PRO A 74 5.93 14.97 27.30
C PRO A 74 6.30 13.53 26.98
N ARG A 75 5.74 12.59 27.72
CA ARG A 75 6.01 11.17 27.52
C ARG A 75 5.00 10.58 26.51
N GLU A 76 3.77 11.10 26.50
CA GLU A 76 2.73 10.58 25.62
C GLU A 76 2.91 11.03 24.18
N ILE A 77 2.71 10.13 23.23
CA ILE A 77 3.07 10.49 21.83
C ILE A 77 2.21 11.58 21.28
N ASP A 78 0.93 11.60 21.66
CA ASP A 78 0.01 12.62 21.16
C ASP A 78 0.47 14.02 21.54
N GLU A 79 1.00 14.19 22.74
CA GLU A 79 1.47 15.47 23.15
C GLU A 79 2.77 15.80 22.48
N LEU A 80 3.59 14.79 22.22
CA LEU A 80 4.80 15.01 21.43
C LEU A 80 4.46 15.42 20.00
N GLN A 81 3.47 14.77 19.40
CA GLN A 81 3.03 15.12 18.04
C GLN A 81 2.52 16.55 17.98
N ALA A 82 1.76 16.95 19.00
CA ALA A 82 1.24 18.30 19.09
C ALA A 82 2.35 19.32 19.21
N ALA A 83 3.28 19.05 20.11
CA ALA A 83 4.43 19.95 20.30
C ALA A 83 5.23 20.09 19.01
N ALA A 84 5.41 18.98 18.29
CA ALA A 84 6.13 19.01 17.02
C ALA A 84 5.41 19.91 16.00
N ALA A 85 4.09 19.77 15.89
CA ALA A 85 3.35 20.56 14.92
C ALA A 85 3.34 22.03 15.29
N VAL A 86 3.24 22.32 16.59
CA VAL A 86 3.29 23.70 17.04
C VAL A 86 4.71 24.27 16.82
N GLY A 87 5.72 23.49 17.20
CA GLY A 87 7.10 23.96 17.17
C GLY A 87 7.72 24.09 15.80
N GLN A 88 7.33 23.22 14.87
CA GLN A 88 7.78 23.27 13.49
C GLN A 88 7.53 24.65 12.87
N MET A 89 6.39 25.28 13.16
CA MET A 89 6.08 26.64 12.66
C MET A 89 7.08 27.70 13.14
N GLY A 90 7.43 27.65 14.42
CA GLY A 90 8.39 28.59 14.99
C GLY A 90 9.81 28.35 14.51
N LEU A 91 10.23 27.08 14.51
CA LEU A 91 11.60 26.71 14.13
C LEU A 91 11.91 27.19 12.72
N ALA A 92 10.95 27.00 11.81
CA ALA A 92 11.10 27.39 10.43
C ALA A 92 11.12 28.90 10.27
N GLN A 93 10.17 29.59 10.91
CA GLN A 93 10.08 31.05 10.80
C GLN A 93 11.38 31.73 11.23
N VAL A 94 12.06 31.16 12.22
CA VAL A 94 13.34 31.68 12.67
C VAL A 94 14.37 31.48 11.57
N TYR A 95 14.45 30.25 11.06
CA TYR A 95 15.39 29.95 9.99
C TYR A 95 15.11 30.80 8.75
N GLU A 96 13.85 30.97 8.37
CA GLU A 96 13.50 31.77 7.20
C GLU A 96 14.01 33.22 7.38
N SER A 97 13.73 33.81 8.55
CA SER A 97 14.20 35.17 8.89
C SER A 97 15.70 35.33 8.79
N ARG A 98 16.44 34.46 9.46
CA ARG A 98 17.89 34.56 9.44
C ARG A 98 18.44 34.32 8.04
N PHE A 99 17.91 33.34 7.30
CA PHE A 99 18.35 33.11 5.92
C PHE A 99 17.98 34.28 4.98
N ALA A 100 16.80 34.86 5.17
CA ALA A 100 16.37 36.04 4.42
C ALA A 100 17.34 37.21 4.52
N GLU A 101 17.97 37.38 5.69
CA GLU A 101 18.97 38.44 5.86
C GLU A 101 20.15 38.29 4.90
N HIS A 102 20.41 37.06 4.46
CA HIS A 102 21.50 36.77 3.53
C HIS A 102 21.00 36.60 2.10
N GLY A 103 19.72 36.92 1.84
CA GLY A 103 19.14 36.74 0.51
C GLY A 103 18.84 35.31 0.10
N ILE A 104 18.70 34.41 1.07
CA ILE A 104 18.46 33.01 0.77
C ILE A 104 17.02 32.60 1.06
N ARG A 105 16.39 32.00 0.06
CA ARG A 105 15.06 31.37 0.19
CA ARG A 105 15.07 31.38 0.20
C ARG A 105 15.17 30.01 0.84
N THR A 106 14.17 29.67 1.64
CA THR A 106 14.07 28.39 2.27
C THR A 106 12.74 27.74 1.89
N ALA A 107 12.65 26.44 2.12
CA ALA A 107 11.43 25.74 1.89
C ALA A 107 11.26 24.73 3.02
N GLN A 108 10.02 24.44 3.38
CA GLN A 108 9.74 23.44 4.41
C GLN A 108 9.38 22.18 3.68
N ILE A 109 9.91 21.07 4.15
CA ILE A 109 9.62 19.76 3.60
C ILE A 109 9.35 18.83 4.76
N LEU A 110 8.28 18.04 4.68
CA LEU A 110 7.98 17.04 5.68
C LEU A 110 7.98 15.69 4.99
N LEU A 111 8.76 14.76 5.53
CA LEU A 111 8.92 13.44 4.95
C LEU A 111 8.76 12.40 6.03
N THR A 112 8.38 11.22 5.62
CA THR A 112 8.46 10.05 6.52
C THR A 112 9.23 8.94 5.81
N HIS A 113 9.79 8.02 6.59
CA HIS A 113 10.47 6.83 6.03
C HIS A 113 9.51 6.00 5.14
N ALA A 114 8.22 5.98 5.49
CA ALA A 114 7.22 5.29 4.68
C ALA A 114 7.13 5.90 3.28
N ASP A 115 7.01 7.23 3.20
CA ASP A 115 6.98 7.94 1.90
C ASP A 115 8.10 7.42 1.01
N LEU A 116 9.30 7.31 1.57
CA LEU A 116 10.48 6.98 0.80
C LEU A 116 10.56 5.52 0.41
N ALA A 117 9.68 4.67 0.96
CA ALA A 117 9.61 3.27 0.57
C ALA A 117 8.68 3.06 -0.62
N ASP A 118 7.82 4.03 -0.88
CA ASP A 118 6.91 4.01 -2.04
C ASP A 118 7.63 4.59 -3.23
N ARG A 119 7.64 3.86 -4.33
CA ARG A 119 8.38 4.25 -5.53
C ARG A 119 7.99 5.61 -6.10
N GLU A 120 6.70 5.92 -6.07
CA GLU A 120 6.21 7.18 -6.62
C GLU A 120 6.53 8.34 -5.70
N ARG A 121 6.34 8.15 -4.40
CA ARG A 121 6.57 9.22 -3.44
C ARG A 121 8.06 9.49 -3.28
N TYR A 122 8.88 8.45 -3.37
CA TYR A 122 10.34 8.58 -3.41
C TYR A 122 10.79 9.51 -4.53
N LEU A 123 10.30 9.23 -5.73
CA LEU A 123 10.66 10.04 -6.88
C LEU A 123 10.14 11.45 -6.75
N ASN A 124 8.90 11.60 -6.33
CA ASN A 124 8.29 12.91 -6.17
C ASN A 124 9.09 13.75 -5.19
N ALA A 125 9.54 13.15 -4.08
CA ALA A 125 10.31 13.88 -3.06
C ALA A 125 11.70 14.24 -3.58
N ARG A 126 12.33 13.27 -4.21
CA ARG A 126 13.66 13.47 -4.78
C ARG A 126 13.64 14.60 -5.79
N SER A 127 12.64 14.56 -6.65
CA SER A 127 12.50 15.54 -7.72
C SER A 127 12.23 16.96 -7.16
N THR A 128 11.36 17.05 -6.16
CA THR A 128 11.16 18.31 -5.42
C THR A 128 12.49 18.87 -4.88
N LEU A 129 13.23 18.05 -4.15
CA LEU A 129 14.46 18.49 -3.54
C LEU A 129 15.54 18.86 -4.53
N LEU A 130 15.70 18.09 -5.59
CA LEU A 130 16.73 18.40 -6.61
C LEU A 130 16.37 19.66 -7.35
N THR A 131 15.08 19.89 -7.58
CA THR A 131 14.66 21.11 -8.25
C THR A 131 14.89 22.30 -7.33
N LEU A 132 14.62 22.15 -6.04
CA LEU A 132 14.87 23.25 -5.10
C LEU A 132 16.36 23.59 -5.07
N LEU A 133 17.21 22.59 -5.04
CA LEU A 133 18.66 22.82 -5.03
C LEU A 133 19.15 23.55 -6.29
N ARG A 134 18.69 23.12 -7.45
CA ARG A 134 18.94 23.81 -8.72
C ARG A 134 18.55 25.27 -8.65
N LEU A 135 17.43 25.58 -8.00
CA LEU A 135 16.96 26.97 -7.88
C LEU A 135 17.63 27.76 -6.74
N GLY A 136 18.54 27.12 -6.01
CA GLY A 136 19.33 27.83 -5.00
C GLY A 136 18.58 28.01 -3.71
N VAL A 137 17.52 27.23 -3.50
CA VAL A 137 16.76 27.27 -2.27
C VAL A 137 17.40 26.32 -1.26
N VAL A 138 17.35 26.67 0.03
CA VAL A 138 17.79 25.75 1.10
C VAL A 138 16.58 25.01 1.68
N PRO A 139 16.42 23.71 1.34
CA PRO A 139 15.34 22.96 1.92
C PRO A 139 15.59 22.67 3.38
N ILE A 140 14.54 22.79 4.19
CA ILE A 140 14.61 22.48 5.61
C ILE A 140 13.66 21.32 5.78
N ILE A 141 14.20 20.19 6.21
CA ILE A 141 13.46 18.93 6.26
C ILE A 141 13.22 18.43 7.67
N ASN A 142 11.97 18.04 7.91
CA ASN A 142 11.57 17.40 9.16
C ASN A 142 10.69 16.20 8.93
N GLU A 143 10.59 15.35 9.95
CA GLU A 143 9.70 14.20 9.91
C GLU A 143 8.28 14.71 9.98
N ASN A 144 7.37 14.02 9.32
CA ASN A 144 5.94 14.30 9.47
C ASN A 144 5.38 13.50 10.60
N ASP A 145 5.56 14.05 11.79
CA ASP A 145 5.19 13.40 13.03
C ASP A 145 3.69 13.27 13.21
N THR A 146 2.90 14.03 12.44
CA THR A 146 1.47 13.91 12.50
C THR A 146 1.02 12.51 12.06
N VAL A 147 1.70 11.93 11.09
CA VAL A 147 1.26 10.66 10.51
C VAL A 147 2.12 9.44 10.85
N VAL A 148 3.40 9.64 11.18
CA VAL A 148 4.30 8.55 11.55
C VAL A 148 5.11 8.94 12.79
N THR A 149 5.06 8.10 13.82
CA THR A 149 5.64 8.42 15.13
C THR A 149 6.75 7.44 15.55
N ASP A 150 7.20 6.57 14.64
CA ASP A 150 8.26 5.58 14.90
C ASP A 150 9.59 6.22 15.38
N GLU A 151 9.89 7.43 14.89
CA GLU A 151 11.18 8.13 15.18
C GLU A 151 11.18 9.21 16.31
N ILE A 152 10.06 9.92 16.46
CA ILE A 152 9.93 10.90 17.56
C ILE A 152 10.00 10.17 18.91
N LYS A 153 9.40 8.99 18.96
CA LYS A 153 9.32 8.17 20.19
C LYS A 153 10.65 7.83 20.89
N ASP A 156 16.47 12.11 17.64
CA ASP A 156 16.78 13.52 17.33
C ASP A 156 17.19 13.66 15.86
N ASN A 157 16.40 13.04 14.97
CA ASN A 157 16.55 13.20 13.51
C ASN A 157 17.85 12.69 12.92
N ASP A 158 18.56 11.83 13.65
CA ASP A 158 19.77 11.24 13.11
C ASP A 158 19.43 10.33 11.95
N THR A 159 18.43 9.46 12.11
CA THR A 159 18.02 8.57 11.00
C THR A 159 17.51 9.40 9.80
N LEU A 160 16.76 10.45 10.08
CA LEU A 160 16.24 11.27 9.00
C LEU A 160 17.38 11.87 8.17
N GLY A 161 18.40 12.39 8.85
CA GLY A 161 19.57 12.95 8.16
C GLY A 161 20.15 11.99 7.14
N ALA A 162 20.31 10.74 7.57
CA ALA A 162 20.89 9.74 6.70
C ALA A 162 19.96 9.38 5.52
N LEU A 163 18.66 9.26 5.79
CA LEU A 163 17.71 9.06 4.69
C LEU A 163 17.71 10.21 3.70
N VAL A 164 17.84 11.45 4.19
CA VAL A 164 17.90 12.57 3.26
C VAL A 164 19.16 12.51 2.42
N ALA A 165 20.27 12.20 3.07
CA ALA A 165 21.53 12.03 2.33
C ALA A 165 21.36 10.99 1.20
N ASN A 166 20.73 9.86 1.51
CA ASN A 166 20.43 8.86 0.45
C ASN A 166 19.54 9.41 -0.66
N LEU A 167 18.46 10.04 -0.24
CA LEU A 167 17.48 10.60 -1.17
C LEU A 167 18.02 11.60 -2.20
N ILE A 168 18.94 12.47 -1.79
CA ILE A 168 19.46 13.51 -2.70
C ILE A 168 20.87 13.18 -3.20
N GLU A 169 21.37 12.00 -2.83
CA GLU A 169 22.75 11.62 -3.11
C GLU A 169 23.74 12.66 -2.64
N GLY A 170 23.69 12.96 -1.36
CA GLY A 170 24.60 13.91 -0.77
C GLY A 170 26.01 13.38 -0.80
N ASP A 171 26.95 14.30 -0.87
CA ASP A 171 28.36 13.95 -0.81
C ASP A 171 28.69 13.71 0.64
N ALA A 172 28.05 14.45 1.54
CA ALA A 172 28.35 14.30 2.96
C ALA A 172 27.22 14.68 3.88
N LEU A 173 27.11 13.93 4.98
CA LEU A 173 26.18 14.23 6.03
C LEU A 173 27.01 14.78 7.19
N ILE A 174 26.66 15.97 7.68
CA ILE A 174 27.32 16.54 8.83
C ILE A 174 26.38 16.58 10.02
N ILE A 175 26.74 15.83 11.06
CA ILE A 175 25.98 15.80 12.29
C ILE A 175 26.69 16.66 13.34
N LEU A 176 26.09 17.79 13.64
CA LEU A 176 26.61 18.68 14.65
C LEU A 176 25.95 18.39 15.97
N THR A 177 26.76 18.20 17.03
CA THR A 177 26.27 17.64 18.29
C THR A 177 26.91 18.37 19.47
N ASP A 178 26.63 17.89 20.68
CA ASP A 178 27.20 18.43 21.92
C ASP A 178 28.57 17.81 22.21
N GLN A 179 28.74 16.52 21.88
CA GLN A 179 30.01 15.79 22.07
C GLN A 179 31.03 16.08 20.96
N GLN A 180 32.31 15.84 21.25
CA GLN A 180 33.40 16.11 20.28
C GLN A 180 33.38 15.17 19.04
N GLY A 181 32.84 13.97 19.22
CA GLY A 181 32.83 12.94 18.17
C GLY A 181 32.71 11.58 18.82
N LEU A 182 33.19 10.54 18.13
CA LEU A 182 33.14 9.18 18.69
C LEU A 182 34.22 8.97 19.76
N LEU A 195 39.52 9.91 20.95
CA LEU A 195 38.67 10.35 19.83
C LEU A 195 39.18 9.82 18.51
N VAL A 196 38.31 9.16 17.75
CA VAL A 196 38.64 8.69 16.41
C VAL A 196 38.49 9.89 15.46
N ALA A 197 39.58 10.26 14.83
CA ALA A 197 39.59 11.36 13.86
C ALA A 197 39.05 10.88 12.51
N GLU A 198 39.35 9.62 12.17
CA GLU A 198 38.96 9.01 10.90
C GLU A 198 38.77 7.50 11.02
N ALA A 199 37.78 7.00 10.31
CA ALA A 199 37.46 5.56 10.25
C ALA A 199 36.56 5.29 9.06
N SER A 200 36.28 4.01 8.81
CA SER A 200 35.36 3.59 7.76
C SER A 200 33.96 3.56 8.28
N ALA A 201 33.09 4.28 7.60
CA ALA A 201 31.68 4.26 7.92
C ALA A 201 31.17 2.83 7.84
N GLY A 202 30.40 2.42 8.84
CA GLY A 202 29.79 1.09 8.83
C GLY A 202 30.62 -0.01 9.44
N ALA A 203 31.86 0.30 9.85
CA ALA A 203 32.69 -0.65 10.56
C ALA A 203 32.01 -1.03 11.89
N PRO A 204 31.75 -2.35 12.09
CA PRO A 204 31.07 -2.88 13.28
C PRO A 204 31.48 -2.28 14.64
N GLU A 205 32.78 -2.03 14.83
CA GLU A 205 33.33 -1.66 16.17
C GLU A 205 32.79 -0.41 16.91
N LEU A 206 32.20 0.52 16.18
CA LEU A 206 31.43 1.64 16.77
C LEU A 206 29.97 1.25 17.03
N MET A 222 27.57 8.98 19.99
CA MET A 222 26.25 8.34 20.15
C MET A 222 25.93 7.26 19.08
N LEU A 223 25.27 6.22 19.57
CA LEU A 223 25.04 5.02 18.77
C LEU A 223 24.18 5.31 17.55
N THR A 224 23.12 6.10 17.74
CA THR A 224 22.19 6.40 16.66
C THR A 224 22.91 7.23 15.58
N LYS A 225 23.92 8.01 15.98
CA LYS A 225 24.71 8.78 15.01
C LYS A 225 25.64 7.90 14.20
N ILE A 226 26.22 6.89 14.83
CA ILE A 226 27.05 5.94 14.10
C ILE A 226 26.21 5.10 13.13
N LEU A 227 25.05 4.67 13.59
CA LEU A 227 24.13 3.93 12.73
C LEU A 227 23.65 4.81 11.58
N ALA A 228 23.40 6.09 11.87
CA ALA A 228 23.16 7.05 10.78
C ALA A 228 24.30 7.18 9.76
N ALA A 229 25.55 7.17 10.24
CA ALA A 229 26.67 7.21 9.31
C ALA A 229 26.71 5.97 8.37
N LYS A 230 26.44 4.80 8.95
CA LYS A 230 26.34 3.58 8.16
C LYS A 230 25.25 3.63 7.10
N ARG A 231 24.06 4.08 7.49
CA ARG A 231 22.97 4.24 6.56
C ARG A 231 23.37 5.23 5.45
N ALA A 232 24.00 6.35 5.85
CA ALA A 232 24.38 7.35 4.83
C ALA A 232 25.37 6.81 3.83
N ALA A 233 26.31 5.98 4.31
CA ALA A 233 27.32 5.44 3.44
C ALA A 233 26.76 4.49 2.38
N HIS A 234 25.56 3.97 2.59
CA HIS A 234 24.94 3.13 1.61
C HIS A 234 24.71 3.83 0.26
N SER A 235 24.56 5.15 0.25
CA SER A 235 24.52 5.91 -1.02
C SER A 235 25.86 6.59 -1.34
N GLY A 236 26.92 6.21 -0.64
CA GLY A 236 28.23 6.81 -0.89
C GLY A 236 28.51 8.09 -0.11
N ALA A 237 27.63 8.46 0.80
CA ALA A 237 27.80 9.69 1.52
C ALA A 237 28.73 9.45 2.70
N ASN A 238 29.69 10.35 2.85
CA ASN A 238 30.55 10.36 3.99
C ASN A 238 29.85 11.07 5.12
N THR A 239 30.32 10.86 6.34
CA THR A 239 29.72 11.51 7.50
C THR A 239 30.76 12.18 8.38
N VAL A 240 30.42 13.34 8.90
CA VAL A 240 31.26 13.98 9.87
C VAL A 240 30.41 14.20 11.12
N ILE A 241 30.96 13.84 12.27
CA ILE A 241 30.30 14.05 13.53
C ILE A 241 31.18 15.02 14.32
N ALA A 242 30.69 16.21 14.59
CA ALA A 242 31.52 17.23 15.22
C ALA A 242 30.73 18.06 16.17
N SER A 243 31.43 18.65 17.15
CA SER A 243 30.79 19.47 18.13
C SER A 243 30.35 20.77 17.49
N GLY A 244 29.08 21.09 17.66
CA GLY A 244 28.55 22.35 17.21
C GLY A 244 29.04 23.51 18.08
N ARG A 245 29.63 23.22 19.24
CA ARG A 245 30.25 24.27 20.09
C ARG A 245 31.59 24.77 19.52
N GLU A 246 32.10 24.10 18.49
CA GLU A 246 33.32 24.57 17.82
C GLU A 246 33.01 25.80 16.99
N ARG A 247 33.77 26.87 17.21
CA ARG A 247 33.58 28.12 16.49
C ARG A 247 33.70 27.90 14.97
N ASP A 248 32.72 28.42 14.22
CA ASP A 248 32.71 28.36 12.75
C ASP A 248 32.92 26.98 12.18
N VAL A 249 32.37 25.98 12.83
CA VAL A 249 32.69 24.60 12.49
C VAL A 249 32.42 24.27 11.03
N LEU A 250 31.30 24.72 10.46
CA LEU A 250 30.97 24.40 9.07
C LEU A 250 31.95 25.06 8.08
N LEU A 251 32.31 26.31 8.31
CA LEU A 251 33.26 27.00 7.46
C LEU A 251 34.63 26.30 7.50
N ARG A 252 35.07 25.92 8.69
CA ARG A 252 36.40 25.33 8.88
C ARG A 252 36.49 23.95 8.22
N LEU A 253 35.44 23.16 8.33
CA LEU A 253 35.35 21.89 7.59
C LEU A 253 35.36 22.10 6.09
N ALA A 254 34.58 23.06 5.62
CA ALA A 254 34.56 23.42 4.19
C ALA A 254 35.91 23.95 3.70
N SER A 255 36.70 24.54 4.57
CA SER A 255 38.02 25.01 4.17
C SER A 255 39.07 23.86 4.12
N GLY A 256 38.70 22.69 4.64
CA GLY A 256 39.57 21.53 4.65
C GLY A 256 40.13 21.14 5.99
N GLU A 257 39.72 21.84 7.06
CA GLU A 257 40.18 21.51 8.42
C GLU A 257 39.32 20.42 9.04
N ALA A 258 39.94 19.28 9.38
CA ALA A 258 39.19 18.16 9.97
C ALA A 258 38.88 18.47 11.41
N ILE A 259 37.61 18.30 11.78
CA ILE A 259 37.15 18.53 13.13
C ILE A 259 36.21 17.41 13.52
N GLY A 260 36.39 16.88 14.72
CA GLY A 260 35.60 15.75 15.18
C GLY A 260 35.97 14.43 14.52
N THR A 261 34.95 13.65 14.18
CA THR A 261 35.17 12.33 13.60
C THR A 261 34.66 12.31 12.18
N GLN A 262 35.50 11.82 11.28
CA GLN A 262 35.16 11.70 9.87
C GLN A 262 35.03 10.22 9.51
N LEU A 263 33.87 9.82 8.99
CA LEU A 263 33.61 8.44 8.58
C LEU A 263 33.46 8.40 7.08
N ILE A 264 34.30 7.60 6.44
CA ILE A 264 34.37 7.53 4.97
C ILE A 264 33.58 6.33 4.48
N ALA A 265 32.71 6.57 3.51
CA ALA A 265 31.98 5.49 2.85
C ALA A 265 32.93 4.61 2.03
N ARG A 266 32.76 3.30 2.13
CA ARG A 266 33.58 2.33 1.37
C ARG A 266 33.38 2.49 -0.14
N THR A 267 32.16 2.81 -0.54
CA THR A 267 31.79 2.89 -1.96
C THR A 267 31.56 4.33 -2.38
N ALA A 268 31.89 4.64 -3.62
CA ALA A 268 31.67 5.98 -4.18
C ALA A 268 30.21 6.19 -4.59
N ARG A 269 29.86 7.47 -4.78
CA ARG A 269 28.47 7.89 -5.10
C ARG A 269 27.92 7.21 -6.37
N MET A 270 28.71 7.17 -7.44
CA MET A 270 28.23 6.58 -8.69
C MET A 270 28.09 5.05 -8.55
N ALA A 271 29.05 4.41 -7.89
CA ALA A 271 28.96 2.96 -7.65
C ALA A 271 27.78 2.59 -6.75
N ALA A 272 27.50 3.40 -5.75
CA ALA A 272 26.32 3.16 -4.91
C ALA A 272 25.03 3.38 -5.72
N ARG A 273 25.02 4.38 -6.59
CA ARG A 273 23.90 4.60 -7.49
C ARG A 273 23.67 3.39 -8.38
N LYS A 274 24.74 2.81 -8.90
CA LYS A 274 24.62 1.55 -9.73
C LYS A 274 24.05 0.36 -8.94
N GLN A 275 24.51 0.18 -7.69
CA GLN A 275 23.94 -0.83 -6.76
C GLN A 275 22.44 -0.54 -6.50
N TRP A 276 22.08 0.73 -6.32
CA TRP A 276 20.68 1.10 -6.03
C TRP A 276 19.78 0.80 -7.25
N MET A 277 20.23 1.19 -8.44
CA MET A 277 19.51 0.84 -9.69
C MET A 277 19.36 -0.69 -9.88
N ALA A 278 20.43 -1.46 -9.64
CA ALA A 278 20.35 -2.91 -9.74
C ALA A 278 19.39 -3.48 -8.69
N ASP A 279 19.44 -2.97 -7.47
CA ASP A 279 18.54 -3.40 -6.43
C ASP A 279 17.06 -3.21 -6.80
N HIS A 280 16.72 -2.12 -7.47
CA HIS A 280 15.32 -1.83 -7.81
C HIS A 280 14.91 -2.13 -9.25
N LEU A 281 15.83 -2.62 -10.08
CA LEU A 281 15.52 -2.92 -11.48
C LEU A 281 14.36 -3.92 -11.63
N GLN A 282 13.41 -3.61 -12.52
CA GLN A 282 12.40 -4.57 -12.96
C GLN A 282 12.59 -4.75 -14.46
N VAL A 283 12.19 -5.90 -14.95
CA VAL A 283 12.41 -6.26 -16.33
C VAL A 283 11.09 -6.62 -17.01
N ARG A 284 9.98 -6.20 -16.41
CA ARG A 284 8.66 -6.35 -17.04
C ARG A 284 8.50 -5.41 -18.24
N GLY A 285 9.27 -4.33 -18.27
CA GLY A 285 9.27 -3.42 -19.41
C GLY A 285 10.56 -2.65 -19.56
N HIS A 286 10.77 -2.08 -20.75
CA HIS A 286 11.95 -1.27 -21.04
C HIS A 286 11.70 -0.35 -22.22
N VAL A 287 12.70 0.45 -22.55
CA VAL A 287 12.63 1.31 -23.73
C VAL A 287 13.81 1.03 -24.64
N VAL A 288 13.57 1.16 -25.94
CA VAL A 288 14.63 1.15 -26.94
C VAL A 288 14.87 2.62 -27.35
N ILE A 289 16.14 3.00 -27.39
CA ILE A 289 16.51 4.38 -27.63
C ILE A 289 17.43 4.45 -28.84
N ASP A 290 17.39 5.56 -29.56
CA ASP A 290 18.23 5.72 -30.77
C ASP A 290 19.66 6.15 -30.45
N ALA A 291 20.52 6.06 -31.47
CA ALA A 291 21.95 6.37 -31.34
C ALA A 291 22.21 7.77 -30.82
N GLY A 292 21.44 8.74 -31.30
CA GLY A 292 21.55 10.10 -30.80
C GLY A 292 21.32 10.16 -29.31
N ALA A 293 20.33 9.43 -28.82
CA ALA A 293 20.05 9.38 -27.37
C ALA A 293 21.14 8.63 -26.61
N VAL A 294 21.62 7.54 -27.19
CA VAL A 294 22.73 6.77 -26.60
C VAL A 294 23.95 7.67 -26.44
N ASP A 295 24.30 8.45 -27.46
CA ASP A 295 25.46 9.33 -27.39
C ASP A 295 25.30 10.42 -26.33
N LYS A 296 24.14 11.08 -26.32
CA LYS A 296 23.85 12.11 -25.31
C LYS A 296 23.98 11.55 -23.91
N LEU A 297 23.54 10.32 -23.72
CA LEU A 297 23.63 9.68 -22.44
C LEU A 297 25.04 9.25 -22.04
N THR A 298 25.75 8.59 -22.95
CA THR A 298 27.10 8.08 -22.70
C THR A 298 28.17 9.19 -22.68
N ALA A 299 28.15 10.08 -23.67
CA ALA A 299 29.16 11.12 -23.80
C ALA A 299 28.72 12.41 -23.11
N GLY A 300 27.52 12.89 -23.45
CA GLY A 300 27.06 14.21 -23.01
C GLY A 300 26.62 14.39 -21.55
N GLY A 301 26.60 13.33 -20.75
CA GLY A 301 26.11 13.40 -19.36
C GLY A 301 24.68 13.95 -19.25
N LYS A 302 23.83 13.63 -20.23
CA LYS A 302 22.51 14.24 -20.32
C LYS A 302 21.39 13.28 -19.89
N SER A 303 20.18 13.83 -19.85
CA SER A 303 18.98 13.07 -19.54
C SER A 303 18.46 12.33 -20.75
N LEU A 304 17.58 11.35 -20.54
CA LEU A 304 16.88 10.70 -21.63
C LEU A 304 15.55 11.43 -21.80
N LEU A 305 15.35 11.98 -22.99
CA LEU A 305 14.14 12.68 -23.32
C LEU A 305 13.25 11.79 -24.16
N PRO A 306 11.94 12.06 -24.12
CA PRO A 306 10.97 11.26 -24.88
C PRO A 306 11.31 11.17 -26.36
N ILE A 307 11.87 12.24 -26.91
CA ILE A 307 12.22 12.32 -28.32
C ILE A 307 13.23 11.26 -28.76
N GLY A 308 14.06 10.81 -27.81
CA GLY A 308 15.05 9.75 -28.11
C GLY A 308 14.53 8.32 -28.02
N VAL A 309 13.28 8.14 -27.64
CA VAL A 309 12.70 6.80 -27.45
C VAL A 309 12.15 6.30 -28.78
N VAL A 310 12.65 5.16 -29.23
CA VAL A 310 12.22 4.56 -30.47
C VAL A 310 11.04 3.63 -30.24
N ALA A 311 11.08 2.89 -29.13
CA ALA A 311 9.96 2.00 -28.78
C ALA A 311 9.85 1.71 -27.29
N VAL A 312 8.64 1.32 -26.90
CA VAL A 312 8.31 1.01 -25.53
C VAL A 312 7.81 -0.42 -25.52
N GLN A 313 8.47 -1.26 -24.74
CA GLN A 313 8.19 -2.70 -24.67
C GLN A 313 7.73 -3.05 -23.27
N GLY A 314 6.68 -3.86 -23.17
CA GLY A 314 6.19 -4.32 -21.88
C GLY A 314 5.50 -3.24 -21.08
N VAL A 315 5.62 -3.33 -19.74
CA VAL A 315 4.89 -2.44 -18.85
C VAL A 315 5.79 -1.91 -17.74
N PHE A 316 5.59 -0.64 -17.39
CA PHE A 316 6.25 -0.04 -16.24
C PHE A 316 5.51 1.20 -15.79
N ALA A 317 5.79 1.61 -14.56
CA ALA A 317 5.06 2.68 -13.91
C ALA A 317 6.05 3.73 -13.45
N ARG A 318 5.56 4.94 -13.20
CA ARG A 318 6.39 6.02 -12.70
C ARG A 318 7.11 5.59 -11.44
N GLY A 319 8.41 5.85 -11.38
CA GLY A 319 9.20 5.53 -10.22
C GLY A 319 9.87 4.17 -10.25
N GLU A 320 9.55 3.35 -11.23
CA GLU A 320 10.25 2.10 -11.40
C GLU A 320 11.55 2.32 -12.15
N VAL A 321 12.48 1.39 -11.94
CA VAL A 321 13.77 1.40 -12.63
C VAL A 321 13.69 0.50 -13.86
N ILE A 322 14.01 1.07 -15.04
CA ILE A 322 13.91 0.36 -16.32
C ILE A 322 15.22 0.41 -17.09
N ALA A 323 15.44 -0.59 -17.93
CA ALA A 323 16.58 -0.65 -18.83
C ALA A 323 16.32 0.21 -20.07
N CYS A 324 17.38 0.85 -20.54
CA CYS A 324 17.37 1.56 -21.81
C CYS A 324 18.22 0.74 -22.76
N VAL A 325 17.59 0.27 -23.83
CA VAL A 325 18.25 -0.64 -24.75
C VAL A 325 18.49 0.05 -26.09
N ASN A 326 19.61 -0.26 -26.73
CA ASN A 326 19.97 0.30 -28.00
C ASN A 326 19.37 -0.56 -29.13
N ASP A 327 19.57 -0.10 -30.36
CA ASP A 327 19.03 -0.77 -31.56
C ASP A 327 19.50 -2.23 -31.70
N ALA A 328 20.71 -2.49 -31.26
CA ALA A 328 21.30 -3.83 -31.25
C ALA A 328 20.78 -4.74 -30.12
N GLY A 329 19.89 -4.23 -29.28
CA GLY A 329 19.36 -5.01 -28.15
C GLY A 329 20.26 -5.03 -26.91
N ARG A 330 21.33 -4.24 -26.88
CA ARG A 330 22.22 -4.17 -25.72
C ARG A 330 21.69 -3.13 -24.72
N GLU A 331 21.63 -3.48 -23.43
CA GLU A 331 21.31 -2.48 -22.39
C GLU A 331 22.48 -1.51 -22.31
N VAL A 332 22.19 -0.22 -22.46
CA VAL A 332 23.22 0.83 -22.35
C VAL A 332 23.08 1.70 -21.09
N ALA A 333 21.87 1.77 -20.53
CA ALA A 333 21.64 2.50 -19.30
C ALA A 333 20.42 1.97 -18.57
N ARG A 334 20.26 2.42 -17.33
CA ARG A 334 19.08 2.05 -16.55
C ARG A 334 18.81 3.20 -15.58
N GLY A 335 17.53 3.45 -15.32
CA GLY A 335 17.14 4.59 -14.49
C GLY A 335 15.68 4.63 -14.13
N ILE A 336 15.36 5.62 -13.31
CA ILE A 336 14.01 5.78 -12.82
C ILE A 336 13.19 6.48 -13.86
N THR A 337 12.10 5.84 -14.32
CA THR A 337 11.18 6.49 -15.28
C THR A 337 10.16 7.45 -14.62
N ASN A 338 9.99 8.60 -15.25
CA ASN A 338 9.04 9.60 -14.81
C ASN A 338 7.63 9.30 -15.27
N TYR A 339 7.52 8.45 -16.28
CA TYR A 339 6.26 8.18 -16.96
C TYR A 339 5.99 6.69 -17.01
N SER A 340 4.71 6.32 -17.06
CA SER A 340 4.30 4.91 -17.29
C SER A 340 4.60 4.50 -18.74
N SER A 341 4.57 3.20 -19.01
CA SER A 341 4.77 2.69 -20.39
C SER A 341 3.71 3.17 -21.38
N ALA A 342 2.46 3.25 -20.93
CA ALA A 342 1.38 3.78 -21.77
C ALA A 342 1.58 5.27 -22.10
N GLU A 343 1.91 6.06 -21.09
CA GLU A 343 2.26 7.48 -21.29
C GLU A 343 3.45 7.66 -22.20
N ALA A 344 4.48 6.86 -21.98
CA ALA A 344 5.69 6.88 -22.83
C ALA A 344 5.35 6.54 -24.28
N LYS A 345 4.44 5.58 -24.48
CA LYS A 345 3.96 5.25 -25.83
C LYS A 345 3.34 6.46 -26.51
N LEU A 346 2.64 7.27 -25.75
CA LEU A 346 1.96 8.43 -26.32
C LEU A 346 2.88 9.55 -26.69
N ILE A 347 3.97 9.69 -25.95
CA ILE A 347 4.86 10.85 -26.09
C ILE A 347 6.19 10.52 -26.71
N GLN A 348 6.42 9.25 -27.04
CA GLN A 348 7.68 8.89 -27.68
C GLN A 348 7.87 9.66 -28.99
N ARG A 349 9.11 10.07 -29.26
CA ARG A 349 9.45 10.85 -30.46
C ARG A 349 8.93 12.29 -30.47
N LYS A 350 8.38 12.76 -29.37
CA LYS A 350 7.84 14.11 -29.31
C LYS A 350 8.72 15.05 -28.46
N PRO A 351 8.86 16.33 -28.88
CA PRO A 351 9.58 17.29 -28.04
C PRO A 351 8.81 17.54 -26.76
N SER A 352 9.51 17.97 -25.71
CA SER A 352 8.90 18.12 -24.40
C SER A 352 7.75 19.12 -24.35
N GLY A 353 7.84 20.19 -25.14
CA GLY A 353 6.77 21.16 -25.22
C GLY A 353 5.47 20.64 -25.82
N GLU A 354 5.50 19.44 -26.42
CA GLU A 354 4.29 18.82 -26.96
C GLU A 354 3.65 17.79 -26.02
N ILE A 355 4.32 17.44 -24.93
CA ILE A 355 3.77 16.43 -23.99
C ILE A 355 2.42 16.81 -23.41
N GLU A 356 2.25 18.08 -23.03
CA GLU A 356 1.02 18.55 -22.41
C GLU A 356 -0.21 18.40 -23.31
N ALA A 357 -0.08 18.75 -24.58
CA ALA A 357 -1.14 18.57 -25.56
C ALA A 357 -1.52 17.11 -25.76
N VAL A 358 -0.51 16.23 -25.80
CA VAL A 358 -0.76 14.82 -26.06
C VAL A 358 -1.45 14.13 -24.88
N LEU A 359 -0.96 14.39 -23.66
CA LEU A 359 -1.48 13.71 -22.48
C LEU A 359 -2.65 14.42 -21.81
N GLY A 360 -2.75 15.74 -21.98
CA GLY A 360 -3.66 16.56 -21.19
C GLY A 360 -3.02 17.13 -19.92
N TYR A 361 -1.76 16.78 -19.68
CA TYR A 361 -1.00 17.25 -18.52
C TYR A 361 0.46 16.94 -18.81
N MET A 362 1.37 17.44 -17.99
CA MET A 362 2.72 16.92 -18.05
C MET A 362 3.29 16.75 -16.68
N LEU A 363 4.28 15.88 -16.61
CA LEU A 363 5.04 15.68 -15.42
C LEU A 363 6.35 16.45 -15.59
N GLU A 364 7.50 15.78 -15.62
CA GLU A 364 8.80 16.40 -15.95
C GLU A 364 9.03 16.37 -17.45
N PRO A 365 9.93 17.22 -17.97
CA PRO A 365 10.25 17.13 -19.41
C PRO A 365 11.07 15.87 -19.80
N GLU A 366 11.80 15.32 -18.85
CA GLU A 366 12.63 14.16 -19.12
C GLU A 366 11.83 12.89 -18.96
N LEU A 367 12.18 11.85 -19.72
CA LEU A 367 11.66 10.53 -19.40
C LEU A 367 12.45 9.96 -18.22
N ILE A 368 13.78 10.05 -18.29
CA ILE A 368 14.65 9.63 -17.18
C ILE A 368 15.65 10.76 -16.98
N HIS A 369 15.61 11.39 -15.80
CA HIS A 369 16.57 12.46 -15.50
C HIS A 369 17.96 11.89 -15.36
N ARG A 370 18.95 12.65 -15.80
CA ARG A 370 20.37 12.29 -15.67
C ARG A 370 20.80 11.89 -14.26
N ASP A 371 20.15 12.47 -13.24
CA ASP A 371 20.52 12.20 -11.87
C ASP A 371 19.96 10.86 -11.44
N ASN A 372 19.03 10.32 -12.22
CA ASN A 372 18.32 9.09 -11.89
C ASN A 372 18.65 7.94 -12.85
N LEU A 373 19.81 8.00 -13.46
CA LEU A 373 20.25 6.90 -14.32
C LEU A 373 21.73 6.60 -14.16
N VAL A 374 22.09 5.38 -14.54
CA VAL A 374 23.48 4.97 -14.65
C VAL A 374 23.69 4.34 -16.02
N LEU A 375 24.94 4.40 -16.47
CA LEU A 375 25.39 3.67 -17.65
C LEU A 375 25.58 2.18 -17.38
N VAL A 376 25.25 1.40 -18.42
CA VAL A 376 25.39 -0.05 -18.57
C VAL A 376 24.60 -0.93 -17.61
N MET B 5 -43.38 -19.04 4.83
CA MET B 5 -42.26 -18.18 4.38
C MET B 5 -41.53 -18.75 3.15
N ARG B 6 -41.41 -17.92 2.13
CA ARG B 6 -40.71 -18.27 0.91
C ARG B 6 -39.22 -17.90 1.01
N SER B 7 -38.35 -18.77 0.51
CA SER B 7 -36.91 -18.45 0.48
C SER B 7 -36.65 -17.44 -0.63
N ILE B 8 -35.91 -16.40 -0.27
CA ILE B 8 -35.41 -15.40 -1.21
C ILE B 8 -34.52 -16.01 -2.30
N ILE B 9 -34.00 -17.21 -2.06
CA ILE B 9 -33.16 -17.87 -3.06
C ILE B 9 -33.94 -18.20 -4.32
N ALA B 10 -35.26 -18.44 -4.19
CA ALA B 10 -36.10 -18.75 -5.35
C ALA B 10 -36.10 -17.62 -6.38
N ASP B 11 -35.97 -16.38 -5.92
CA ASP B 11 -35.90 -15.20 -6.79
C ASP B 11 -34.48 -14.61 -6.95
N SER B 12 -33.44 -15.40 -6.70
CA SER B 12 -32.05 -14.92 -6.78
C SER B 12 -31.35 -15.65 -7.92
N LYS B 13 -30.87 -14.89 -8.90
CA LYS B 13 -30.22 -15.50 -10.05
C LYS B 13 -28.71 -15.81 -9.81
N ARG B 14 -28.00 -14.92 -9.12
CA ARG B 14 -26.55 -15.03 -8.97
C ARG B 14 -26.21 -15.29 -7.50
N LEU B 15 -25.65 -16.47 -7.25
CA LEU B 15 -25.45 -16.95 -5.90
C LEU B 15 -23.97 -17.17 -5.60
N VAL B 16 -23.54 -16.74 -4.43
CA VAL B 16 -22.27 -17.18 -3.86
C VAL B 16 -22.59 -18.24 -2.79
N VAL B 17 -22.07 -19.45 -2.98
CA VAL B 17 -22.30 -20.56 -2.08
C VAL B 17 -21.00 -20.84 -1.34
N LYS B 18 -21.06 -20.69 -0.02
CA LYS B 18 -19.93 -20.92 0.84
C LYS B 18 -20.14 -22.18 1.68
N VAL B 19 -19.24 -23.15 1.53
CA VAL B 19 -19.35 -24.46 2.19
C VAL B 19 -18.23 -24.60 3.25
N GLY B 20 -18.61 -24.81 4.49
CA GLY B 20 -17.64 -24.91 5.59
C GLY B 20 -16.75 -26.15 5.48
N SER B 21 -15.57 -26.07 6.09
CA SER B 21 -14.62 -27.20 6.17
C SER B 21 -15.23 -28.47 6.69
N SER B 22 -15.91 -28.38 7.83
CA SER B 22 -16.51 -29.56 8.47
CA SER B 22 -16.49 -29.57 8.48
C SER B 22 -17.40 -30.34 7.52
N LEU B 23 -18.05 -29.64 6.61
CA LEU B 23 -18.98 -30.28 5.68
C LEU B 23 -18.26 -31.07 4.59
N VAL B 24 -17.06 -30.63 4.24
CA VAL B 24 -16.36 -31.15 3.06
C VAL B 24 -15.22 -32.11 3.41
N THR B 25 -14.84 -32.10 4.68
CA THR B 25 -13.75 -32.94 5.17
C THR B 25 -14.26 -33.98 6.19
N ASN B 26 -13.62 -35.16 6.18
CA ASN B 26 -13.87 -36.24 7.14
C ASN B 26 -12.76 -36.14 8.17
N ASP B 27 -13.03 -35.48 9.30
CA ASP B 27 -11.98 -35.04 10.25
C ASP B 27 -10.80 -36.01 10.38
N GLY B 28 -9.64 -35.60 9.86
CA GLY B 28 -8.41 -36.40 9.93
C GLY B 28 -8.16 -37.42 8.82
N ARG B 29 -9.12 -37.57 7.92
CA ARG B 29 -8.97 -38.49 6.78
C ARG B 29 -9.19 -37.77 5.44
N GLY B 30 -8.80 -36.50 5.34
CA GLY B 30 -8.83 -35.83 4.03
C GLY B 30 -10.23 -35.36 3.63
N LEU B 31 -10.56 -35.50 2.34
CA LEU B 31 -11.83 -34.99 1.82
C LEU B 31 -12.90 -36.06 1.79
N ASP B 32 -14.15 -35.64 2.06
CA ASP B 32 -15.32 -36.49 1.89
C ASP B 32 -15.80 -36.36 0.44
N HIS B 33 -15.31 -37.24 -0.43
CA HIS B 33 -15.63 -37.15 -1.86
C HIS B 33 -17.12 -37.28 -2.18
N ASP B 34 -17.85 -38.04 -1.37
CA ASP B 34 -19.28 -38.25 -1.59
C ASP B 34 -20.06 -37.00 -1.29
N ALA B 35 -19.69 -36.31 -0.22
CA ALA B 35 -20.35 -35.06 0.14
C ALA B 35 -20.11 -33.98 -0.90
N ILE B 36 -18.92 -33.96 -1.46
CA ILE B 36 -18.59 -33.00 -2.52
C ILE B 36 -19.44 -33.30 -3.76
N GLY B 37 -19.60 -34.58 -4.06
CA GLY B 37 -20.44 -34.98 -5.19
C GLY B 37 -21.87 -34.53 -5.03
N ARG B 38 -22.39 -34.63 -3.80
CA ARG B 38 -23.73 -34.11 -3.53
C ARG B 38 -23.81 -32.59 -3.73
N TRP B 39 -22.82 -31.84 -3.27
CA TRP B 39 -22.82 -30.38 -3.49
C TRP B 39 -22.73 -30.06 -4.97
N ALA B 40 -21.86 -30.78 -5.65
CA ALA B 40 -21.71 -30.60 -7.08
C ALA B 40 -23.01 -30.89 -7.83
N ALA B 41 -23.70 -31.94 -7.42
CA ALA B 41 -24.98 -32.31 -8.04
C ALA B 41 -26.03 -31.21 -7.80
N GLN B 42 -26.07 -30.69 -6.58
CA GLN B 42 -27.00 -29.60 -6.26
C GLN B 42 -26.71 -28.34 -7.04
N ILE B 43 -25.43 -27.96 -7.06
CA ILE B 43 -25.05 -26.77 -7.78
C ILE B 43 -25.31 -26.93 -9.29
N ALA B 44 -25.04 -28.12 -9.81
CA ALA B 44 -25.38 -28.43 -11.21
C ALA B 44 -26.86 -28.25 -11.51
N ALA B 45 -27.72 -28.70 -10.60
CA ALA B 45 -29.15 -28.54 -10.80
C ALA B 45 -29.57 -27.07 -10.76
N LEU B 46 -28.91 -26.26 -9.92
CA LEU B 46 -29.17 -24.82 -9.90
C LEU B 46 -28.73 -24.18 -11.20
N ARG B 47 -27.55 -24.58 -11.66
CA ARG B 47 -26.99 -24.11 -12.91
C ARG B 47 -27.89 -24.40 -14.11
N ASN B 48 -28.59 -25.54 -14.07
CA ASN B 48 -29.52 -25.95 -15.13
C ASN B 48 -30.89 -25.29 -15.02
N GLU B 49 -31.21 -24.72 -13.88
CA GLU B 49 -32.39 -23.86 -13.75
C GLU B 49 -32.09 -22.43 -14.21
N GLY B 50 -30.84 -22.14 -14.53
CA GLY B 50 -30.44 -20.80 -14.96
C GLY B 50 -29.70 -19.95 -13.93
N LYS B 51 -29.42 -20.49 -12.73
CA LYS B 51 -28.67 -19.74 -11.72
C LYS B 51 -27.23 -19.63 -12.14
N GLU B 52 -26.59 -18.56 -11.69
CA GLU B 52 -25.15 -18.35 -11.82
C GLU B 52 -24.60 -18.55 -10.41
N VAL B 53 -23.62 -19.43 -10.28
CA VAL B 53 -23.12 -19.85 -8.99
C VAL B 53 -21.61 -19.73 -8.94
N VAL B 54 -21.14 -19.11 -7.86
CA VAL B 54 -19.73 -19.08 -7.51
C VAL B 54 -19.60 -19.84 -6.20
N LEU B 55 -18.60 -20.70 -6.11
CA LEU B 55 -18.36 -21.53 -4.97
C LEU B 55 -17.14 -21.03 -4.18
N VAL B 56 -17.34 -20.79 -2.88
CA VAL B 56 -16.24 -20.53 -1.97
C VAL B 56 -16.15 -21.72 -1.00
N SER B 57 -15.19 -22.60 -1.19
CA SER B 57 -15.13 -23.89 -0.46
C SER B 57 -13.83 -24.01 0.29
N SER B 58 -13.92 -24.50 1.52
CA SER B 58 -12.78 -24.81 2.34
C SER B 58 -12.34 -26.28 2.03
N GLY B 59 -11.34 -26.77 2.73
CA GLY B 59 -10.91 -28.20 2.61
C GLY B 59 -9.49 -28.41 2.10
N ALA B 60 -8.84 -27.33 1.66
CA ALA B 60 -7.50 -27.42 1.13
C ALA B 60 -6.47 -27.91 2.13
N ILE B 61 -6.57 -27.44 3.36
CA ILE B 61 -5.62 -27.82 4.37
C ILE B 61 -5.75 -29.31 4.75
N ALA B 62 -6.98 -29.78 4.88
CA ALA B 62 -7.27 -31.17 5.21
C ALA B 62 -6.78 -32.09 4.13
N GLU B 63 -6.94 -31.69 2.89
CA GLU B 63 -6.45 -32.49 1.77
C GLU B 63 -4.92 -32.46 1.75
N GLY B 64 -4.34 -31.30 2.03
CA GLY B 64 -2.90 -31.16 2.09
C GLY B 64 -2.30 -32.03 3.17
N MET B 65 -2.94 -32.01 4.34
CA MET B 65 -2.54 -32.86 5.44
C MET B 65 -2.50 -34.31 5.00
N GLN B 66 -3.58 -34.78 4.37
CA GLN B 66 -3.65 -36.18 3.94
C GLN B 66 -2.51 -36.50 2.97
N ARG B 67 -2.29 -35.61 2.01
CA ARG B 67 -1.27 -35.84 1.00
C ARG B 67 0.13 -35.77 1.56
N LEU B 68 0.34 -35.03 2.64
CA LEU B 68 1.66 -34.97 3.29
C LEU B 68 1.88 -36.02 4.40
N GLY B 69 0.86 -36.82 4.71
CA GLY B 69 0.95 -37.78 5.80
C GLY B 69 0.87 -37.18 7.21
N TRP B 70 0.16 -36.06 7.37
CA TRP B 70 -0.07 -35.45 8.68
C TRP B 70 -1.45 -35.84 9.22
N SER B 71 -1.47 -36.36 10.44
CA SER B 71 -2.72 -36.76 11.10
C SER B 71 -3.36 -35.59 11.89
N ARG B 72 -2.55 -34.61 12.29
CA ARG B 72 -3.02 -33.50 13.11
C ARG B 72 -2.79 -32.17 12.38
N ARG B 73 -3.77 -31.28 12.49
CA ARG B 73 -3.68 -29.95 11.91
C ARG B 73 -2.49 -29.20 12.49
N PRO B 74 -1.60 -28.71 11.63
CA PRO B 74 -0.38 -28.14 12.17
C PRO B 74 -0.71 -26.81 12.86
N ARG B 75 0.09 -26.49 13.87
CA ARG B 75 -0.04 -25.24 14.62
C ARG B 75 0.79 -24.12 13.98
N GLU B 76 1.94 -24.46 13.40
CA GLU B 76 2.82 -23.48 12.79
C GLU B 76 2.28 -22.99 11.47
N ILE B 77 2.34 -21.69 11.25
CA ILE B 77 1.72 -21.08 10.07
C ILE B 77 2.31 -21.56 8.72
N ASP B 78 3.61 -21.76 8.70
CA ASP B 78 4.29 -22.19 7.48
C ASP B 78 3.83 -23.59 7.06
N GLU B 79 3.59 -24.47 8.03
CA GLU B 79 3.11 -25.83 7.69
C GLU B 79 1.69 -25.76 7.25
N LEU B 80 0.92 -24.84 7.82
CA LEU B 80 -0.44 -24.61 7.30
C LEU B 80 -0.44 -24.09 5.87
N GLN B 81 0.44 -23.15 5.57
CA GLN B 81 0.55 -22.63 4.22
C GLN B 81 0.97 -23.70 3.22
N ALA B 82 1.92 -24.53 3.61
CA ALA B 82 2.33 -25.66 2.78
C ALA B 82 1.18 -26.63 2.51
N ALA B 83 0.49 -27.03 3.56
CA ALA B 83 -0.66 -27.94 3.41
C ALA B 83 -1.69 -27.33 2.48
N ALA B 84 -1.92 -26.01 2.60
CA ALA B 84 -2.89 -25.36 1.72
C ALA B 84 -2.47 -25.44 0.25
N ALA B 85 -1.19 -25.22 -0.01
CA ALA B 85 -0.69 -25.25 -1.40
C ALA B 85 -0.72 -26.66 -1.98
N VAL B 86 -0.45 -27.63 -1.13
CA VAL B 86 -0.55 -29.05 -1.55
C VAL B 86 -2.01 -29.44 -1.76
N GLY B 87 -2.88 -29.05 -0.82
CA GLY B 87 -4.30 -29.46 -0.85
C GLY B 87 -5.22 -28.81 -1.89
N GLN B 88 -4.91 -27.56 -2.22
CA GLN B 88 -5.69 -26.79 -3.24
C GLN B 88 -5.85 -27.56 -4.57
N MET B 89 -4.79 -28.23 -5.01
CA MET B 89 -4.86 -29.02 -6.25
C MET B 89 -5.89 -30.16 -6.17
N GLY B 90 -5.90 -30.86 -5.04
CA GLY B 90 -6.79 -32.00 -4.87
C GLY B 90 -8.23 -31.58 -4.73
N LEU B 91 -8.46 -30.55 -3.93
CA LEU B 91 -9.82 -30.06 -3.67
C LEU B 91 -10.55 -29.66 -4.96
N ALA B 92 -9.80 -28.98 -5.83
CA ALA B 92 -10.33 -28.54 -7.11
C ALA B 92 -10.58 -29.72 -8.06
N GLN B 93 -9.61 -30.62 -8.16
CA GLN B 93 -9.72 -31.78 -9.04
C GLN B 93 -10.97 -32.62 -8.74
N VAL B 94 -11.33 -32.71 -7.46
CA VAL B 94 -12.53 -33.45 -7.06
C VAL B 94 -13.75 -32.73 -7.56
N TYR B 95 -13.79 -31.43 -7.30
CA TYR B 95 -14.90 -30.63 -7.77
C TYR B 95 -15.01 -30.69 -9.30
N GLU B 96 -13.90 -30.59 -10.01
CA GLU B 96 -13.92 -30.64 -11.47
C GLU B 96 -14.54 -31.95 -11.96
N SER B 97 -14.07 -33.06 -11.41
CA SER B 97 -14.59 -34.40 -11.76
C SER B 97 -16.10 -34.52 -11.55
N ARG B 98 -16.57 -34.16 -10.35
CA ARG B 98 -17.98 -34.30 -10.06
C ARG B 98 -18.80 -33.33 -10.93
N PHE B 99 -18.32 -32.10 -11.13
CA PHE B 99 -19.01 -31.15 -12.04
C PHE B 99 -18.98 -31.60 -13.51
N ALA B 100 -17.87 -32.20 -13.94
CA ALA B 100 -17.75 -32.76 -15.32
C ALA B 100 -18.81 -33.80 -15.63
N GLU B 101 -19.18 -34.60 -14.63
CA GLU B 101 -20.25 -35.59 -14.81
C GLU B 101 -21.57 -34.97 -15.21
N HIS B 102 -21.76 -33.69 -14.87
CA HIS B 102 -22.97 -32.96 -15.22
C HIS B 102 -22.77 -32.01 -16.41
N GLY B 103 -21.63 -32.12 -17.10
CA GLY B 103 -21.30 -31.22 -18.21
C GLY B 103 -20.90 -29.78 -17.84
N ILE B 104 -20.45 -29.57 -16.60
CA ILE B 104 -20.10 -28.22 -16.13
C ILE B 104 -18.60 -28.03 -16.01
N ARG B 105 -18.10 -26.96 -16.62
CA ARG B 105 -16.72 -26.52 -16.45
C ARG B 105 -16.55 -25.75 -15.14
N THR B 106 -15.37 -25.89 -14.52
CA THR B 106 -15.01 -25.13 -13.34
C THR B 106 -13.71 -24.39 -13.55
N ALA B 107 -13.43 -23.43 -12.67
CA ALA B 107 -12.20 -22.70 -12.71
C ALA B 107 -11.72 -22.47 -11.29
N GLN B 108 -10.40 -22.45 -11.09
CA GLN B 108 -9.84 -22.13 -9.78
C GLN B 108 -9.45 -20.67 -9.77
N ILE B 109 -9.75 -19.99 -8.68
CA ILE B 109 -9.41 -18.59 -8.48
C ILE B 109 -8.80 -18.48 -7.09
N LEU B 110 -7.71 -17.73 -6.97
CA LEU B 110 -7.14 -17.39 -5.66
C LEU B 110 -7.10 -15.86 -5.51
N LEU B 111 -7.64 -15.37 -4.41
CA LEU B 111 -7.80 -13.93 -4.17
C LEU B 111 -7.28 -13.65 -2.77
N THR B 112 -6.83 -12.43 -2.53
CA THR B 112 -6.66 -11.94 -1.17
C THR B 112 -7.46 -10.66 -0.97
N HIS B 113 -7.78 -10.33 0.28
CA HIS B 113 -8.53 -9.11 0.59
C HIS B 113 -7.73 -7.92 0.12
N ALA B 114 -6.40 -8.02 0.16
CA ALA B 114 -5.54 -6.95 -0.33
C ALA B 114 -5.79 -6.68 -1.80
N ASP B 115 -5.81 -7.73 -2.63
CA ASP B 115 -6.07 -7.60 -4.06
C ASP B 115 -7.31 -6.72 -4.29
N LEU B 116 -8.35 -6.99 -3.53
CA LEU B 116 -9.63 -6.32 -3.73
C LEU B 116 -9.65 -4.87 -3.23
N ALA B 117 -8.62 -4.44 -2.51
CA ALA B 117 -8.52 -3.06 -2.06
C ALA B 117 -7.86 -2.18 -3.10
N ASP B 118 -7.11 -2.79 -4.02
CA ASP B 118 -6.49 -2.10 -5.11
C ASP B 118 -7.47 -1.99 -6.27
N ARG B 119 -7.64 -0.77 -6.79
CA ARG B 119 -8.62 -0.47 -7.85
C ARG B 119 -8.41 -1.29 -9.15
N GLU B 120 -7.16 -1.51 -9.51
CA GLU B 120 -6.85 -2.27 -10.73
C GLU B 120 -7.09 -3.76 -10.54
N ARG B 121 -6.63 -4.28 -9.41
CA ARG B 121 -6.76 -5.71 -9.16
C ARG B 121 -8.20 -6.09 -8.87
N TYR B 122 -8.94 -5.19 -8.23
CA TYR B 122 -10.39 -5.36 -8.05
C TYR B 122 -11.09 -5.56 -9.41
N LEU B 123 -10.81 -4.67 -10.33
CA LEU B 123 -11.46 -4.73 -11.62
C LEU B 123 -11.02 -5.96 -12.39
N ASN B 124 -9.73 -6.28 -12.32
CA ASN B 124 -9.23 -7.47 -13.00
C ASN B 124 -9.93 -8.71 -12.50
N ALA B 125 -10.11 -8.82 -11.20
CA ALA B 125 -10.76 -9.99 -10.62
C ALA B 125 -12.25 -10.04 -10.95
N ARG B 126 -12.91 -8.89 -10.86
CA ARG B 126 -14.31 -8.80 -11.19
C ARG B 126 -14.56 -9.20 -12.62
N SER B 127 -13.72 -8.70 -13.50
CA SER B 127 -13.84 -8.98 -14.92
C SER B 127 -13.64 -10.45 -15.25
N THR B 128 -12.63 -11.05 -14.62
CA THR B 128 -12.42 -12.48 -14.75
C THR B 128 -13.70 -13.24 -14.36
N LEU B 129 -14.23 -12.94 -13.19
CA LEU B 129 -15.37 -13.68 -12.68
C LEU B 129 -16.65 -13.49 -13.50
N LEU B 130 -16.92 -12.25 -13.92
CA LEU B 130 -18.10 -11.98 -14.72
C LEU B 130 -18.00 -12.64 -16.07
N THR B 131 -16.79 -12.70 -16.63
CA THR B 131 -16.62 -13.35 -17.90
C THR B 131 -16.84 -14.83 -17.74
N LEU B 132 -16.33 -15.40 -16.63
CA LEU B 132 -16.51 -16.84 -16.40
C LEU B 132 -18.00 -17.18 -16.25
N LEU B 133 -18.75 -16.34 -15.53
CA LEU B 133 -20.19 -16.55 -15.38
C LEU B 133 -20.95 -16.48 -16.70
N ARG B 134 -20.64 -15.48 -17.53
CA ARG B 134 -21.17 -15.37 -18.87
C ARG B 134 -20.93 -16.65 -19.68
N LEU B 135 -19.75 -17.26 -19.53
CA LEU B 135 -19.41 -18.48 -20.27
C LEU B 135 -19.96 -19.74 -19.64
N GLY B 136 -20.68 -19.60 -18.53
CA GLY B 136 -21.34 -20.74 -17.92
C GLY B 136 -20.40 -21.59 -17.10
N VAL B 137 -19.26 -21.04 -16.71
CA VAL B 137 -18.30 -21.75 -15.87
C VAL B 137 -18.63 -21.49 -14.40
N VAL B 138 -18.43 -22.49 -13.55
CA VAL B 138 -18.56 -22.29 -12.11
C VAL B 138 -17.17 -21.96 -11.51
N PRO B 139 -16.94 -20.70 -11.11
CA PRO B 139 -15.69 -20.38 -10.43
C PRO B 139 -15.64 -20.94 -9.02
N ILE B 140 -14.47 -21.42 -8.63
CA ILE B 140 -14.23 -21.93 -7.28
C ILE B 140 -13.14 -21.05 -6.68
N ILE B 141 -13.48 -20.34 -5.61
CA ILE B 141 -12.63 -19.30 -5.06
C ILE B 141 -12.09 -19.60 -3.67
N ASN B 142 -10.77 -19.42 -3.52
CA ASN B 142 -10.11 -19.56 -2.23
C ASN B 142 -9.18 -18.38 -1.99
N GLU B 143 -8.81 -18.22 -0.72
CA GLU B 143 -7.77 -17.25 -0.31
C GLU B 143 -6.39 -17.74 -0.79
N ASN B 144 -5.51 -16.82 -1.16
CA ASN B 144 -4.12 -17.18 -1.49
C ASN B 144 -3.24 -17.20 -0.26
N ASP B 145 -3.21 -18.36 0.41
CA ASP B 145 -2.54 -18.53 1.68
C ASP B 145 -1.01 -18.50 1.58
N THR B 146 -0.47 -18.62 0.38
CA THR B 146 0.95 -18.46 0.20
C THR B 146 1.42 -17.04 0.56
N VAL B 147 0.59 -16.06 0.27
CA VAL B 147 1.00 -14.65 0.49
C VAL B 147 0.35 -13.96 1.68
N VAL B 148 -0.87 -14.34 2.05
CA VAL B 148 -1.63 -13.70 3.12
C VAL B 148 -2.18 -14.76 4.04
N THR B 149 -1.87 -14.67 5.32
CA THR B 149 -2.19 -15.71 6.28
C THR B 149 -3.13 -15.28 7.39
N ASP B 150 -3.69 -14.07 7.27
CA ASP B 150 -4.59 -13.49 8.29
C ASP B 150 -5.78 -14.39 8.65
N GLU B 151 -6.32 -15.08 7.65
CA GLU B 151 -7.55 -15.85 7.81
C GLU B 151 -7.32 -17.34 7.96
N ILE B 152 -6.06 -17.76 7.90
CA ILE B 152 -5.76 -19.18 7.83
C ILE B 152 -6.07 -19.85 9.17
N LYS B 153 -5.71 -19.19 10.27
CA LYS B 153 -5.80 -19.75 11.62
C LYS B 153 -7.24 -20.10 12.04
N PHE B 154 -8.08 -19.08 12.11
CA PHE B 154 -9.43 -19.18 12.68
C PHE B 154 -10.56 -18.98 11.66
N GLY B 155 -10.23 -18.41 10.49
CA GLY B 155 -11.27 -18.10 9.54
C GLY B 155 -11.75 -19.38 8.91
N ASP B 156 -12.94 -19.32 8.37
CA ASP B 156 -13.49 -20.42 7.60
C ASP B 156 -14.12 -19.81 6.37
N ASN B 157 -13.45 -18.81 5.78
CA ASN B 157 -13.86 -18.19 4.51
C ASN B 157 -15.21 -17.45 4.56
N ASP B 158 -15.69 -17.07 5.75
CA ASP B 158 -16.92 -16.27 5.84
C ASP B 158 -16.73 -14.88 5.24
N THR B 159 -15.64 -14.22 5.62
CA THR B 159 -15.40 -12.87 5.13
C THR B 159 -15.14 -12.93 3.62
N LEU B 160 -14.43 -13.96 3.16
CA LEU B 160 -14.21 -14.12 1.73
C LEU B 160 -15.54 -14.21 0.97
N GLY B 161 -16.47 -15.00 1.48
CA GLY B 161 -17.80 -15.15 0.84
C GLY B 161 -18.52 -13.82 0.60
N ALA B 162 -18.53 -12.97 1.62
CA ALA B 162 -19.14 -11.66 1.54
C ALA B 162 -18.41 -10.72 0.57
N LEU B 163 -17.07 -10.75 0.61
CA LEU B 163 -16.29 -10.03 -0.36
C LEU B 163 -16.55 -10.49 -1.79
N VAL B 164 -16.67 -11.80 -2.02
CA VAL B 164 -16.98 -12.29 -3.34
C VAL B 164 -18.40 -11.82 -3.75
N ALA B 165 -19.36 -11.89 -2.83
CA ALA B 165 -20.71 -11.40 -3.14
C ALA B 165 -20.68 -9.92 -3.58
N ASN B 166 -19.91 -9.09 -2.86
CA ASN B 166 -19.76 -7.69 -3.26
C ASN B 166 -19.10 -7.58 -4.63
N LEU B 167 -18.03 -8.34 -4.82
CA LEU B 167 -17.24 -8.30 -6.03
C LEU B 167 -18.03 -8.60 -7.30
N ILE B 168 -18.92 -9.59 -7.24
CA ILE B 168 -19.69 -10.00 -8.43
C ILE B 168 -21.13 -9.46 -8.43
N GLU B 169 -21.46 -8.64 -7.45
CA GLU B 169 -22.83 -8.22 -7.21
C GLU B 169 -23.80 -9.38 -7.14
N GLY B 170 -23.54 -10.32 -6.24
CA GLY B 170 -24.44 -11.44 -6.07
C GLY B 170 -25.81 -11.04 -5.53
N ASP B 171 -26.82 -11.82 -5.88
CA ASP B 171 -28.16 -11.61 -5.36
C ASP B 171 -28.23 -12.17 -3.98
N ALA B 172 -27.48 -13.26 -3.74
CA ALA B 172 -27.49 -13.87 -2.43
C ALA B 172 -26.22 -14.64 -2.08
N LEU B 173 -25.84 -14.55 -0.81
CA LEU B 173 -24.74 -15.29 -0.26
C LEU B 173 -25.37 -16.42 0.58
N ILE B 174 -25.01 -17.65 0.31
CA ILE B 174 -25.51 -18.78 1.10
C ILE B 174 -24.35 -19.41 1.89
N ILE B 175 -24.42 -19.28 3.21
CA ILE B 175 -23.44 -19.84 4.11
C ILE B 175 -23.94 -21.16 4.68
N LEU B 176 -23.34 -22.26 4.23
CA LEU B 176 -23.68 -23.60 4.66
C LEU B 176 -22.70 -24.03 5.71
N THR B 177 -23.23 -24.40 6.85
CA THR B 177 -22.41 -24.52 8.02
C THR B 177 -22.87 -25.75 8.83
N ASP B 178 -22.32 -25.90 10.03
CA ASP B 178 -22.69 -26.96 10.94
C ASP B 178 -23.93 -26.60 11.79
N GLN B 179 -24.04 -25.33 12.16
CA GLN B 179 -25.17 -24.79 12.95
C GLN B 179 -26.44 -24.56 12.12
N GLN B 180 -27.62 -24.61 12.77
CA GLN B 180 -28.91 -24.47 12.06
C GLN B 180 -29.15 -23.04 11.51
N GLY B 181 -28.55 -22.05 12.17
CA GLY B 181 -28.76 -20.64 11.85
C GLY B 181 -28.54 -19.82 13.09
N LEU B 182 -29.15 -18.63 13.12
CA LEU B 182 -29.05 -17.73 14.27
C LEU B 182 -30.17 -18.02 15.27
N PHE B 183 -29.82 -18.05 16.55
CA PHE B 183 -30.80 -18.31 17.61
C PHE B 183 -31.01 -17.08 18.46
N THR B 184 -32.24 -16.90 18.96
CA THR B 184 -32.58 -15.80 19.84
C THR B 184 -31.77 -15.91 21.13
N THR B 194 -35.28 -20.21 20.22
CA THR B 194 -35.94 -19.99 18.95
C THR B 194 -34.95 -19.59 17.82
N LEU B 195 -35.01 -20.32 16.71
CA LEU B 195 -34.26 -20.00 15.51
C LEU B 195 -34.93 -18.82 14.82
N VAL B 196 -34.14 -17.82 14.46
CA VAL B 196 -34.62 -16.65 13.74
C VAL B 196 -34.72 -17.03 12.26
N ALA B 197 -35.95 -17.05 11.75
CA ALA B 197 -36.21 -17.47 10.37
C ALA B 197 -35.93 -16.33 9.38
N GLU B 198 -36.24 -15.10 9.79
CA GLU B 198 -36.06 -13.91 8.97
C GLU B 198 -35.77 -12.66 9.78
N ALA B 199 -34.90 -11.81 9.22
CA ALA B 199 -34.52 -10.53 9.82
C ALA B 199 -33.84 -9.65 8.77
N SER B 200 -33.58 -8.39 9.13
CA SER B 200 -32.87 -7.45 8.28
C SER B 200 -31.39 -7.58 8.45
N ALA B 201 -30.68 -7.81 7.35
CA ALA B 201 -29.23 -7.89 7.39
C ALA B 201 -28.67 -6.59 7.95
N GLY B 202 -27.72 -6.70 8.86
CA GLY B 202 -27.08 -5.53 9.44
C GLY B 202 -27.75 -4.95 10.68
N ALA B 203 -28.90 -5.50 11.08
CA ALA B 203 -29.58 -5.07 12.30
C ALA B 203 -28.72 -5.36 13.54
N PRO B 204 -28.45 -4.32 14.36
CA PRO B 204 -27.56 -4.40 15.54
C PRO B 204 -27.78 -5.60 16.44
N GLU B 205 -29.05 -5.94 16.68
CA GLU B 205 -29.44 -6.95 17.65
C GLU B 205 -29.10 -8.36 17.19
N LEU B 206 -28.83 -8.54 15.90
CA LEU B 206 -28.40 -9.84 15.42
C LEU B 206 -27.03 -10.18 15.97
N GLU B 207 -26.21 -9.16 16.16
CA GLU B 207 -24.86 -9.35 16.71
C GLU B 207 -24.89 -9.73 18.19
N ALA B 208 -25.76 -9.07 18.96
CA ALA B 208 -26.00 -9.45 20.35
C ALA B 208 -26.51 -10.90 20.46
N MET B 209 -27.46 -11.25 19.61
CA MET B 209 -28.03 -12.60 19.60
C MET B 209 -26.98 -13.69 19.37
N ALA B 210 -25.90 -13.36 18.68
CA ALA B 210 -24.75 -14.25 18.57
C ALA B 210 -23.81 -14.05 19.75
N GLY B 221 -18.98 -20.17 14.98
CA GLY B 221 -18.51 -18.88 14.50
C GLY B 221 -19.67 -18.07 13.96
N MET B 222 -20.77 -18.02 14.73
CA MET B 222 -21.95 -17.30 14.29
C MET B 222 -21.72 -15.82 14.04
N LEU B 223 -20.93 -15.17 14.89
CA LEU B 223 -20.77 -13.73 14.80
C LEU B 223 -20.14 -13.31 13.47
N THR B 224 -19.09 -14.01 13.03
CA THR B 224 -18.43 -13.68 11.77
C THR B 224 -19.41 -13.89 10.62
N LYS B 225 -20.34 -14.82 10.74
CA LYS B 225 -21.32 -15.08 9.68
C LYS B 225 -22.36 -13.97 9.62
N ILE B 226 -22.77 -13.44 10.77
CA ILE B 226 -23.65 -12.30 10.82
C ILE B 226 -22.97 -11.03 10.27
N LEU B 227 -21.70 -10.83 10.64
CA LEU B 227 -20.94 -9.72 10.11
C LEU B 227 -20.75 -9.88 8.61
N ALA B 228 -20.54 -11.10 8.15
CA ALA B 228 -20.50 -11.38 6.72
C ALA B 228 -21.79 -11.01 6.03
N ALA B 229 -22.94 -11.29 6.67
CA ALA B 229 -24.22 -10.89 6.08
C ALA B 229 -24.38 -9.38 5.93
N LYS B 230 -23.94 -8.63 6.95
CA LYS B 230 -23.94 -7.16 6.90
C LYS B 230 -23.06 -6.65 5.77
N ARG B 231 -21.85 -7.22 5.64
CA ARG B 231 -20.94 -6.80 4.57
C ARG B 231 -21.58 -7.09 3.22
N ALA B 232 -22.14 -8.30 3.06
CA ALA B 232 -22.78 -8.66 1.80
C ALA B 232 -23.92 -7.72 1.46
N ALA B 233 -24.70 -7.29 2.45
CA ALA B 233 -25.84 -6.40 2.19
C ALA B 233 -25.41 -4.99 1.68
N HIS B 234 -24.15 -4.62 1.90
CA HIS B 234 -23.64 -3.36 1.34
C HIS B 234 -23.80 -3.27 -0.16
N SER B 235 -23.73 -4.40 -0.86
CA SER B 235 -23.91 -4.39 -2.31
C SER B 235 -25.33 -4.83 -2.71
N GLY B 236 -26.24 -4.91 -1.74
CA GLY B 236 -27.60 -5.38 -2.03
C GLY B 236 -27.79 -6.90 -1.97
N ALA B 237 -26.76 -7.64 -1.54
CA ALA B 237 -26.92 -9.10 -1.46
C ALA B 237 -27.62 -9.50 -0.18
N ASN B 238 -28.60 -10.40 -0.32
CA ASN B 238 -29.20 -11.07 0.83
C ASN B 238 -28.34 -12.26 1.28
N THR B 239 -28.54 -12.75 2.51
CA THR B 239 -27.77 -13.88 3.02
C THR B 239 -28.66 -14.94 3.65
N VAL B 240 -28.32 -16.18 3.40
CA VAL B 240 -28.98 -17.27 4.06
C VAL B 240 -27.92 -18.03 4.82
N ILE B 241 -28.20 -18.31 6.08
CA ILE B 241 -27.30 -19.14 6.90
C ILE B 241 -28.03 -20.41 7.26
N ALA B 242 -27.53 -21.54 6.77
CA ALA B 242 -28.26 -22.80 6.94
C ALA B 242 -27.30 -23.94 7.16
N SER B 243 -27.79 -24.98 7.82
CA SER B 243 -26.99 -26.17 8.02
C SER B 243 -26.81 -26.88 6.70
N GLY B 244 -25.55 -27.18 6.37
CA GLY B 244 -25.24 -28.05 5.25
C GLY B 244 -25.56 -29.51 5.50
N ARG B 245 -25.87 -29.88 6.73
CA ARG B 245 -26.35 -31.25 7.00
C ARG B 245 -27.80 -31.47 6.60
N GLU B 246 -28.49 -30.40 6.20
CA GLU B 246 -29.85 -30.54 5.71
C GLU B 246 -29.78 -31.17 4.32
N ARG B 247 -30.53 -32.23 4.12
CA ARG B 247 -30.57 -32.90 2.84
C ARG B 247 -31.08 -31.96 1.74
N ASP B 248 -30.38 -31.95 0.61
CA ASP B 248 -30.72 -31.16 -0.57
C ASP B 248 -30.94 -29.68 -0.30
N VAL B 249 -30.19 -29.13 0.63
CA VAL B 249 -30.49 -27.79 1.15
C VAL B 249 -30.53 -26.72 0.05
N LEU B 250 -29.63 -26.79 -0.92
CA LEU B 250 -29.61 -25.79 -1.98
C LEU B 250 -30.84 -25.89 -2.91
N LEU B 251 -31.23 -27.11 -3.29
CA LEU B 251 -32.39 -27.32 -4.15
C LEU B 251 -33.64 -26.83 -3.45
N ARG B 252 -33.76 -27.14 -2.16
CA ARG B 252 -34.96 -26.81 -1.40
C ARG B 252 -35.09 -25.30 -1.23
N LEU B 253 -33.99 -24.61 -0.96
CA LEU B 253 -33.97 -23.15 -0.96
C LEU B 253 -34.36 -22.57 -2.33
N ALA B 254 -33.75 -23.10 -3.39
CA ALA B 254 -34.07 -22.64 -4.74
C ALA B 254 -35.53 -22.91 -5.13
N SER B 255 -36.14 -23.94 -4.55
CA SER B 255 -37.55 -24.24 -4.80
C SER B 255 -38.47 -23.33 -3.99
N GLY B 256 -37.91 -22.54 -3.09
CA GLY B 256 -38.67 -21.56 -2.33
C GLY B 256 -38.92 -21.98 -0.90
N GLU B 257 -38.36 -23.11 -0.45
CA GLU B 257 -38.47 -23.53 0.95
C GLU B 257 -37.41 -22.85 1.83
N ALA B 258 -37.87 -22.08 2.82
CA ALA B 258 -36.96 -21.38 3.72
C ALA B 258 -36.35 -22.37 4.70
N ILE B 259 -35.03 -22.35 4.83
CA ILE B 259 -34.30 -23.21 5.75
C ILE B 259 -33.25 -22.36 6.43
N GLY B 260 -33.13 -22.51 7.74
CA GLY B 260 -32.20 -21.73 8.51
C GLY B 260 -32.63 -20.28 8.69
N THR B 261 -31.68 -19.37 8.59
CA THR B 261 -31.96 -17.95 8.81
C THR B 261 -31.73 -17.16 7.53
N GLN B 262 -32.71 -16.32 7.20
CA GLN B 262 -32.65 -15.48 6.02
C GLN B 262 -32.53 -14.01 6.42
N LEU B 263 -31.47 -13.36 5.92
CA LEU B 263 -31.22 -11.95 6.22
C LEU B 263 -31.37 -11.13 4.95
N ILE B 264 -32.27 -10.14 4.99
CA ILE B 264 -32.63 -9.35 3.82
C ILE B 264 -31.89 -8.03 3.83
N ALA B 265 -31.23 -7.70 2.72
CA ALA B 265 -30.57 -6.39 2.55
C ALA B 265 -31.62 -5.27 2.48
N ARG B 266 -31.36 -4.16 3.16
CA ARG B 266 -32.24 -2.99 3.12
C ARG B 266 -32.26 -2.30 1.74
N THR B 267 -31.13 -2.34 1.03
CA THR B 267 -30.96 -1.65 -0.24
C THR B 267 -30.96 -2.65 -1.38
N ALA B 268 -31.52 -2.25 -2.52
CA ALA B 268 -31.48 -3.07 -3.75
C ALA B 268 -30.13 -2.98 -4.47
N ARG B 269 -29.89 -3.94 -5.36
CA ARG B 269 -28.61 -4.05 -6.08
C ARG B 269 -28.25 -2.77 -6.87
N MET B 270 -29.21 -2.22 -7.62
CA MET B 270 -28.93 -1.05 -8.48
C MET B 270 -28.69 0.20 -7.63
N ALA B 271 -29.49 0.39 -6.57
CA ALA B 271 -29.28 1.50 -5.65
C ALA B 271 -27.94 1.37 -4.92
N ALA B 272 -27.55 0.16 -4.53
CA ALA B 272 -26.24 -0.04 -3.90
C ALA B 272 -25.14 0.28 -4.91
N ARG B 273 -25.33 -0.13 -6.17
CA ARG B 273 -24.38 0.18 -7.23
C ARG B 273 -24.21 1.68 -7.42
N LYS B 274 -25.31 2.43 -7.38
CA LYS B 274 -25.24 3.92 -7.52
C LYS B 274 -24.52 4.58 -6.36
N GLN B 275 -24.78 4.11 -5.15
CA GLN B 275 -24.02 4.57 -4.00
C GLN B 275 -22.53 4.22 -4.10
N TRP B 276 -22.21 3.01 -4.57
CA TRP B 276 -20.82 2.58 -4.69
C TRP B 276 -20.10 3.47 -5.70
N MET B 277 -20.74 3.74 -6.84
CA MET B 277 -20.15 4.63 -7.85
C MET B 277 -19.93 6.05 -7.31
N ALA B 278 -20.93 6.59 -6.60
CA ALA B 278 -20.77 7.91 -5.95
C ALA B 278 -19.65 7.88 -4.91
N ASP B 279 -19.57 6.81 -4.12
CA ASP B 279 -18.51 6.68 -3.10
C ASP B 279 -17.10 6.73 -3.73
N HIS B 280 -16.91 6.13 -4.90
CA HIS B 280 -15.59 6.06 -5.53
C HIS B 280 -15.35 7.04 -6.67
N LEU B 281 -16.32 7.88 -7.00
CA LEU B 281 -16.17 8.83 -8.08
C LEU B 281 -14.98 9.78 -7.87
N GLN B 282 -14.17 9.93 -8.90
CA GLN B 282 -13.15 11.00 -8.92
C GLN B 282 -13.49 11.91 -10.06
N VAL B 283 -13.07 13.15 -9.94
CA VAL B 283 -13.40 14.17 -10.94
C VAL B 283 -12.11 14.82 -11.49
N ARG B 284 -10.97 14.16 -11.29
CA ARG B 284 -9.70 14.58 -11.90
C ARG B 284 -9.73 14.36 -13.42
N GLY B 285 -10.59 13.45 -13.89
CA GLY B 285 -10.78 13.24 -15.32
C GLY B 285 -12.14 12.65 -15.66
N HIS B 286 -12.53 12.78 -16.93
CA HIS B 286 -13.79 12.23 -17.43
C HIS B 286 -13.73 12.04 -18.94
N VAL B 287 -14.82 11.52 -19.50
CA VAL B 287 -14.93 11.41 -20.94
C VAL B 287 -16.19 12.10 -21.41
N VAL B 288 -16.11 12.64 -22.61
CA VAL B 288 -17.23 13.21 -23.31
C VAL B 288 -17.63 12.17 -24.35
N ILE B 289 -18.93 11.93 -24.45
CA ILE B 289 -19.41 10.89 -25.34
C ILE B 289 -20.45 11.50 -26.28
N ASP B 290 -20.56 10.93 -27.48
CA ASP B 290 -21.52 11.41 -28.47
C ASP B 290 -22.95 10.89 -28.24
N ALA B 291 -23.88 11.50 -28.97
CA ALA B 291 -25.32 11.21 -28.83
C ALA B 291 -25.65 9.73 -29.06
N GLY B 292 -25.00 9.14 -30.06
CA GLY B 292 -25.15 7.72 -30.35
C GLY B 292 -24.77 6.86 -29.14
N ALA B 293 -23.68 7.22 -28.47
CA ALA B 293 -23.27 6.51 -27.26
C ALA B 293 -24.22 6.78 -26.10
N VAL B 294 -24.68 8.02 -25.96
CA VAL B 294 -25.66 8.37 -24.92
C VAL B 294 -26.92 7.54 -25.07
N ASP B 295 -27.43 7.43 -26.30
CA ASP B 295 -28.64 6.66 -26.55
C ASP B 295 -28.45 5.19 -26.22
N LYS B 296 -27.33 4.62 -26.69
CA LYS B 296 -26.97 3.25 -26.37
C LYS B 296 -26.97 2.98 -24.84
N LEU B 297 -26.41 3.92 -24.08
CA LEU B 297 -26.35 3.78 -22.63
C LEU B 297 -27.71 3.88 -21.99
N THR B 298 -28.44 4.94 -22.34
CA THR B 298 -29.70 5.25 -21.69
C THR B 298 -30.85 4.34 -22.13
N ALA B 299 -30.98 4.11 -23.43
CA ALA B 299 -32.07 3.30 -23.95
C ALA B 299 -31.65 1.83 -24.10
N GLY B 300 -30.53 1.61 -24.77
CA GLY B 300 -30.11 0.25 -25.14
C GLY B 300 -29.54 -0.68 -24.06
N GLY B 301 -29.40 -0.19 -22.83
CA GLY B 301 -28.79 -1.01 -21.75
C GLY B 301 -27.40 -1.54 -22.10
N LYS B 302 -26.62 -0.76 -22.87
CA LYS B 302 -25.35 -1.23 -23.42
C LYS B 302 -24.12 -0.67 -22.70
N SER B 303 -22.97 -1.19 -23.09
CA SER B 303 -21.69 -0.71 -22.59
C SER B 303 -21.26 0.57 -23.31
N LEU B 304 -20.29 1.28 -22.75
CA LEU B 304 -19.64 2.40 -23.45
C LEU B 304 -18.41 1.87 -24.16
N LEU B 305 -18.37 2.03 -25.48
CA LEU B 305 -17.24 1.59 -26.29
C LEU B 305 -16.35 2.78 -26.63
N PRO B 306 -15.05 2.52 -26.91
CA PRO B 306 -14.10 3.57 -27.29
C PRO B 306 -14.57 4.42 -28.46
N ILE B 307 -15.28 3.79 -29.41
CA ILE B 307 -15.79 4.48 -30.59
C ILE B 307 -16.76 5.61 -30.24
N GLY B 308 -17.46 5.52 -29.11
CA GLY B 308 -18.40 6.56 -28.69
C GLY B 308 -17.78 7.72 -27.93
N VAL B 309 -16.48 7.64 -27.67
CA VAL B 309 -15.79 8.69 -26.91
C VAL B 309 -15.35 9.80 -27.86
N VAL B 310 -15.85 11.03 -27.63
CA VAL B 310 -15.45 12.18 -28.46
C VAL B 310 -14.21 12.88 -27.86
N ALA B 311 -14.08 12.91 -26.54
CA ALA B 311 -12.87 13.47 -25.92
C ALA B 311 -12.58 12.91 -24.52
N VAL B 312 -11.31 13.03 -24.14
CA VAL B 312 -10.81 12.59 -22.89
C VAL B 312 -10.21 13.81 -22.21
N GLN B 313 -10.73 14.13 -21.02
CA GLN B 313 -10.34 15.33 -20.30
C GLN B 313 -9.70 14.90 -19.00
N GLY B 314 -8.58 15.51 -18.65
CA GLY B 314 -7.93 15.25 -17.36
C GLY B 314 -7.24 13.90 -17.32
N VAL B 315 -7.20 13.31 -16.13
CA VAL B 315 -6.43 12.08 -15.91
C VAL B 315 -7.23 11.05 -15.10
N PHE B 316 -7.10 9.79 -15.48
CA PHE B 316 -7.67 8.69 -14.74
C PHE B 316 -6.94 7.40 -15.08
N ALA B 317 -7.11 6.42 -14.23
CA ALA B 317 -6.43 5.15 -14.31
C ALA B 317 -7.46 4.03 -14.34
N ARG B 318 -7.06 2.88 -14.86
CA ARG B 318 -7.90 1.72 -14.94
C ARG B 318 -8.45 1.43 -13.57
N GLY B 319 -9.74 1.18 -13.47
CA GLY B 319 -10.34 0.85 -12.21
C GLY B 319 -10.94 2.01 -11.42
N GLU B 320 -10.68 3.25 -11.85
CA GLU B 320 -11.30 4.40 -11.23
C GLU B 320 -12.67 4.64 -11.83
N VAL B 321 -13.50 5.34 -11.07
CA VAL B 321 -14.84 5.68 -11.49
C VAL B 321 -14.82 7.07 -12.09
N ILE B 322 -15.30 7.17 -13.33
CA ILE B 322 -15.33 8.41 -14.05
C ILE B 322 -16.74 8.75 -14.57
N ALA B 323 -16.97 10.03 -14.76
CA ALA B 323 -18.20 10.54 -15.31
C ALA B 323 -18.15 10.45 -16.83
N CYS B 324 -19.31 10.16 -17.42
CA CYS B 324 -19.50 10.20 -18.85
C CYS B 324 -20.39 11.39 -19.13
N VAL B 325 -19.84 12.35 -19.86
CA VAL B 325 -20.50 13.63 -20.04
C VAL B 325 -20.92 13.76 -21.50
N ASN B 326 -22.10 14.33 -21.71
CA ASN B 326 -22.61 14.55 -23.06
C ASN B 326 -22.06 15.87 -23.60
N ASP B 327 -22.38 16.15 -24.86
CA ASP B 327 -21.87 17.34 -25.55
C ASP B 327 -22.28 18.66 -24.85
N ALA B 328 -23.45 18.65 -24.23
CA ALA B 328 -23.97 19.79 -23.46
C ALA B 328 -23.31 19.95 -22.07
N GLY B 329 -22.39 19.06 -21.72
CA GLY B 329 -21.70 19.12 -20.44
C GLY B 329 -22.46 18.49 -19.29
N ARG B 330 -23.58 17.81 -19.57
CA ARG B 330 -24.34 17.12 -18.53
C ARG B 330 -23.80 15.68 -18.30
N GLU B 331 -23.59 15.31 -17.03
CA GLU B 331 -23.21 13.92 -16.70
C GLU B 331 -24.42 13.02 -16.97
N VAL B 332 -24.24 12.02 -17.82
CA VAL B 332 -25.31 11.09 -18.14
C VAL B 332 -25.09 9.70 -17.52
N ALA B 333 -23.83 9.34 -17.23
CA ALA B 333 -23.52 8.08 -16.58
C ALA B 333 -22.22 8.17 -15.85
N ARG B 334 -21.93 7.14 -15.04
CA ARG B 334 -20.66 7.05 -14.36
C ARG B 334 -20.34 5.57 -14.12
N GLY B 335 -19.06 5.23 -14.20
CA GLY B 335 -18.66 3.85 -14.18
C GLY B 335 -17.18 3.63 -14.09
N ILE B 336 -16.82 2.38 -13.92
CA ILE B 336 -15.42 1.99 -13.79
C ILE B 336 -14.79 1.91 -15.20
N THR B 337 -13.74 2.70 -15.43
CA THR B 337 -12.99 2.64 -16.69
C THR B 337 -12.00 1.48 -16.76
N ASN B 338 -12.00 0.81 -17.90
CA ASN B 338 -11.06 -0.26 -18.20
C ASN B 338 -9.68 0.23 -18.63
N TYR B 339 -9.62 1.49 -19.04
CA TYR B 339 -8.42 2.05 -19.64
C TYR B 339 -8.04 3.35 -18.94
N SER B 340 -6.76 3.67 -18.94
CA SER B 340 -6.27 4.97 -18.46
C SER B 340 -6.68 6.06 -19.43
N SER B 341 -6.59 7.32 -18.98
CA SER B 341 -6.90 8.47 -19.86
C SER B 341 -5.97 8.55 -21.08
N ALA B 342 -4.70 8.20 -20.89
CA ALA B 342 -3.74 8.22 -21.99
C ALA B 342 -4.06 7.14 -23.01
N GLU B 343 -4.35 5.92 -22.53
CA GLU B 343 -4.81 4.82 -23.39
C GLU B 343 -6.11 5.18 -24.12
N ALA B 344 -7.05 5.76 -23.39
CA ALA B 344 -8.32 6.20 -23.96
C ALA B 344 -8.12 7.24 -25.04
N LYS B 345 -7.17 8.15 -24.82
CA LYS B 345 -6.80 9.14 -25.85
C LYS B 345 -6.33 8.47 -27.14
N LEU B 346 -5.57 7.38 -26.99
CA LEU B 346 -5.04 6.67 -28.14
C LEU B 346 -6.08 5.92 -28.95
N ILE B 347 -7.11 5.42 -28.27
CA ILE B 347 -8.09 4.52 -28.90
C ILE B 347 -9.48 5.14 -29.09
N GLN B 348 -9.64 6.39 -28.68
CA GLN B 348 -10.94 7.04 -28.85
C GLN B 348 -11.33 7.06 -30.32
N ARG B 349 -12.63 6.86 -30.59
CA ARG B 349 -13.17 6.85 -31.96
C ARG B 349 -12.72 5.66 -32.79
N LYS B 350 -12.09 4.67 -32.19
CA LYS B 350 -11.64 3.48 -32.93
C LYS B 350 -12.54 2.28 -32.63
N PRO B 351 -12.81 1.43 -33.65
CA PRO B 351 -13.50 0.17 -33.37
C PRO B 351 -12.62 -0.75 -32.53
N SER B 352 -13.24 -1.65 -31.80
CA SER B 352 -12.54 -2.48 -30.82
C SER B 352 -11.46 -3.36 -31.47
N GLY B 353 -11.70 -3.82 -32.69
CA GLY B 353 -10.71 -4.61 -33.43
C GLY B 353 -9.43 -3.88 -33.82
N GLU B 354 -9.42 -2.55 -33.67
CA GLU B 354 -8.22 -1.75 -33.95
C GLU B 354 -7.40 -1.40 -32.69
N ILE B 355 -7.94 -1.68 -31.50
CA ILE B 355 -7.26 -1.33 -30.24
C ILE B 355 -5.88 -2.00 -30.12
N GLU B 356 -5.79 -3.27 -30.51
CA GLU B 356 -4.54 -4.04 -30.37
C GLU B 356 -3.39 -3.45 -31.18
N ALA B 357 -3.67 -3.06 -32.41
CA ALA B 357 -2.68 -2.41 -33.28
C ALA B 357 -2.20 -1.09 -32.69
N VAL B 358 -3.13 -0.31 -32.13
CA VAL B 358 -2.79 1.02 -31.61
C VAL B 358 -1.94 0.94 -30.33
N LEU B 359 -2.33 0.07 -29.39
CA LEU B 359 -1.64 -0.02 -28.10
C LEU B 359 -0.50 -1.03 -28.06
N GLY B 360 -0.55 -2.05 -28.93
CA GLY B 360 0.36 -3.20 -28.82
C GLY B 360 -0.21 -4.33 -27.98
N TYR B 361 -1.41 -4.12 -27.45
CA TYR B 361 -2.11 -5.10 -26.63
C TYR B 361 -3.55 -4.63 -26.57
N MET B 362 -4.43 -5.44 -26.04
CA MET B 362 -5.73 -4.89 -25.68
C MET B 362 -6.17 -5.43 -24.34
N LEU B 363 -7.05 -4.68 -23.71
CA LEU B 363 -7.66 -5.11 -22.48
C LEU B 363 -9.04 -5.62 -22.89
N GLU B 364 -10.12 -5.04 -22.38
CA GLU B 364 -11.47 -5.42 -22.78
C GLU B 364 -11.87 -4.60 -24.00
N PRO B 365 -12.90 -5.06 -24.75
CA PRO B 365 -13.35 -4.23 -25.88
C PRO B 365 -14.09 -2.96 -25.45
N GLU B 366 -14.68 -2.99 -24.25
CA GLU B 366 -15.45 -1.87 -23.73
C GLU B 366 -14.54 -0.87 -23.03
N LEU B 367 -14.90 0.40 -23.07
CA LEU B 367 -14.25 1.36 -22.18
C LEU B 367 -14.84 1.25 -20.77
N ILE B 368 -16.17 1.22 -20.68
CA ILE B 368 -16.87 0.96 -19.43
C ILE B 368 -17.93 -0.10 -19.68
N HIS B 369 -17.79 -1.25 -19.04
CA HIS B 369 -18.76 -2.31 -19.19
C HIS B 369 -20.09 -1.90 -18.57
N ARG B 370 -21.17 -2.34 -19.19
CA ARG B 370 -22.51 -2.12 -18.68
C ARG B 370 -22.70 -2.52 -17.20
N ASP B 371 -22.00 -3.56 -16.73
CA ASP B 371 -22.13 -4.04 -15.35
C ASP B 371 -21.41 -3.14 -14.36
N ASN B 372 -20.56 -2.26 -14.90
CA ASN B 372 -19.76 -1.36 -14.09
C ASN B 372 -20.15 0.11 -14.25
N LEU B 373 -21.40 0.36 -14.65
CA LEU B 373 -21.87 1.74 -14.77
C LEU B 373 -23.29 1.92 -14.29
N VAL B 374 -23.62 3.16 -13.95
CA VAL B 374 -24.99 3.54 -13.61
C VAL B 374 -25.32 4.80 -14.39
N LEU B 375 -26.62 4.98 -14.65
CA LEU B 375 -27.14 6.19 -15.25
C LEU B 375 -27.24 7.34 -14.24
N VAL B 376 -26.99 8.54 -14.79
CA VAL B 376 -27.10 9.86 -14.18
C VAL B 376 -26.32 9.96 -12.90
N MET C 5 -34.40 32.16 8.08
CA MET C 5 -33.50 30.97 8.01
C MET C 5 -32.26 31.14 8.90
N ARG C 6 -32.09 30.24 9.86
CA ARG C 6 -30.96 30.30 10.77
C ARG C 6 -29.79 29.47 10.24
N SER C 7 -28.57 29.99 10.38
CA SER C 7 -27.40 29.23 9.96
C SER C 7 -27.13 28.13 10.98
N ILE C 8 -26.93 26.93 10.46
CA ILE C 8 -26.46 25.78 11.25
C ILE C 8 -25.11 26.05 11.95
N ILE C 9 -24.34 27.04 11.49
CA ILE C 9 -23.05 27.35 12.10
C ILE C 9 -23.20 27.86 13.52
N ALA C 10 -24.33 28.52 13.82
CA ALA C 10 -24.58 29.03 15.16
C ALA C 10 -24.59 27.92 16.23
N ASP C 11 -25.05 26.72 15.86
CA ASP C 11 -25.05 25.57 16.78
C ASP C 11 -23.92 24.58 16.49
N SER C 12 -22.83 25.00 15.83
CA SER C 12 -21.74 24.10 15.47
C SER C 12 -20.51 24.51 16.26
N LYS C 13 -19.99 23.61 17.09
CA LYS C 13 -18.85 23.92 17.92
C LYS C 13 -17.50 23.72 17.19
N ARG C 14 -17.38 22.67 16.38
CA ARG C 14 -16.10 22.32 15.74
C ARG C 14 -16.20 22.50 14.24
N LEU C 15 -15.42 23.44 13.71
CA LEU C 15 -15.55 23.90 12.33
C LEU C 15 -14.29 23.67 11.55
N VAL C 16 -14.43 23.20 10.32
CA VAL C 16 -13.33 23.21 9.36
C VAL C 16 -13.62 24.35 8.36
N VAL C 17 -12.72 25.31 8.27
CA VAL C 17 -12.88 26.46 7.44
C VAL C 17 -11.90 26.31 6.30
N LYS C 18 -12.42 26.26 5.09
CA LYS C 18 -11.61 26.15 3.89
C LYS C 18 -11.70 27.42 3.04
N VAL C 19 -10.54 28.01 2.78
CA VAL C 19 -10.49 29.30 2.09
C VAL C 19 -9.85 29.14 0.72
N GLY C 20 -10.60 29.51 -0.32
CA GLY C 20 -10.12 29.30 -1.71
C GLY C 20 -8.92 30.14 -2.07
N SER C 21 -8.15 29.65 -3.04
CA SER C 21 -6.98 30.37 -3.56
C SER C 21 -7.28 31.81 -3.93
N SER C 22 -8.32 32.00 -4.72
CA SER C 22 -8.69 33.33 -5.23
C SER C 22 -8.89 34.35 -4.09
N LEU C 23 -9.39 33.89 -2.95
CA LEU C 23 -9.61 34.76 -1.79
C LEU C 23 -8.32 35.16 -1.10
N VAL C 24 -7.33 34.29 -1.13
CA VAL C 24 -6.13 34.47 -0.31
C VAL C 24 -4.93 35.02 -1.12
N THR C 25 -5.03 34.93 -2.45
CA THR C 25 -3.99 35.39 -3.38
C THR C 25 -4.45 36.57 -4.23
N ASN C 26 -3.51 37.42 -4.62
CA ASN C 26 -3.77 38.43 -5.65
C ASN C 26 -3.85 37.81 -7.07
N GLY C 30 1.29 36.94 -5.58
CA GLY C 30 1.55 36.44 -4.23
C GLY C 30 0.35 36.41 -3.31
N LEU C 31 0.56 36.63 -2.02
CA LEU C 31 -0.53 36.56 -1.02
C LEU C 31 -1.11 37.93 -0.68
N ASP C 32 -2.43 37.96 -0.49
CA ASP C 32 -3.12 39.14 -0.01
C ASP C 32 -3.06 39.10 1.51
N HIS C 33 -2.04 39.73 2.09
CA HIS C 33 -1.83 39.69 3.55
C HIS C 33 -3.00 40.29 4.34
N ASP C 34 -3.67 41.28 3.75
CA ASP C 34 -4.76 41.98 4.44
C ASP C 34 -5.96 41.07 4.54
N ALA C 35 -6.24 40.35 3.47
CA ALA C 35 -7.37 39.42 3.47
C ALA C 35 -7.13 38.26 4.45
N ILE C 36 -5.88 37.81 4.56
CA ILE C 36 -5.53 36.78 5.55
C ILE C 36 -5.74 37.33 6.98
N GLY C 37 -5.37 38.59 7.21
CA GLY C 37 -5.57 39.23 8.50
C GLY C 37 -7.03 39.28 8.87
N ARG C 38 -7.89 39.55 7.89
CA ARG C 38 -9.33 39.54 8.13
C ARG C 38 -9.86 38.16 8.49
N TRP C 39 -9.39 37.12 7.79
CA TRP C 39 -9.80 35.76 8.14
C TRP C 39 -9.30 35.39 9.53
N ALA C 40 -8.05 35.73 9.80
CA ALA C 40 -7.46 35.46 11.10
C ALA C 40 -8.23 36.14 12.21
N ALA C 41 -8.65 37.39 11.98
CA ALA C 41 -9.45 38.13 12.97
C ALA C 41 -10.81 37.48 13.19
N GLN C 42 -11.47 37.05 12.11
CA GLN C 42 -12.75 36.36 12.23
C GLN C 42 -12.62 35.03 12.94
N ILE C 43 -11.62 34.25 12.56
CA ILE C 43 -11.40 32.96 13.20
C ILE C 43 -11.08 33.14 14.69
N ALA C 44 -10.27 34.16 15.00
CA ALA C 44 -9.97 34.50 16.39
C ALA C 44 -11.22 34.82 17.20
N ALA C 45 -12.15 35.57 16.62
CA ALA C 45 -13.41 35.86 17.29
C ALA C 45 -14.25 34.59 17.51
N LEU C 46 -14.24 33.67 16.56
CA LEU C 46 -14.94 32.38 16.75
C LEU C 46 -14.30 31.57 17.87
N ARG C 47 -12.98 31.52 17.86
CA ARG C 47 -12.17 30.85 18.87
C ARG C 47 -12.48 31.37 20.27
N ASN C 48 -12.73 32.68 20.40
CA ASN C 48 -13.05 33.33 21.68
C ASN C 48 -14.50 33.15 22.11
N GLU C 49 -15.36 32.78 21.19
CA GLU C 49 -16.74 32.44 21.50
C GLU C 49 -16.84 30.93 21.85
N GLY C 50 -15.70 30.22 21.79
CA GLY C 50 -15.65 28.80 22.20
C GLY C 50 -15.63 27.79 21.07
N LYS C 51 -15.59 28.26 19.82
CA LYS C 51 -15.54 27.35 18.67
C LYS C 51 -14.15 26.73 18.60
N GLU C 52 -14.08 25.51 18.07
CA GLU C 52 -12.85 24.84 17.73
C GLU C 52 -12.75 24.89 16.20
N VAL C 53 -11.66 25.44 15.70
CA VAL C 53 -11.53 25.75 14.30
C VAL C 53 -10.25 25.14 13.76
N VAL C 54 -10.37 24.47 12.63
CA VAL C 54 -9.25 23.99 11.83
C VAL C 54 -9.33 24.73 10.50
N LEU C 55 -8.19 25.20 10.02
CA LEU C 55 -8.11 25.94 8.81
C LEU C 55 -7.45 25.13 7.71
N VAL C 56 -8.13 25.03 6.56
CA VAL C 56 -7.57 24.46 5.39
C VAL C 56 -7.43 25.60 4.36
N SER C 57 -6.21 26.04 4.09
CA SER C 57 -6.01 27.18 3.22
C SER C 57 -5.15 26.84 2.01
N SER C 58 -5.50 27.41 0.85
CA SER C 58 -4.72 27.35 -0.38
C SER C 58 -3.77 28.54 -0.40
N GLY C 59 -3.03 28.70 -1.50
CA GLY C 59 -2.14 29.87 -1.65
C GLY C 59 -0.65 29.56 -1.74
N ALA C 60 -0.26 28.34 -1.43
CA ALA C 60 1.15 28.02 -1.32
C ALA C 60 1.90 28.19 -2.66
N ILE C 61 1.30 27.77 -3.77
CA ILE C 61 1.98 27.85 -5.06
C ILE C 61 2.15 29.29 -5.50
N ALA C 62 1.11 30.11 -5.30
CA ALA C 62 1.15 31.53 -5.59
C ALA C 62 2.22 32.24 -4.79
N GLU C 63 2.36 31.91 -3.50
CA GLU C 63 3.39 32.51 -2.65
C GLU C 63 4.76 32.07 -3.11
N GLY C 64 4.88 30.78 -3.43
CA GLY C 64 6.13 30.25 -3.91
C GLY C 64 6.57 30.94 -5.19
N MET C 65 5.64 31.11 -6.10
CA MET C 65 5.90 31.79 -7.37
C MET C 65 6.46 33.17 -7.08
N GLN C 66 5.80 33.92 -6.21
CA GLN C 66 6.25 35.26 -5.87
C GLN C 66 7.67 35.25 -5.31
N ARG C 67 7.92 34.33 -4.38
CA ARG C 67 9.24 34.26 -3.75
C ARG C 67 10.34 33.80 -4.71
N LEU C 68 9.99 33.03 -5.73
CA LEU C 68 10.96 32.58 -6.71
C LEU C 68 11.08 33.48 -7.93
N GLY C 69 10.29 34.55 -7.98
CA GLY C 69 10.34 35.49 -9.07
C GLY C 69 9.64 35.03 -10.35
N TRP C 70 8.66 34.15 -10.21
CA TRP C 70 7.90 33.65 -11.37
C TRP C 70 6.58 34.38 -11.52
N SER C 71 6.33 34.91 -12.72
CA SER C 71 5.07 35.62 -13.01
C SER C 71 3.98 34.68 -13.58
N ARG C 72 4.41 33.58 -14.19
CA ARG C 72 3.51 32.59 -14.78
C ARG C 72 3.56 31.26 -13.98
N ARG C 73 2.39 30.67 -13.75
CA ARG C 73 2.30 29.39 -13.09
C ARG C 73 3.08 28.38 -13.92
N PRO C 74 4.02 27.66 -13.30
CA PRO C 74 4.79 26.69 -14.08
C PRO C 74 3.96 25.51 -14.54
N ARG C 75 4.33 24.94 -15.69
CA ARG C 75 3.66 23.79 -16.25
C ARG C 75 4.25 22.49 -15.76
N GLU C 76 5.58 22.48 -15.55
CA GLU C 76 6.26 21.25 -15.11
C GLU C 76 6.02 20.96 -13.64
N ILE C 77 5.75 19.70 -13.35
CA ILE C 77 5.28 19.33 -12.01
C ILE C 77 6.32 19.63 -10.92
N ASP C 78 7.59 19.40 -11.25
CA ASP C 78 8.67 19.61 -10.30
C ASP C 78 8.78 21.08 -9.92
N GLU C 79 8.56 21.99 -10.86
CA GLU C 79 8.56 23.43 -10.53
C GLU C 79 7.36 23.80 -9.71
N LEU C 80 6.23 23.17 -9.97
CA LEU C 80 5.05 23.34 -9.12
C LEU C 80 5.31 22.83 -7.70
N GLN C 81 5.94 21.68 -7.56
CA GLN C 81 6.25 21.14 -6.25
C GLN C 81 7.20 22.06 -5.50
N ALA C 82 8.19 22.60 -6.21
CA ALA C 82 9.16 23.52 -5.62
C ALA C 82 8.47 24.80 -5.11
N ALA C 83 7.62 25.37 -5.96
CA ALA C 83 6.85 26.55 -5.58
C ALA C 83 5.98 26.26 -4.36
N ALA C 84 5.36 25.10 -4.31
CA ALA C 84 4.58 24.74 -3.14
C ALA C 84 5.43 24.68 -1.86
N ALA C 85 6.60 24.06 -1.93
CA ALA C 85 7.43 23.93 -0.75
C ALA C 85 7.94 25.30 -0.29
N VAL C 86 8.27 26.17 -1.25
CA VAL C 86 8.73 27.50 -0.92
C VAL C 86 7.56 28.28 -0.32
N GLY C 87 6.40 28.17 -0.96
CA GLY C 87 5.26 28.98 -0.59
C GLY C 87 4.61 28.60 0.74
N GLN C 88 4.65 27.31 1.05
CA GLN C 88 4.15 26.78 2.31
C GLN C 88 4.73 27.51 3.52
N MET C 89 6.01 27.77 3.48
CA MET C 89 6.70 28.51 4.54
C MET C 89 6.15 29.92 4.75
N GLY C 90 5.91 30.62 3.65
CA GLY C 90 5.38 31.98 3.72
C GLY C 90 3.93 32.00 4.15
N LEU C 91 3.13 31.11 3.59
CA LEU C 91 1.70 31.08 3.85
C LEU C 91 1.44 30.90 5.35
N ALA C 92 2.21 30.01 5.96
CA ALA C 92 2.05 29.69 7.37
C ALA C 92 2.54 30.85 8.24
N GLN C 93 3.71 31.39 7.91
CA GLN C 93 4.29 32.52 8.67
C GLN C 93 3.34 33.71 8.75
N VAL C 94 2.58 33.96 7.67
CA VAL C 94 1.60 35.03 7.64
C VAL C 94 0.46 34.70 8.59
N TYR C 95 -0.08 33.49 8.46
CA TYR C 95 -1.15 33.09 9.37
C TYR C 95 -0.72 33.10 10.83
N GLU C 96 0.48 32.64 11.10
CA GLU C 96 0.99 32.61 12.45
C GLU C 96 1.07 34.04 13.04
N SER C 97 1.66 34.96 12.28
CA SER C 97 1.73 36.38 12.68
C SER C 97 0.37 36.97 12.98
N ARG C 98 -0.57 36.82 12.06
CA ARG C 98 -1.87 37.42 12.25
C ARG C 98 -2.61 36.81 13.42
N PHE C 99 -2.51 35.48 13.58
CA PHE C 99 -3.12 34.83 14.73
C PHE C 99 -2.45 35.19 16.05
N ALA C 100 -1.12 35.32 16.02
CA ALA C 100 -0.35 35.76 17.20
C ALA C 100 -0.82 37.11 17.74
N GLU C 101 -1.23 38.01 16.84
CA GLU C 101 -1.75 39.34 17.23
C GLU C 101 -3.01 39.21 18.10
N HIS C 102 -3.72 38.08 17.99
CA HIS C 102 -4.90 37.80 18.82
C HIS C 102 -4.62 36.80 19.94
N GLY C 103 -3.34 36.51 20.20
CA GLY C 103 -2.98 35.53 21.25
C GLY C 103 -3.23 34.07 20.91
N ILE C 104 -3.34 33.74 19.62
CA ILE C 104 -3.66 32.37 19.23
C ILE C 104 -2.44 31.64 18.64
N ARG C 105 -2.16 30.45 19.17
CA ARG C 105 -1.15 29.56 18.63
C ARG C 105 -1.68 28.82 17.42
N THR C 106 -0.83 28.59 16.44
CA THR C 106 -1.15 27.81 15.28
C THR C 106 -0.20 26.64 15.15
N ALA C 107 -0.56 25.68 14.32
CA ALA C 107 0.31 24.57 14.00
C ALA C 107 0.16 24.24 12.53
N GLN C 108 1.25 23.77 11.91
CA GLN C 108 1.22 23.38 10.50
C GLN C 108 1.09 21.89 10.46
N ILE C 109 0.22 21.41 9.59
CA ILE C 109 -0.02 20.01 9.41
C ILE C 109 -0.06 19.76 7.89
N LEU C 110 0.62 18.71 7.43
CA LEU C 110 0.60 18.33 6.04
C LEU C 110 0.08 16.92 6.01
N LEU C 111 -0.93 16.69 5.18
CA LEU C 111 -1.57 15.39 5.07
C LEU C 111 -1.71 15.04 3.60
N THR C 112 -1.77 13.74 3.27
CA THR C 112 -2.20 13.30 1.93
C THR C 112 -3.43 12.39 2.08
N HIS C 113 -4.24 12.27 1.04
CA HIS C 113 -5.44 11.40 1.09
C HIS C 113 -5.03 9.97 1.33
N ALA C 114 -3.86 9.60 0.83
CA ALA C 114 -3.34 8.26 1.06
C ALA C 114 -3.16 8.02 2.55
N ASP C 115 -2.52 8.96 3.24
CA ASP C 115 -2.28 8.82 4.69
C ASP C 115 -3.57 8.40 5.38
N LEU C 116 -4.65 9.08 5.02
CA LEU C 116 -5.91 8.88 5.70
C LEU C 116 -6.64 7.59 5.34
N ALA C 117 -6.16 6.89 4.32
CA ALA C 117 -6.70 5.57 3.99
C ALA C 117 -6.05 4.47 4.80
N ASP C 118 -4.86 4.73 5.35
CA ASP C 118 -4.15 3.78 6.20
C ASP C 118 -4.64 3.93 7.64
N ARG C 119 -5.03 2.81 8.25
CA ARG C 119 -5.64 2.81 9.58
C ARG C 119 -4.75 3.43 10.65
N GLU C 120 -3.45 3.21 10.56
CA GLU C 120 -2.55 3.70 11.59
C GLU C 120 -2.26 5.16 11.41
N ARG C 121 -2.06 5.57 10.16
CA ARG C 121 -1.76 6.97 9.88
C ARG C 121 -2.98 7.84 10.09
N TYR C 122 -4.15 7.29 9.79
CA TYR C 122 -5.41 7.95 10.13
C TYR C 122 -5.54 8.27 11.62
N LEU C 123 -5.29 7.27 12.45
CA LEU C 123 -5.39 7.47 13.87
C LEU C 123 -4.34 8.43 14.39
N ASN C 124 -3.12 8.30 13.89
CA ASN C 124 -2.05 9.19 14.29
C ASN C 124 -2.42 10.63 13.99
N ALA C 125 -2.99 10.88 12.81
CA ALA C 125 -3.34 12.23 12.43
C ALA C 125 -4.53 12.76 13.23
N ARG C 126 -5.51 11.88 13.44
CA ARG C 126 -6.67 12.24 14.23
C ARG C 126 -6.29 12.61 15.65
N SER C 127 -5.42 11.82 16.22
CA SER C 127 -4.95 12.04 17.58
C SER C 127 -4.16 13.34 17.70
N THR C 128 -3.29 13.61 16.72
CA THR C 128 -2.58 14.90 16.68
C THR C 128 -3.54 16.09 16.68
N LEU C 129 -4.52 16.02 15.78
CA LEU C 129 -5.46 17.14 15.67
C LEU C 129 -6.37 17.33 16.87
N LEU C 130 -6.88 16.23 17.43
CA LEU C 130 -7.76 16.33 18.60
C LEU C 130 -6.97 16.86 19.78
N THR C 131 -5.69 16.50 19.88
CA THR C 131 -4.86 17.01 20.97
C THR C 131 -4.63 18.48 20.80
N LEU C 132 -4.37 18.91 19.57
CA LEU C 132 -4.17 20.35 19.30
C LEU C 132 -5.44 21.18 19.63
N LEU C 133 -6.61 20.67 19.28
CA LEU C 133 -7.85 21.35 19.59
C LEU C 133 -8.11 21.46 21.12
N ARG C 134 -7.88 20.38 21.84
CA ARG C 134 -7.94 20.36 23.29
C ARG C 134 -7.05 21.45 23.88
N LEU C 135 -5.88 21.68 23.29
CA LEU C 135 -4.92 22.68 23.79
C LEU C 135 -5.22 24.06 23.30
N GLY C 136 -6.27 24.23 22.50
CA GLY C 136 -6.66 25.56 22.03
C GLY C 136 -5.81 26.10 20.93
N VAL C 137 -5.12 25.22 20.20
CA VAL C 137 -4.33 25.61 19.05
C VAL C 137 -5.22 25.58 17.79
N VAL C 138 -5.01 26.49 16.84
CA VAL C 138 -5.65 26.40 15.53
C VAL C 138 -4.75 25.68 14.54
N PRO C 139 -5.07 24.42 14.20
CA PRO C 139 -4.29 23.75 13.17
C PRO C 139 -4.53 24.36 11.79
N ILE C 140 -3.47 24.43 10.99
CA ILE C 140 -3.55 24.85 9.61
C ILE C 140 -3.06 23.72 8.74
N ILE C 141 -3.96 23.20 7.91
CA ILE C 141 -3.73 21.95 7.21
C ILE C 141 -3.59 22.17 5.70
N ASN C 142 -2.56 21.57 5.13
CA ASN C 142 -2.37 21.57 3.66
CA ASN C 142 -2.35 21.54 3.69
C ASN C 142 -1.96 20.18 3.18
N GLU C 143 -2.09 19.99 1.86
CA GLU C 143 -1.68 18.79 1.19
C GLU C 143 -0.17 18.76 1.11
N ASN C 144 0.41 17.57 1.20
CA ASN C 144 1.86 17.44 1.06
C ASN C 144 2.28 17.18 -0.41
N ASP C 145 2.47 18.26 -1.16
CA ASP C 145 2.80 18.22 -2.59
C ASP C 145 4.22 17.72 -2.91
N THR C 146 5.09 17.66 -1.90
CA THR C 146 6.37 17.06 -2.05
C THR C 146 6.25 15.57 -2.41
N VAL C 147 5.27 14.88 -1.85
CA VAL C 147 5.17 13.42 -2.04
C VAL C 147 4.05 12.96 -2.96
N VAL C 148 2.96 13.71 -3.03
CA VAL C 148 1.76 13.34 -3.80
C VAL C 148 1.35 14.55 -4.62
N THR C 149 1.24 14.38 -5.93
CA THR C 149 0.99 15.50 -6.85
C THR C 149 -0.35 15.40 -7.58
N ASP C 150 -1.20 14.44 -7.22
CA ASP C 150 -2.51 14.18 -7.88
C ASP C 150 -3.41 15.41 -7.89
N GLU C 151 -3.34 16.20 -6.84
CA GLU C 151 -4.23 17.33 -6.61
C GLU C 151 -3.62 18.66 -7.01
N ILE C 152 -2.36 18.66 -7.47
CA ILE C 152 -1.65 19.90 -7.73
C ILE C 152 -2.26 20.63 -8.91
N LYS C 153 -2.60 19.88 -9.96
CA LYS C 153 -3.05 20.44 -11.23
C LYS C 153 -4.34 21.27 -11.09
N PHE C 154 -5.40 20.61 -10.65
CA PHE C 154 -6.76 21.18 -10.63
C PHE C 154 -7.35 21.41 -9.24
N GLY C 155 -6.81 20.74 -8.21
CA GLY C 155 -7.46 20.74 -6.90
C GLY C 155 -7.33 22.07 -6.20
N ASP C 156 -8.31 22.42 -5.37
CA ASP C 156 -8.23 23.62 -4.54
C ASP C 156 -8.62 23.24 -3.14
N ASN C 157 -8.18 22.06 -2.71
CA ASN C 157 -8.34 21.58 -1.34
C ASN C 157 -9.76 21.34 -0.88
N ASP C 158 -10.69 21.23 -1.82
CA ASP C 158 -12.07 20.93 -1.44
C ASP C 158 -12.19 19.53 -0.84
N THR C 159 -11.56 18.54 -1.49
CA THR C 159 -11.60 17.17 -0.99
C THR C 159 -10.85 17.10 0.33
N LEU C 160 -9.74 17.83 0.47
CA LEU C 160 -9.02 17.85 1.72
C LEU C 160 -9.88 18.38 2.88
N GLY C 161 -10.62 19.45 2.64
CA GLY C 161 -11.54 19.99 3.64
C GLY C 161 -12.51 18.94 4.18
N ALA C 162 -13.12 18.19 3.29
CA ALA C 162 -14.09 17.17 3.67
C ALA C 162 -13.42 16.02 4.42
N LEU C 163 -12.24 15.61 3.97
CA LEU C 163 -11.49 14.58 4.69
C LEU C 163 -11.10 15.07 6.08
N VAL C 164 -10.72 16.34 6.24
CA VAL C 164 -10.40 16.86 7.55
C VAL C 164 -11.68 16.88 8.42
N ALA C 165 -12.80 17.29 7.85
CA ALA C 165 -14.05 17.25 8.63
C ALA C 165 -14.32 15.81 9.14
N ASN C 166 -14.17 14.81 8.30
CA ASN C 166 -14.37 13.40 8.70
C ASN C 166 -13.39 13.05 9.77
N LEU C 167 -12.14 13.43 9.54
CA LEU C 167 -11.06 13.11 10.43
C LEU C 167 -11.26 13.57 11.85
N ILE C 168 -11.75 14.79 12.03
CA ILE C 168 -11.89 15.35 13.36
C ILE C 168 -13.33 15.34 13.86
N GLU C 169 -14.22 14.70 13.11
CA GLU C 169 -15.65 14.75 13.38
C GLU C 169 -16.16 16.16 13.54
N GLY C 170 -15.92 17.01 12.54
CA GLY C 170 -16.40 18.38 12.59
C GLY C 170 -17.90 18.43 12.58
N ASP C 171 -18.44 19.49 13.18
CA ASP C 171 -19.86 19.75 13.12
C ASP C 171 -20.19 20.35 11.78
N ALA C 172 -19.27 21.15 11.24
CA ALA C 172 -19.51 21.79 9.94
C ALA C 172 -18.23 22.11 9.17
N LEU C 173 -18.33 21.97 7.85
CA LEU C 173 -17.32 22.38 6.91
C LEU C 173 -17.82 23.68 6.28
N ILE C 174 -17.01 24.72 6.32
CA ILE C 174 -17.33 25.96 5.63
C ILE C 174 -16.37 26.19 4.47
N ILE C 175 -16.91 26.17 3.27
CA ILE C 175 -16.14 26.44 2.08
C ILE C 175 -16.38 27.87 1.62
N LEU C 176 -15.38 28.71 1.78
CA LEU C 176 -15.43 30.10 1.35
C LEU C 176 -14.84 30.23 -0.04
N THR C 177 -15.58 30.85 -0.96
CA THR C 177 -15.26 30.79 -2.39
C THR C 177 -15.48 32.16 -3.03
N ASP C 178 -15.32 32.23 -4.35
CA ASP C 178 -15.59 33.47 -5.09
C ASP C 178 -17.06 33.61 -5.51
N GLN C 179 -17.70 32.48 -5.81
CA GLN C 179 -19.10 32.44 -6.19
C GLN C 179 -20.05 32.46 -4.96
N GLN C 180 -21.32 32.79 -5.19
CA GLN C 180 -22.28 32.96 -4.08
C GLN C 180 -22.66 31.64 -3.38
N GLY C 181 -22.60 30.54 -4.14
CA GLY C 181 -23.05 29.24 -3.67
C GLY C 181 -23.47 28.40 -4.87
N LEU C 182 -24.37 27.44 -4.64
CA LEU C 182 -24.93 26.61 -5.70
C LEU C 182 -26.15 27.29 -6.33
N PHE C 183 -26.22 27.22 -7.66
CA PHE C 183 -27.35 27.78 -8.42
C PHE C 183 -28.20 26.68 -9.04
N THR C 184 -29.51 26.91 -9.16
CA THR C 184 -30.38 25.97 -9.88
C THR C 184 -29.81 25.59 -11.26
N ALA C 185 -29.15 26.54 -11.92
CA ALA C 185 -28.43 26.29 -13.18
C ALA C 185 -27.29 27.30 -13.38
N THR C 194 -31.64 30.95 -9.67
CA THR C 194 -31.82 31.05 -8.22
C THR C 194 -30.70 30.35 -7.45
N LEU C 195 -30.17 31.04 -6.45
CA LEU C 195 -29.26 30.45 -5.47
C LEU C 195 -30.04 29.53 -4.55
N VAL C 196 -29.51 28.33 -4.36
CA VAL C 196 -30.07 27.34 -3.42
C VAL C 196 -29.59 27.69 -2.01
N ALA C 197 -30.53 28.08 -1.15
CA ALA C 197 -30.21 28.49 0.20
C ALA C 197 -29.99 27.29 1.13
N GLU C 198 -30.78 26.23 0.89
CA GLU C 198 -30.80 25.04 1.77
C GLU C 198 -31.16 23.79 0.99
N ALA C 199 -30.46 22.70 1.29
CA ALA C 199 -30.72 21.40 0.69
C ALA C 199 -30.08 20.30 1.54
N SER C 200 -30.35 19.06 1.18
CA SER C 200 -29.75 17.91 1.84
C SER C 200 -28.41 17.60 1.20
N ALA C 201 -27.38 17.53 2.01
CA ALA C 201 -26.07 17.11 1.53
C ALA C 201 -26.17 15.73 0.90
N GLY C 202 -25.57 15.56 -0.27
CA GLY C 202 -25.53 14.27 -0.92
C GLY C 202 -26.66 14.00 -1.89
N ALA C 203 -27.65 14.88 -1.94
CA ALA C 203 -28.78 14.72 -2.86
C ALA C 203 -28.29 14.75 -4.31
N PRO C 204 -28.60 13.68 -5.09
CA PRO C 204 -28.16 13.51 -6.48
C PRO C 204 -28.29 14.74 -7.37
N GLU C 205 -29.40 15.47 -7.23
CA GLU C 205 -29.73 16.59 -8.09
C GLU C 205 -28.83 17.80 -7.86
N LEU C 206 -28.13 17.87 -6.73
CA LEU C 206 -27.19 18.96 -6.49
C LEU C 206 -26.03 18.88 -7.45
N GLU C 207 -25.65 17.65 -7.81
CA GLU C 207 -24.55 17.40 -8.76
C GLU C 207 -24.92 17.82 -10.19
N ALA C 208 -26.15 17.49 -10.61
CA ALA C 208 -26.70 17.98 -11.87
C ALA C 208 -26.75 19.51 -11.91
N MET C 209 -27.24 20.12 -10.83
CA MET C 209 -27.32 21.58 -10.74
C MET C 209 -25.97 22.29 -10.92
N ALA C 210 -24.88 21.61 -10.58
CA ALA C 210 -23.53 22.11 -10.88
C ALA C 210 -23.10 21.66 -12.27
N GLY C 221 -15.37 25.75 -9.66
CA GLY C 221 -15.24 24.36 -9.28
C GLY C 221 -16.39 23.95 -8.36
N MET C 222 -17.63 24.28 -8.76
CA MET C 222 -18.77 23.96 -7.92
C MET C 222 -18.96 22.48 -7.66
N LEU C 223 -18.71 21.64 -8.66
CA LEU C 223 -18.96 20.21 -8.54
C LEU C 223 -18.12 19.59 -7.44
N THR C 224 -16.83 19.92 -7.40
CA THR C 224 -15.93 19.36 -6.41
C THR C 224 -16.35 19.81 -5.00
N LYS C 225 -16.96 20.98 -4.89
CA LYS C 225 -17.45 21.47 -3.61
C LYS C 225 -18.69 20.71 -3.16
N ILE C 226 -19.57 20.39 -4.08
CA ILE C 226 -20.78 19.61 -3.75
C ILE C 226 -20.39 18.19 -3.38
N LEU C 227 -19.42 17.62 -4.11
CA LEU C 227 -18.92 16.29 -3.76
C LEU C 227 -18.26 16.33 -2.41
N ALA C 228 -17.56 17.42 -2.12
CA ALA C 228 -16.99 17.59 -0.78
C ALA C 228 -18.03 17.61 0.28
N ALA C 229 -19.14 18.28 0.03
CA ALA C 229 -20.24 18.30 1.02
C ALA C 229 -20.81 16.91 1.29
N LYS C 230 -20.94 16.11 0.24
CA LYS C 230 -21.40 14.70 0.37
C LYS C 230 -20.46 13.87 1.19
N ARG C 231 -19.16 14.00 0.92
CA ARG C 231 -18.18 13.30 1.68
C ARG C 231 -18.21 13.73 3.15
N ALA C 232 -18.27 15.03 3.39
CA ALA C 232 -18.32 15.53 4.77
C ALA C 232 -19.52 14.97 5.52
N ALA C 233 -20.67 14.87 4.84
CA ALA C 233 -21.89 14.40 5.50
C ALA C 233 -21.78 12.91 5.93
N HIS C 234 -20.82 12.16 5.36
CA HIS C 234 -20.58 10.79 5.77
C HIS C 234 -20.24 10.67 7.26
N SER C 235 -19.63 11.70 7.85
CA SER C 235 -19.39 11.72 9.30
C SER C 235 -20.39 12.55 10.07
N GLY C 236 -21.47 12.97 9.44
CA GLY C 236 -22.45 13.83 10.09
C GLY C 236 -22.17 15.33 10.01
N ALA C 237 -21.16 15.73 9.26
CA ALA C 237 -20.83 17.15 9.15
C ALA C 237 -21.71 17.82 8.12
N ASN C 238 -22.25 18.97 8.50
CA ASN C 238 -22.95 19.84 7.55
C ASN C 238 -21.96 20.68 6.78
N THR C 239 -22.39 21.22 5.63
CA THR C 239 -21.52 22.09 4.86
C THR C 239 -22.18 23.43 4.49
N VAL C 240 -21.41 24.50 4.52
CA VAL C 240 -21.86 25.79 4.03
C VAL C 240 -20.91 26.22 2.93
N ILE C 241 -21.47 26.59 1.80
CA ILE C 241 -20.68 27.13 0.70
C ILE C 241 -21.07 28.59 0.54
N ALA C 242 -20.15 29.51 0.78
CA ALA C 242 -20.48 30.94 0.78
C ALA C 242 -19.36 31.79 0.20
N SER C 243 -19.72 32.95 -0.32
CA SER C 243 -18.73 33.86 -0.90
C SER C 243 -17.88 34.48 0.18
N GLY C 244 -16.57 34.36 0.01
CA GLY C 244 -15.62 34.97 0.92
C GLY C 244 -15.57 36.48 0.69
N ARG C 245 -16.16 36.98 -0.40
CA ARG C 245 -16.33 38.44 -0.60
C ARG C 245 -17.38 39.07 0.30
N GLU C 246 -18.17 38.24 0.98
CA GLU C 246 -19.15 38.78 1.92
C GLU C 246 -18.45 39.29 3.16
N ARG C 247 -18.75 40.52 3.55
CA ARG C 247 -18.17 41.13 4.74
C ARG C 247 -18.51 40.33 6.01
N ASP C 248 -17.48 40.08 6.82
CA ASP C 248 -17.60 39.34 8.10
C ASP C 248 -18.35 38.05 7.99
N VAL C 249 -18.15 37.32 6.90
CA VAL C 249 -18.99 36.16 6.60
C VAL C 249 -18.99 35.12 7.73
N LEU C 250 -17.83 34.85 8.32
CA LEU C 250 -17.78 33.84 9.38
C LEU C 250 -18.49 34.27 10.66
N LEU C 251 -18.31 35.53 11.06
CA LEU C 251 -19.00 36.06 12.25
C LEU C 251 -20.53 36.05 12.07
N ARG C 252 -20.98 36.45 10.89
CA ARG C 252 -22.41 36.50 10.59
C ARG C 252 -23.04 35.10 10.58
N LEU C 253 -22.35 34.13 9.99
CA LEU C 253 -22.80 32.72 10.07
C LEU C 253 -22.88 32.25 11.52
N ALA C 254 -21.82 32.51 12.28
CA ALA C 254 -21.78 32.09 13.68
C ALA C 254 -22.84 32.79 14.53
N SER C 255 -23.26 34.00 14.13
CA SER C 255 -24.35 34.70 14.80
C SER C 255 -25.72 34.15 14.41
N GLY C 256 -25.78 33.28 13.42
CA GLY C 256 -27.02 32.62 13.01
C GLY C 256 -27.60 33.14 11.72
N GLU C 257 -26.89 34.04 11.03
CA GLU C 257 -27.35 34.55 9.72
C GLU C 257 -26.91 33.62 8.59
N ALA C 258 -27.88 33.09 7.85
CA ALA C 258 -27.58 32.18 6.75
C ALA C 258 -27.05 32.97 5.56
N ILE C 259 -25.92 32.52 5.01
CA ILE C 259 -25.31 33.13 3.84
C ILE C 259 -24.84 32.03 2.88
N GLY C 260 -25.10 32.20 1.59
CA GLY C 260 -24.78 31.19 0.59
C GLY C 260 -25.65 29.95 0.65
N THR C 261 -25.05 28.79 0.48
CA THR C 261 -25.79 27.53 0.42
C THR C 261 -25.45 26.67 1.62
N GLN C 262 -26.48 26.16 2.31
CA GLN C 262 -26.32 25.31 3.47
C GLN C 262 -26.79 23.90 3.13
N LEU C 263 -25.91 22.92 3.32
CA LEU C 263 -26.21 21.53 3.02
C LEU C 263 -26.19 20.74 4.32
N ILE C 264 -27.31 20.08 4.64
CA ILE C 264 -27.51 19.41 5.90
C ILE C 264 -27.29 17.91 5.75
N ALA C 265 -26.47 17.33 6.62
CA ALA C 265 -26.21 15.89 6.62
C ALA C 265 -27.44 15.12 7.04
N ARG C 266 -27.74 14.03 6.34
CA ARG C 266 -28.92 13.18 6.64
C ARG C 266 -28.78 12.50 8.00
N THR C 267 -27.54 12.18 8.37
CA THR C 267 -27.23 11.45 9.57
C THR C 267 -26.53 12.35 10.61
N ALA C 268 -26.82 12.12 11.89
CA ALA C 268 -26.16 12.85 12.98
C ALA C 268 -24.76 12.28 13.26
N ARG C 269 -23.96 13.06 13.98
CA ARG C 269 -22.57 12.73 14.27
C ARG C 269 -22.41 11.36 14.98
N MET C 270 -23.20 11.12 16.03
CA MET C 270 -23.05 9.88 16.80
C MET C 270 -23.51 8.68 15.96
N ALA C 271 -24.61 8.83 15.23
CA ALA C 271 -25.09 7.75 14.36
C ALA C 271 -24.11 7.46 13.21
N ALA C 272 -23.48 8.49 12.66
CA ALA C 272 -22.43 8.28 11.66
C ALA C 272 -21.23 7.57 12.27
N ARG C 273 -20.87 7.94 13.50
CA ARG C 273 -19.79 7.26 14.21
C ARG C 273 -20.10 5.78 14.42
N LYS C 274 -21.33 5.43 14.78
CA LYS C 274 -21.69 4.01 14.94
C LYS C 274 -21.65 3.23 13.65
N GLN C 275 -22.12 3.82 12.56
CA GLN C 275 -21.98 3.22 11.26
C GLN C 275 -20.51 3.06 10.87
N TRP C 276 -19.69 4.06 11.16
CA TRP C 276 -18.27 4.00 10.82
C TRP C 276 -17.61 2.84 11.58
N MET C 277 -17.90 2.73 12.87
CA MET C 277 -17.37 1.63 13.67
C MET C 277 -17.83 0.25 13.17
N ALA C 278 -19.10 0.13 12.82
CA ALA C 278 -19.61 -1.11 12.22
C ALA C 278 -18.95 -1.40 10.88
N ASP C 279 -18.78 -0.38 10.05
CA ASP C 279 -18.12 -0.56 8.76
C ASP C 279 -16.71 -1.14 8.91
N HIS C 280 -15.95 -0.68 9.92
CA HIS C 280 -14.55 -1.07 10.06
C HIS C 280 -14.29 -2.13 11.09
N LEU C 281 -15.33 -2.63 11.75
CA LEU C 281 -15.15 -3.64 12.80
C LEU C 281 -14.47 -4.91 12.26
N GLN C 282 -13.49 -5.40 12.97
CA GLN C 282 -12.97 -6.74 12.71
C GLN C 282 -13.22 -7.57 13.95
N VAL C 283 -13.30 -8.88 13.78
CA VAL C 283 -13.56 -9.81 14.90
C VAL C 283 -12.47 -10.87 15.03
N ARG C 284 -11.31 -10.62 14.42
CA ARG C 284 -10.14 -11.46 14.62
C ARG C 284 -9.62 -11.33 16.06
N GLY C 285 -9.92 -10.22 16.72
CA GLY C 285 -9.54 -10.03 18.13
C GLY C 285 -10.42 -9.03 18.86
N HIS C 286 -10.39 -9.10 20.18
CA HIS C 286 -11.17 -8.20 21.03
C HIS C 286 -10.57 -8.14 22.43
N VAL C 287 -11.18 -7.33 23.28
CA VAL C 287 -10.80 -7.28 24.69
C VAL C 287 -12.02 -7.54 25.58
N VAL C 288 -11.74 -8.15 26.72
CA VAL C 288 -12.69 -8.36 27.76
C VAL C 288 -12.38 -7.33 28.83
N ILE C 289 -13.40 -6.66 29.32
CA ILE C 289 -13.22 -5.58 30.25
C ILE C 289 -14.04 -5.85 31.49
N ASP C 290 -13.58 -5.33 32.63
CA ASP C 290 -14.30 -5.54 33.90
C ASP C 290 -15.47 -4.58 34.11
N ALA C 291 -16.29 -4.88 35.11
CA ALA C 291 -17.49 -4.12 35.43
C ALA C 291 -17.19 -2.64 35.67
N GLY C 292 -16.09 -2.36 36.38
CA GLY C 292 -15.67 -0.98 36.63
C GLY C 292 -15.43 -0.23 35.32
N ALA C 293 -14.80 -0.89 34.36
CA ALA C 293 -14.58 -0.30 33.05
C ALA C 293 -15.88 -0.16 32.27
N VAL C 294 -16.73 -1.16 32.32
CA VAL C 294 -18.06 -1.12 31.68
C VAL C 294 -18.87 0.06 32.20
N ASP C 295 -18.90 0.26 33.50
CA ASP C 295 -19.63 1.39 34.08
C ASP C 295 -19.07 2.73 33.60
N LYS C 296 -17.75 2.88 33.66
CA LYS C 296 -17.07 4.09 33.18
C LYS C 296 -17.44 4.42 31.73
N LEU C 297 -17.50 3.38 30.90
CA LEU C 297 -17.87 3.56 29.50
C LEU C 297 -19.33 3.94 29.33
N THR C 298 -20.22 3.15 29.95
CA THR C 298 -21.67 3.29 29.77
C THR C 298 -22.26 4.52 30.48
N ALA C 299 -21.87 4.73 31.74
CA ALA C 299 -22.39 5.85 32.51
C ALA C 299 -21.49 7.07 32.40
N GLY C 300 -20.20 6.88 32.67
CA GLY C 300 -19.27 8.03 32.81
C GLY C 300 -18.79 8.76 31.56
N GLY C 301 -19.21 8.32 30.37
CA GLY C 301 -18.71 8.91 29.11
C GLY C 301 -17.19 8.93 28.99
N LYS C 302 -16.51 7.92 29.51
CA LYS C 302 -15.04 7.96 29.65
C LYS C 302 -14.34 7.03 28.67
N SER C 303 -13.02 7.09 28.67
CA SER C 303 -12.20 6.25 27.82
C SER C 303 -12.02 4.85 28.43
N LEU C 304 -11.57 3.89 27.61
CA LEU C 304 -11.15 2.60 28.11
C LEU C 304 -9.64 2.67 28.35
N LEU C 305 -9.24 2.41 29.59
CA LEU C 305 -7.83 2.40 29.97
C LEU C 305 -7.33 0.95 30.06
N PRO C 306 -6.02 0.74 29.86
CA PRO C 306 -5.42 -0.58 30.00
C PRO C 306 -5.77 -1.29 31.29
N ILE C 307 -5.89 -0.54 32.38
CA ILE C 307 -6.17 -1.09 33.69
C ILE C 307 -7.52 -1.80 33.77
N GLY C 308 -8.48 -1.39 32.95
CA GLY C 308 -9.78 -2.05 32.89
C GLY C 308 -9.86 -3.32 32.05
N VAL C 309 -8.77 -3.67 31.37
CA VAL C 309 -8.76 -4.81 30.46
C VAL C 309 -8.42 -6.07 31.24
N VAL C 310 -9.33 -7.03 31.20
CA VAL C 310 -9.18 -8.30 31.92
C VAL C 310 -8.46 -9.31 31.05
N ALA C 311 -8.78 -9.33 29.76
CA ALA C 311 -8.08 -10.23 28.83
C ALA C 311 -8.09 -9.71 27.39
N VAL C 312 -7.14 -10.21 26.62
CA VAL C 312 -6.95 -9.89 25.25
C VAL C 312 -7.06 -11.21 24.48
N GLN C 313 -7.99 -11.26 23.53
CA GLN C 313 -8.27 -12.48 22.78
C GLN C 313 -7.98 -12.19 21.31
N GLY C 314 -7.31 -13.12 20.65
CA GLY C 314 -7.03 -13.01 19.24
C GLY C 314 -6.00 -11.95 18.90
N VAL C 315 -6.15 -11.34 17.73
CA VAL C 315 -5.15 -10.43 17.21
C VAL C 315 -5.77 -9.15 16.65
N PHE C 316 -5.11 -8.01 16.90
CA PHE C 316 -5.47 -6.74 16.31
C PHE C 316 -4.31 -5.78 16.35
N ALA C 317 -4.41 -4.74 15.56
CA ALA C 317 -3.35 -3.77 15.34
C ALA C 317 -3.86 -2.38 15.61
N ARG C 318 -2.93 -1.47 15.92
CA ARG C 318 -3.29 -0.09 16.20
C ARG C 318 -4.11 0.47 15.04
N GLY C 319 -5.22 1.13 15.37
CA GLY C 319 -6.06 1.72 14.35
C GLY C 319 -7.22 0.86 13.89
N GLU C 320 -7.25 -0.40 14.26
CA GLU C 320 -8.37 -1.25 13.94
C GLU C 320 -9.48 -1.03 14.97
N VAL C 321 -10.68 -1.37 14.55
CA VAL C 321 -11.85 -1.29 15.41
C VAL C 321 -12.09 -2.65 16.04
N ILE C 322 -12.16 -2.67 17.37
CA ILE C 322 -12.37 -3.88 18.12
C ILE C 322 -13.58 -3.78 19.04
N ALA C 323 -14.14 -4.93 19.36
CA ALA C 323 -15.21 -5.03 20.33
C ALA C 323 -14.61 -5.02 21.75
N CYS C 324 -15.35 -4.42 22.67
CA CYS C 324 -15.10 -4.52 24.09
C CYS C 324 -16.22 -5.38 24.70
N VAL C 325 -15.83 -6.52 25.26
CA VAL C 325 -16.79 -7.50 25.71
C VAL C 325 -16.74 -7.57 27.23
N ASN C 326 -17.91 -7.74 27.85
CA ASN C 326 -18.01 -7.85 29.28
C ASN C 326 -17.79 -9.32 29.70
N ASP C 327 -17.76 -9.54 31.00
CA ASP C 327 -17.51 -10.86 31.58
C ASP C 327 -18.51 -11.92 31.12
N ALA C 328 -19.76 -11.50 30.87
CA ALA C 328 -20.83 -12.35 30.37
C ALA C 328 -20.73 -12.67 28.87
N GLY C 329 -19.72 -12.12 28.19
CA GLY C 329 -19.56 -12.32 26.76
C GLY C 329 -20.39 -11.40 25.86
N ARG C 330 -21.05 -10.40 26.45
CA ARG C 330 -21.82 -9.42 25.68
C ARG C 330 -20.94 -8.25 25.21
N GLU C 331 -21.04 -7.89 23.93
CA GLU C 331 -20.35 -6.68 23.44
C GLU C 331 -21.03 -5.47 24.04
N VAL C 332 -20.25 -4.62 24.71
CA VAL C 332 -20.80 -3.40 25.31
C VAL C 332 -20.34 -2.13 24.58
N ALA C 333 -19.20 -2.20 23.90
CA ALA C 333 -18.69 -1.07 23.13
C ALA C 333 -17.79 -1.54 22.03
N ARG C 334 -17.46 -0.61 21.14
CA ARG C 334 -16.51 -0.88 20.10
C ARG C 334 -15.82 0.41 19.74
N GLY C 335 -14.54 0.31 19.38
CA GLY C 335 -13.75 1.48 19.13
C GLY C 335 -12.40 1.22 18.55
N ILE C 336 -11.73 2.31 18.18
CA ILE C 336 -10.39 2.24 17.61
C ILE C 336 -9.35 2.01 18.69
N THR C 337 -8.60 0.93 18.58
CA THR C 337 -7.52 0.63 19.54
C THR C 337 -6.22 1.38 19.24
N ASN C 338 -5.62 1.93 20.28
CA ASN C 338 -4.35 2.64 20.20
C ASN C 338 -3.16 1.68 20.18
N TYR C 339 -3.39 0.45 20.64
CA TYR C 339 -2.33 -0.53 20.83
C TYR C 339 -2.68 -1.82 20.10
N SER C 340 -1.66 -2.57 19.69
CA SER C 340 -1.81 -3.91 19.17
C SER C 340 -2.23 -4.89 20.26
N SER C 341 -2.69 -6.08 19.89
CA SER C 341 -3.07 -7.10 20.88
C SER C 341 -1.88 -7.57 21.72
N ALA C 342 -0.70 -7.68 21.09
CA ALA C 342 0.50 -8.08 21.82
C ALA C 342 0.90 -7.00 22.85
N GLU C 343 0.91 -5.75 22.42
CA GLU C 343 1.19 -4.63 23.34
C GLU C 343 0.12 -4.51 24.46
N ALA C 344 -1.16 -4.73 24.12
CA ALA C 344 -2.25 -4.77 25.11
C ALA C 344 -2.08 -5.90 26.12
N LYS C 345 -1.62 -7.05 25.65
CA LYS C 345 -1.27 -8.16 26.55
C LYS C 345 -0.20 -7.77 27.56
N LEU C 346 0.78 -7.00 27.11
CA LEU C 346 1.88 -6.59 27.97
C LEU C 346 1.48 -5.57 29.02
N ILE C 347 0.50 -4.72 28.70
CA ILE C 347 0.13 -3.59 29.57
C ILE C 347 -1.26 -3.72 30.22
N GLN C 348 -1.96 -4.82 29.97
CA GLN C 348 -3.27 -5.01 30.60
C GLN C 348 -3.15 -5.00 32.13
N ARG C 349 -4.14 -4.40 32.80
CA ARG C 349 -4.16 -4.26 34.27
C ARG C 349 -3.10 -3.31 34.84
N LYS C 350 -2.40 -2.57 33.99
CA LYS C 350 -1.35 -1.65 34.47
C LYS C 350 -1.83 -0.21 34.41
N PRO C 351 -1.44 0.61 35.40
CA PRO C 351 -1.71 2.04 35.27
C PRO C 351 -0.90 2.62 34.11
N SER C 352 -1.37 3.75 33.58
CA SER C 352 -0.77 4.34 32.40
C SER C 352 0.70 4.74 32.61
N GLY C 353 1.05 5.18 33.81
CA GLY C 353 2.42 5.55 34.12
C GLY C 353 3.41 4.40 34.08
N GLU C 354 2.93 3.16 34.01
CA GLU C 354 3.79 1.99 33.94
C GLU C 354 3.98 1.46 32.53
N ILE C 355 3.21 1.98 31.57
CA ILE C 355 3.31 1.51 30.19
C ILE C 355 4.71 1.65 29.60
N GLU C 356 5.37 2.78 29.87
CA GLU C 356 6.67 3.10 29.26
C GLU C 356 7.75 2.11 29.66
N ALA C 357 7.77 1.74 30.94
CA ALA C 357 8.70 0.75 31.45
C ALA C 357 8.47 -0.62 30.82
N VAL C 358 7.21 -1.01 30.66
CA VAL C 358 6.88 -2.32 30.14
C VAL C 358 7.21 -2.45 28.65
N LEU C 359 6.87 -1.45 27.86
CA LEU C 359 7.03 -1.51 26.40
C LEU C 359 8.35 -0.94 25.90
N GLY C 360 8.97 -0.05 26.67
CA GLY C 360 10.13 0.71 26.19
C GLY C 360 9.74 2.03 25.54
N TYR C 361 8.45 2.30 25.46
CA TYR C 361 7.92 3.53 24.87
C TYR C 361 6.47 3.60 25.31
N MET C 362 5.81 4.70 25.05
CA MET C 362 4.36 4.68 25.16
C MET C 362 3.72 5.44 24.04
N LEU C 363 2.46 5.10 23.80
CA LEU C 363 1.66 5.79 22.82
C LEU C 363 0.76 6.73 23.62
N GLU C 364 -0.57 6.58 23.53
CA GLU C 364 -1.50 7.34 24.35
C GLU C 364 -1.71 6.59 25.69
N PRO C 365 -2.22 7.29 26.70
CA PRO C 365 -2.52 6.59 27.94
C PRO C 365 -3.76 5.66 27.85
N GLU C 366 -4.65 5.95 26.92
CA GLU C 366 -5.89 5.19 26.78
C GLU C 366 -5.65 4.01 25.87
N LEU C 367 -6.38 2.92 26.09
CA LEU C 367 -6.43 1.86 25.11
C LEU C 367 -7.37 2.27 23.97
N ILE C 368 -8.57 2.76 24.32
CA ILE C 368 -9.52 3.30 23.33
C ILE C 368 -10.02 4.62 23.86
N HIS C 369 -9.73 5.72 23.17
CA HIS C 369 -10.19 7.03 23.59
C HIS C 369 -11.68 7.10 23.46
N ARG C 370 -12.29 7.82 24.39
CA ARG C 370 -13.74 8.11 24.33
C ARG C 370 -14.26 8.67 22.99
N ASP C 371 -13.44 9.43 22.28
CA ASP C 371 -13.84 10.01 20.99
C ASP C 371 -13.85 8.98 19.90
N ASN C 372 -13.24 7.82 20.17
CA ASN C 372 -13.04 6.78 19.18
C ASN C 372 -13.81 5.52 19.54
N LEU C 373 -14.87 5.65 20.32
CA LEU C 373 -15.70 4.49 20.63
C LEU C 373 -17.18 4.83 20.64
N VAL C 374 -17.99 3.79 20.49
CA VAL C 374 -19.43 3.89 20.62
C VAL C 374 -19.91 2.74 21.52
N LEU C 375 -21.03 2.97 22.18
CA LEU C 375 -21.73 1.98 22.95
C LEU C 375 -22.53 1.04 22.07
N VAL C 376 -22.55 -0.21 22.50
CA VAL C 376 -23.36 -1.21 21.79
C VAL C 376 -24.32 -1.88 22.76
N PRO D 2 36.50 -35.04 -20.42
CA PRO D 2 37.37 -34.61 -19.30
C PRO D 2 37.51 -33.07 -19.19
N GLY D 3 37.97 -32.42 -20.26
CA GLY D 3 38.12 -30.97 -20.26
C GLY D 3 36.96 -30.15 -20.82
N SER D 4 35.92 -30.79 -21.35
CA SER D 4 34.86 -30.06 -22.06
C SER D 4 34.06 -29.27 -21.03
N MET D 5 33.63 -28.06 -21.41
CA MET D 5 33.15 -27.06 -20.46
C MET D 5 32.12 -27.67 -19.54
N ARG D 6 32.25 -27.44 -18.25
CA ARG D 6 31.34 -28.01 -17.29
C ARG D 6 30.13 -27.10 -17.05
N SER D 7 28.95 -27.69 -16.96
CA SER D 7 27.77 -26.92 -16.60
C SER D 7 27.73 -26.62 -15.11
N ILE D 8 27.48 -25.36 -14.78
CA ILE D 8 27.30 -24.91 -13.40
C ILE D 8 26.14 -25.63 -12.71
N ILE D 9 25.24 -26.23 -13.49
CA ILE D 9 24.10 -26.93 -12.93
C ILE D 9 24.54 -28.17 -12.15
N ALA D 10 25.66 -28.78 -12.53
CA ALA D 10 26.18 -29.94 -11.79
C ALA D 10 26.49 -29.60 -10.31
N ASP D 11 26.91 -28.38 -10.03
CA ASP D 11 27.21 -27.94 -8.66
C ASP D 11 26.09 -27.08 -8.04
N SER D 12 24.87 -27.12 -8.57
CA SER D 12 23.78 -26.25 -8.11
C SER D 12 22.74 -27.13 -7.46
N LYS D 13 22.46 -26.90 -6.18
CA LYS D 13 21.52 -27.74 -5.47
C LYS D 13 20.05 -27.29 -5.66
N ARG D 14 19.81 -25.98 -5.68
CA ARG D 14 18.45 -25.46 -5.73
C ARG D 14 18.21 -24.76 -7.05
N LEU D 15 17.29 -25.30 -7.83
CA LEU D 15 17.07 -24.86 -9.18
C LEU D 15 15.68 -24.33 -9.38
N VAL D 16 15.57 -23.26 -10.13
CA VAL D 16 14.30 -22.83 -10.70
C VAL D 16 14.33 -23.19 -12.18
N VAL D 17 13.37 -24.00 -12.62
CA VAL D 17 13.28 -24.43 -13.99
C VAL D 17 12.07 -23.76 -14.63
N LYS D 18 12.31 -22.99 -15.67
CA LYS D 18 11.27 -22.28 -16.38
C LYS D 18 11.10 -22.84 -17.78
N VAL D 19 9.88 -23.29 -18.07
CA VAL D 19 9.59 -23.91 -19.34
C VAL D 19 8.67 -23.01 -20.16
N GLY D 20 9.11 -22.66 -21.36
CA GLY D 20 8.30 -21.81 -22.25
C GLY D 20 6.99 -22.44 -22.72
N SER D 21 6.00 -21.60 -23.04
CA SER D 21 4.69 -22.03 -23.59
C SER D 21 4.86 -22.96 -24.77
N SER D 22 5.67 -22.55 -25.74
CA SER D 22 5.86 -23.31 -26.96
C SER D 22 6.26 -24.77 -26.69
N LEU D 23 7.04 -24.98 -25.64
CA LEU D 23 7.53 -26.32 -25.30
C LEU D 23 6.44 -27.20 -24.70
N VAL D 24 5.47 -26.58 -24.03
CA VAL D 24 4.48 -27.33 -23.26
C VAL D 24 3.11 -27.44 -23.97
N THR D 25 2.91 -26.62 -25.01
CA THR D 25 1.67 -26.59 -25.78
C THR D 25 1.89 -27.02 -27.21
N ASN D 26 0.85 -27.65 -27.79
CA ASN D 26 0.79 -27.97 -29.20
C ASN D 26 0.14 -26.76 -29.86
N ASP D 27 0.94 -25.87 -30.46
CA ASP D 27 0.45 -24.62 -31.09
C ASP D 27 -0.46 -23.80 -30.18
N GLY D 30 -4.06 -27.32 -27.34
CA GLY D 30 -4.01 -27.62 -25.91
C GLY D 30 -2.63 -27.94 -25.40
N LEU D 31 -2.54 -28.86 -24.44
CA LEU D 31 -1.27 -29.23 -23.86
C LEU D 31 -0.67 -30.46 -24.52
N ASP D 32 0.66 -30.45 -24.64
CA ASP D 32 1.39 -31.61 -25.08
C ASP D 32 1.67 -32.45 -23.83
N HIS D 33 0.79 -33.39 -23.53
CA HIS D 33 0.92 -34.23 -22.32
C HIS D 33 2.21 -35.07 -22.29
N ASP D 34 2.69 -35.47 -23.45
CA ASP D 34 3.89 -36.29 -23.53
C ASP D 34 5.10 -35.47 -23.17
N ALA D 35 5.15 -34.24 -23.67
CA ALA D 35 6.29 -33.36 -23.39
C ALA D 35 6.34 -32.99 -21.90
N ILE D 36 5.16 -32.84 -21.29
CA ILE D 36 5.10 -32.57 -19.84
C ILE D 36 5.61 -33.78 -19.07
N GLY D 37 5.27 -34.98 -19.54
CA GLY D 37 5.78 -36.20 -18.94
C GLY D 37 7.28 -36.29 -18.99
N ARG D 38 7.86 -35.86 -20.10
CA ARG D 38 9.32 -35.84 -20.24
C ARG D 38 9.97 -34.84 -19.28
N TRP D 39 9.38 -33.66 -19.13
CA TRP D 39 9.92 -32.68 -18.15
C TRP D 39 9.79 -33.21 -16.75
N ALA D 40 8.63 -33.80 -16.47
CA ALA D 40 8.40 -34.42 -15.18
C ALA D 40 9.39 -35.52 -14.88
N ALA D 41 9.67 -36.38 -15.86
CA ALA D 41 10.67 -37.44 -15.69
C ALA D 41 12.07 -36.90 -15.44
N GLN D 42 12.45 -35.87 -16.17
CA GLN D 42 13.76 -35.24 -15.97
C GLN D 42 13.88 -34.57 -14.60
N ILE D 43 12.85 -33.83 -14.23
CA ILE D 43 12.85 -33.17 -12.91
C ILE D 43 12.89 -34.21 -11.80
N ALA D 44 12.16 -35.31 -12.00
CA ALA D 44 12.15 -36.40 -11.04
C ALA D 44 13.55 -36.98 -10.83
N ALA D 45 14.29 -37.15 -11.92
CA ALA D 45 15.64 -37.67 -11.81
C ALA D 45 16.59 -36.68 -11.11
N LEU D 46 16.39 -35.40 -11.33
CA LEU D 46 17.13 -34.37 -10.56
C LEU D 46 16.79 -34.43 -9.07
N ARG D 47 15.50 -34.53 -8.76
CA ARG D 47 15.06 -34.65 -7.36
C ARG D 47 15.76 -35.83 -6.68
N ASN D 48 15.90 -36.94 -7.41
CA ASN D 48 16.45 -38.17 -6.84
C ASN D 48 17.98 -38.12 -6.72
N GLU D 49 18.61 -37.19 -7.42
CA GLU D 49 20.02 -36.92 -7.24
C GLU D 49 20.24 -35.90 -6.08
N GLY D 50 19.17 -35.41 -5.47
CA GLY D 50 19.27 -34.51 -4.31
C GLY D 50 19.01 -33.02 -4.61
N LYS D 51 18.63 -32.70 -5.85
CA LYS D 51 18.35 -31.31 -6.19
C LYS D 51 17.01 -30.90 -5.62
N GLU D 52 16.87 -29.61 -5.33
CA GLU D 52 15.61 -29.00 -4.96
C GLU D 52 15.19 -28.20 -6.18
N VAL D 53 13.97 -28.45 -6.65
CA VAL D 53 13.52 -27.90 -7.89
C VAL D 53 12.20 -27.21 -7.66
N VAL D 54 12.10 -25.99 -8.17
CA VAL D 54 10.84 -25.27 -8.33
C VAL D 54 10.58 -25.11 -9.84
N LEU D 55 9.36 -25.36 -10.26
CA LEU D 55 8.97 -25.27 -11.65
C LEU D 55 8.11 -24.05 -11.92
N VAL D 56 8.50 -23.25 -12.90
CA VAL D 56 7.72 -22.17 -13.39
C VAL D 56 7.30 -22.52 -14.82
N SER D 57 6.03 -22.87 -15.01
CA SER D 57 5.54 -23.36 -16.30
C SER D 57 4.41 -22.50 -16.86
N SER D 58 4.45 -22.26 -18.17
CA SER D 58 3.36 -21.61 -18.92
C SER D 58 2.35 -22.69 -19.40
N GLY D 59 1.34 -22.30 -20.19
CA GLY D 59 0.43 -23.27 -20.82
C GLY D 59 -1.04 -23.18 -20.41
N ALA D 60 -1.32 -22.38 -19.38
CA ALA D 60 -2.67 -22.31 -18.84
C ALA D 60 -3.70 -21.78 -19.84
N ILE D 61 -3.31 -20.79 -20.63
CA ILE D 61 -4.23 -20.22 -21.61
C ILE D 61 -4.56 -21.18 -22.74
N ALA D 62 -3.54 -21.86 -23.24
CA ALA D 62 -3.71 -22.86 -24.28
C ALA D 62 -4.62 -23.99 -23.82
N GLU D 63 -4.48 -24.40 -22.56
CA GLU D 63 -5.34 -25.46 -22.01
C GLU D 63 -6.75 -24.95 -21.83
N GLY D 64 -6.87 -23.72 -21.35
CA GLY D 64 -8.16 -23.09 -21.20
C GLY D 64 -8.89 -22.99 -22.53
N MET D 65 -8.17 -22.56 -23.55
CA MET D 65 -8.72 -22.46 -24.89
C MET D 65 -9.31 -23.80 -25.30
N GLN D 66 -8.52 -24.87 -25.16
CA GLN D 66 -8.99 -26.20 -25.56
C GLN D 66 -10.25 -26.59 -24.80
N ARG D 67 -10.25 -26.36 -23.50
CA ARG D 67 -11.38 -26.72 -22.67
C ARG D 67 -12.64 -25.89 -22.95
N LEU D 68 -12.45 -24.66 -23.44
CA LEU D 68 -13.58 -23.79 -23.76
C LEU D 68 -14.00 -23.90 -25.23
N GLY D 69 -13.30 -24.72 -26.02
CA GLY D 69 -13.64 -24.90 -27.42
C GLY D 69 -13.21 -23.75 -28.32
N TRP D 70 -12.16 -23.04 -27.93
CA TRP D 70 -11.64 -21.92 -28.72
C TRP D 70 -10.45 -22.36 -29.55
N SER D 71 -10.50 -22.09 -30.85
CA SER D 71 -9.42 -22.44 -31.78
C SER D 71 -8.39 -21.31 -31.91
N ARG D 72 -8.83 -20.07 -31.69
CA ARG D 72 -7.97 -18.89 -31.81
C ARG D 72 -7.75 -18.25 -30.42
N ARG D 73 -6.51 -17.85 -30.16
CA ARG D 73 -6.18 -17.14 -28.93
C ARG D 73 -7.02 -15.89 -28.89
N PRO D 74 -7.76 -15.67 -27.79
CA PRO D 74 -8.58 -14.47 -27.72
C PRO D 74 -7.72 -13.20 -27.65
N ARG D 75 -8.25 -12.11 -28.20
CA ARG D 75 -7.60 -10.81 -28.19
C ARG D 75 -7.98 -10.00 -26.94
N GLU D 76 -9.22 -10.16 -26.46
CA GLU D 76 -9.67 -9.44 -25.28
C GLU D 76 -9.09 -10.00 -23.98
N ILE D 77 -8.67 -9.11 -23.08
CA ILE D 77 -7.97 -9.52 -21.85
C ILE D 77 -8.82 -10.39 -20.91
N ASP D 78 -10.10 -10.06 -20.81
CA ASP D 78 -11.01 -10.81 -19.93
C ASP D 78 -11.16 -12.25 -20.42
N GLU D 79 -11.22 -12.48 -21.75
CA GLU D 79 -11.32 -13.84 -22.29
C GLU D 79 -10.01 -14.56 -22.04
N LEU D 80 -8.91 -13.86 -22.16
CA LEU D 80 -7.61 -14.43 -21.78
C LEU D 80 -7.55 -14.79 -20.31
N GLN D 81 -8.04 -13.94 -19.43
CA GLN D 81 -8.07 -14.27 -18.00
C GLN D 81 -8.95 -15.47 -17.71
N ALA D 82 -10.10 -15.56 -18.39
CA ALA D 82 -11.00 -16.72 -18.23
C ALA D 82 -10.36 -18.02 -18.67
N ALA D 83 -9.74 -17.98 -19.85
CA ALA D 83 -9.00 -19.14 -20.33
C ALA D 83 -7.91 -19.54 -19.36
N ALA D 84 -7.20 -18.56 -18.79
CA ALA D 84 -6.17 -18.88 -17.80
C ALA D 84 -6.74 -19.59 -16.58
N ALA D 85 -7.86 -19.11 -16.05
CA ALA D 85 -8.45 -19.71 -14.85
C ALA D 85 -8.99 -21.10 -15.12
N VAL D 86 -9.52 -21.31 -16.32
CA VAL D 86 -9.96 -22.64 -16.73
C VAL D 86 -8.74 -23.55 -16.92
N GLY D 87 -7.73 -23.04 -17.61
CA GLY D 87 -6.57 -23.86 -18.00
C GLY D 87 -5.65 -24.24 -16.88
N GLN D 88 -5.56 -23.37 -15.89
CA GLN D 88 -4.76 -23.59 -14.69
C GLN D 88 -5.07 -24.94 -14.04
N MET D 89 -6.35 -25.25 -13.94
CA MET D 89 -6.80 -26.52 -13.35
C MET D 89 -6.29 -27.77 -14.11
N GLY D 90 -6.32 -27.70 -15.44
CA GLY D 90 -5.81 -28.79 -16.27
C GLY D 90 -4.30 -28.90 -16.26
N LEU D 91 -3.61 -27.77 -16.38
CA LEU D 91 -2.14 -27.75 -16.43
C LEU D 91 -1.55 -28.42 -15.20
N ALA D 92 -2.13 -28.12 -14.05
CA ALA D 92 -1.63 -28.64 -12.78
C ALA D 92 -1.92 -30.12 -12.65
N GLN D 93 -3.15 -30.52 -12.97
CA GLN D 93 -3.55 -31.94 -12.89
C GLN D 93 -2.65 -32.85 -13.73
N VAL D 94 -2.18 -32.35 -14.87
CA VAL D 94 -1.28 -33.10 -15.71
C VAL D 94 0.05 -33.26 -15.00
N TYR D 95 0.58 -32.15 -14.52
CA TYR D 95 1.86 -32.18 -13.81
C TYR D 95 1.78 -33.10 -12.60
N GLU D 96 0.69 -33.03 -11.85
CA GLU D 96 0.56 -33.85 -10.66
C GLU D 96 0.59 -35.35 -11.03
N SER D 97 -0.19 -35.72 -12.04
CA SER D 97 -0.21 -37.11 -12.56
C SER D 97 1.16 -37.62 -12.99
N ARG D 98 1.85 -36.87 -13.84
CA ARG D 98 3.13 -37.32 -14.34
C ARG D 98 4.16 -37.38 -13.20
N PHE D 99 4.17 -36.39 -12.31
CA PHE D 99 5.06 -36.46 -11.11
C PHE D 99 4.70 -37.60 -10.16
N ALA D 100 3.41 -37.85 -9.98
CA ALA D 100 2.93 -38.98 -9.14
C ALA D 100 3.47 -40.32 -9.61
N GLU D 101 3.63 -40.51 -10.93
CA GLU D 101 4.23 -41.74 -11.46
C GLU D 101 5.66 -41.97 -10.97
N HIS D 102 6.34 -40.90 -10.55
CA HIS D 102 7.67 -40.99 -9.97
C HIS D 102 7.69 -40.86 -8.46
N GLY D 103 6.52 -40.90 -7.82
CA GLY D 103 6.43 -40.76 -6.37
C GLY D 103 6.67 -39.35 -5.84
N ILE D 104 6.49 -38.33 -6.69
CA ILE D 104 6.73 -36.93 -6.25
C ILE D 104 5.45 -36.15 -6.04
N ARG D 105 5.32 -35.51 -4.87
CA ARG D 105 4.24 -34.56 -4.59
C ARG D 105 4.54 -33.21 -5.23
N THR D 106 3.48 -32.55 -5.68
CA THR D 106 3.58 -31.20 -6.20
C THR D 106 2.66 -30.28 -5.42
N ALA D 107 2.86 -28.99 -5.61
CA ALA D 107 1.97 -28.00 -5.07
C ALA D 107 1.78 -26.90 -6.08
N GLN D 108 0.59 -26.29 -6.10
CA GLN D 108 0.32 -25.16 -7.00
C GLN D 108 0.48 -23.89 -6.19
N ILE D 109 1.15 -22.92 -6.77
CA ILE D 109 1.39 -21.64 -6.14
C ILE D 109 1.05 -20.59 -7.22
N LEU D 110 0.35 -19.55 -6.82
CA LEU D 110 0.14 -18.42 -7.70
C LEU D 110 0.73 -17.21 -7.01
N LEU D 111 1.56 -16.48 -7.72
CA LEU D 111 2.21 -15.28 -7.20
C LEU D 111 2.10 -14.16 -8.22
N THR D 112 2.15 -12.92 -7.75
CA THR D 112 2.33 -11.77 -8.63
C THR D 112 3.50 -10.94 -8.13
N HIS D 113 4.08 -10.13 -9.01
CA HIS D 113 5.15 -9.21 -8.65
C HIS D 113 4.68 -8.21 -7.55
N ALA D 114 3.40 -7.85 -7.58
CA ALA D 114 2.83 -7.01 -6.54
C ALA D 114 2.91 -7.67 -5.16
N ASP D 115 2.50 -8.94 -5.06
CA ASP D 115 2.64 -9.69 -3.78
C ASP D 115 4.04 -9.53 -3.18
N LEU D 116 5.04 -9.73 -4.02
CA LEU D 116 6.42 -9.76 -3.56
C LEU D 116 6.97 -8.39 -3.22
N ALA D 117 6.24 -7.31 -3.53
CA ALA D 117 6.72 -5.94 -3.21
C ALA D 117 6.41 -5.56 -1.77
N ASP D 118 5.47 -6.25 -1.16
CA ASP D 118 5.17 -6.10 0.28
C ASP D 118 6.08 -6.99 1.16
N ARG D 119 6.69 -6.41 2.19
CA ARG D 119 7.61 -7.11 3.09
C ARG D 119 7.03 -8.34 3.78
N GLU D 120 5.77 -8.26 4.18
CA GLU D 120 5.11 -9.34 4.87
C GLU D 120 4.75 -10.44 3.90
N ARG D 121 4.21 -10.07 2.75
CA ARG D 121 3.78 -11.06 1.77
C ARG D 121 4.98 -11.75 1.14
N TYR D 122 6.06 -11.01 0.94
CA TYR D 122 7.34 -11.59 0.48
C TYR D 122 7.84 -12.67 1.45
N LEU D 123 7.88 -12.35 2.75
CA LEU D 123 8.28 -13.32 3.77
C LEU D 123 7.31 -14.52 3.81
N ASN D 124 6.03 -14.26 3.72
CA ASN D 124 5.03 -15.34 3.75
C ASN D 124 5.24 -16.30 2.58
N ALA D 125 5.47 -15.77 1.38
CA ALA D 125 5.65 -16.60 0.18
C ALA D 125 6.96 -17.38 0.23
N ARG D 126 8.01 -16.69 0.68
CA ARG D 126 9.30 -17.31 0.87
C ARG D 126 9.20 -18.48 1.86
N SER D 127 8.55 -18.25 2.96
CA SER D 127 8.39 -19.25 4.00
C SER D 127 7.57 -20.48 3.51
N THR D 128 6.49 -20.22 2.78
CA THR D 128 5.75 -21.29 2.13
C THR D 128 6.69 -22.16 1.25
N LEU D 129 7.41 -21.52 0.35
CA LEU D 129 8.24 -22.25 -0.60
C LEU D 129 9.37 -23.02 0.07
N LEU D 130 10.03 -22.41 1.06
CA LEU D 130 11.13 -23.07 1.74
C LEU D 130 10.61 -24.25 2.54
N THR D 131 9.40 -24.14 3.09
CA THR D 131 8.80 -25.26 3.82
C THR D 131 8.43 -26.39 2.87
N LEU D 132 7.89 -26.06 1.71
CA LEU D 132 7.61 -27.07 0.70
C LEU D 132 8.90 -27.81 0.26
N LEU D 133 9.99 -27.07 0.05
CA LEU D 133 11.27 -27.70 -0.38
C LEU D 133 11.82 -28.62 0.71
N ARG D 134 11.78 -28.17 1.97
CA ARG D 134 12.11 -29.01 3.13
C ARG D 134 11.32 -30.34 3.14
N LEU D 135 10.04 -30.28 2.80
CA LEU D 135 9.21 -31.49 2.80
C LEU D 135 9.39 -32.33 1.54
N GLY D 136 10.22 -31.89 0.60
CA GLY D 136 10.46 -32.64 -0.62
C GLY D 136 9.37 -32.53 -1.66
N VAL D 137 8.59 -31.46 -1.60
CA VAL D 137 7.54 -31.21 -2.60
C VAL D 137 8.13 -30.37 -3.73
N VAL D 138 7.67 -30.59 -4.97
CA VAL D 138 8.04 -29.72 -6.10
C VAL D 138 6.96 -28.65 -6.28
N PRO D 139 7.26 -27.39 -5.91
CA PRO D 139 6.30 -26.32 -6.15
C PRO D 139 6.21 -25.99 -7.62
N ILE D 140 5.00 -25.76 -8.09
CA ILE D 140 4.75 -25.32 -9.46
C ILE D 140 4.13 -23.95 -9.39
N ILE D 141 4.83 -22.96 -9.94
CA ILE D 141 4.49 -21.57 -9.75
C ILE D 141 3.99 -20.95 -11.05
N ASN D 142 2.87 -20.26 -10.95
CA ASN D 142 2.36 -19.45 -12.03
C ASN D 142 1.93 -18.10 -11.55
N GLU D 143 1.79 -17.20 -12.52
CA GLU D 143 1.28 -15.85 -12.28
C GLU D 143 -0.20 -15.96 -12.00
N ASN D 144 -0.67 -15.12 -11.11
CA ASN D 144 -2.11 -15.01 -10.86
C ASN D 144 -2.77 -14.04 -11.82
N ASP D 145 -3.18 -14.56 -12.98
CA ASP D 145 -3.75 -13.75 -14.07
C ASP D 145 -5.15 -13.18 -13.76
N THR D 146 -5.80 -13.71 -12.73
CA THR D 146 -7.05 -13.14 -12.28
C THR D 146 -6.90 -11.69 -11.77
N VAL D 147 -5.77 -11.39 -11.13
CA VAL D 147 -5.58 -10.08 -10.52
C VAL D 147 -4.55 -9.18 -11.21
N VAL D 148 -3.57 -9.76 -11.91
CA VAL D 148 -2.50 -9.02 -12.62
C VAL D 148 -2.32 -9.59 -14.02
N THR D 149 -2.42 -8.74 -15.04
CA THR D 149 -2.51 -9.20 -16.43
C THR D 149 -1.29 -8.83 -17.28
N ASP D 150 -0.20 -8.44 -16.61
CA ASP D 150 1.08 -8.15 -17.27
C ASP D 150 1.70 -9.39 -17.93
N GLU D 151 1.60 -10.55 -17.26
CA GLU D 151 2.31 -11.74 -17.74
C GLU D 151 1.62 -12.31 -19.00
N ILE D 152 0.29 -12.30 -18.98
CA ILE D 152 -0.50 -12.76 -20.13
C ILE D 152 -0.31 -11.86 -21.33
N LYS D 153 -0.30 -10.54 -21.07
CA LYS D 153 -0.30 -9.52 -22.12
C LYS D 153 0.95 -9.57 -22.99
N PHE D 154 2.12 -9.42 -22.35
CA PHE D 154 3.42 -9.25 -23.02
C PHE D 154 4.46 -10.37 -22.77
N GLY D 155 4.23 -11.19 -21.74
CA GLY D 155 5.21 -12.11 -21.17
C GLY D 155 5.19 -13.61 -21.49
N ASP D 156 6.26 -14.29 -21.10
CA ASP D 156 6.30 -15.75 -21.06
C ASP D 156 6.98 -16.19 -19.77
N ASN D 157 6.65 -15.53 -18.67
CA ASN D 157 7.10 -15.92 -17.33
C ASN D 157 8.62 -15.83 -17.09
N ASP D 158 9.34 -15.11 -17.95
CA ASP D 158 10.76 -14.91 -17.76
C ASP D 158 10.99 -14.09 -16.50
N THR D 159 10.24 -13.00 -16.34
CA THR D 159 10.41 -12.14 -15.16
C THR D 159 9.98 -12.91 -13.90
N LEU D 160 8.94 -13.72 -14.01
CA LEU D 160 8.54 -14.56 -12.87
C LEU D 160 9.64 -15.53 -12.42
N GLY D 161 10.27 -16.20 -13.37
CA GLY D 161 11.39 -17.10 -13.08
C GLY D 161 12.52 -16.47 -12.27
N ALA D 162 12.92 -15.27 -12.66
CA ALA D 162 13.95 -14.53 -11.96
C ALA D 162 13.47 -14.09 -10.58
N LEU D 163 12.23 -13.66 -10.47
CA LEU D 163 11.67 -13.32 -9.15
C LEU D 163 11.62 -14.53 -8.25
N VAL D 164 11.26 -15.70 -8.79
CA VAL D 164 11.23 -16.91 -7.95
C VAL D 164 12.67 -17.29 -7.52
N ALA D 165 13.62 -17.20 -8.44
CA ALA D 165 14.99 -17.44 -8.06
C ALA D 165 15.43 -16.52 -6.88
N ASN D 166 15.14 -15.22 -6.98
CA ASN D 166 15.47 -14.30 -5.88
C ASN D 166 14.75 -14.73 -4.61
N LEU D 167 13.46 -15.03 -4.74
CA LEU D 167 12.62 -15.36 -3.60
C LEU D 167 13.11 -16.56 -2.77
N ILE D 168 13.58 -17.61 -3.44
CA ILE D 168 14.02 -18.82 -2.73
C ILE D 168 15.53 -18.94 -2.64
N GLU D 169 16.24 -17.89 -3.07
CA GLU D 169 17.70 -17.93 -3.20
C GLU D 169 18.18 -19.14 -3.96
N GLY D 170 17.71 -19.28 -5.19
CA GLY D 170 18.15 -20.38 -6.04
C GLY D 170 19.61 -20.29 -6.42
N ASP D 171 20.23 -21.43 -6.65
CA ASP D 171 21.60 -21.48 -7.11
C ASP D 171 21.58 -21.17 -8.60
N ALA D 172 20.53 -21.59 -9.30
CA ALA D 172 20.47 -21.40 -10.73
C ALA D 172 19.04 -21.35 -11.26
N LEU D 173 18.85 -20.48 -12.23
CA LEU D 173 17.62 -20.37 -12.99
C LEU D 173 17.92 -21.01 -14.36
N ILE D 174 17.09 -21.96 -14.76
CA ILE D 174 17.22 -22.57 -16.08
C ILE D 174 16.04 -22.17 -16.94
N ILE D 175 16.31 -21.41 -17.99
CA ILE D 175 15.31 -20.99 -18.93
C ILE D 175 15.36 -21.89 -20.17
N LEU D 176 14.35 -22.76 -20.30
CA LEU D 176 14.22 -23.63 -21.44
C LEU D 176 13.30 -22.99 -22.46
N THR D 177 13.77 -22.89 -23.69
CA THR D 177 13.14 -22.11 -24.72
C THR D 177 13.06 -22.83 -26.04
N ASP D 178 12.56 -22.16 -27.08
CA ASP D 178 12.62 -22.71 -28.47
C ASP D 178 14.00 -22.61 -29.18
N GLN D 179 14.84 -21.63 -28.84
CA GLN D 179 16.10 -21.38 -29.54
C GLN D 179 17.31 -21.73 -28.72
N MET D 222 15.47 -12.76 -27.30
CA MET D 222 16.29 -13.17 -26.13
C MET D 222 16.46 -12.04 -25.11
N LEU D 223 16.05 -10.80 -25.41
CA LEU D 223 16.36 -9.68 -24.52
C LEU D 223 15.76 -9.82 -23.13
N THR D 224 14.48 -10.19 -23.06
CA THR D 224 13.81 -10.35 -21.77
C THR D 224 14.48 -11.46 -20.96
N LYS D 225 15.01 -12.46 -21.64
CA LYS D 225 15.67 -13.57 -20.93
C LYS D 225 17.01 -13.12 -20.35
N ILE D 226 17.72 -12.26 -21.09
CA ILE D 226 18.99 -11.72 -20.60
C ILE D 226 18.75 -10.77 -19.44
N LEU D 227 17.71 -9.94 -19.55
CA LEU D 227 17.32 -9.10 -18.43
C LEU D 227 16.87 -9.94 -17.23
N ALA D 228 16.17 -11.05 -17.48
CA ALA D 228 15.88 -12.02 -16.40
C ALA D 228 17.12 -12.57 -15.74
N ALA D 229 18.13 -12.88 -16.53
CA ALA D 229 19.38 -13.41 -15.97
C ALA D 229 20.04 -12.38 -15.06
N LYS D 230 20.01 -11.11 -15.48
CA LYS D 230 20.50 -9.99 -14.65
C LYS D 230 19.78 -9.88 -13.31
N ARG D 231 18.47 -9.93 -13.37
CA ARG D 231 17.65 -9.89 -12.17
C ARG D 231 17.97 -11.09 -11.27
N ALA D 232 18.10 -12.29 -11.86
CA ALA D 232 18.40 -13.50 -11.05
C ALA D 232 19.76 -13.39 -10.39
N ALA D 233 20.73 -12.84 -11.11
CA ALA D 233 22.07 -12.70 -10.57
C ALA D 233 22.12 -11.77 -9.36
N HIS D 234 21.13 -10.89 -9.22
CA HIS D 234 21.13 -10.00 -8.08
C HIS D 234 21.07 -10.74 -6.75
N SER D 235 20.51 -11.95 -6.72
CA SER D 235 20.56 -12.78 -5.51
C SER D 235 21.66 -13.85 -5.59
N GLY D 236 22.57 -13.72 -6.55
CA GLY D 236 23.64 -14.70 -6.71
C GLY D 236 23.27 -15.92 -7.54
N ALA D 237 22.10 -15.92 -8.17
CA ALA D 237 21.73 -17.05 -9.02
C ALA D 237 22.34 -16.97 -10.40
N ASN D 238 22.92 -18.08 -10.84
CA ASN D 238 23.40 -18.21 -12.21
C ASN D 238 22.26 -18.55 -13.11
N THR D 239 22.40 -18.31 -14.40
CA THR D 239 21.33 -18.62 -15.35
C THR D 239 21.82 -19.44 -16.54
N VAL D 240 21.02 -20.40 -16.96
CA VAL D 240 21.33 -21.15 -18.18
C VAL D 240 20.17 -20.96 -19.10
N ILE D 241 20.48 -20.61 -20.34
CA ILE D 241 19.45 -20.45 -21.35
C ILE D 241 19.72 -21.53 -22.36
N ALA D 242 18.79 -22.45 -22.53
CA ALA D 242 19.01 -23.59 -23.41
C ALA D 242 17.73 -23.98 -24.11
N SER D 243 17.88 -24.54 -25.29
CA SER D 243 16.71 -25.03 -26.01
C SER D 243 16.11 -26.25 -25.32
N GLY D 244 14.81 -26.18 -25.07
CA GLY D 244 14.06 -27.31 -24.57
C GLY D 244 13.90 -28.41 -25.60
N ARG D 245 14.20 -28.14 -26.88
CA ARG D 245 14.21 -29.19 -27.92
C ARG D 245 15.48 -30.04 -27.88
N GLU D 246 16.44 -29.72 -27.01
CA GLU D 246 17.61 -30.58 -26.81
C GLU D 246 17.21 -31.82 -25.99
N ARG D 247 17.58 -33.00 -26.48
CA ARG D 247 17.27 -34.28 -25.85
C ARG D 247 17.80 -34.32 -24.44
N ASP D 248 16.96 -34.65 -23.45
CA ASP D 248 17.37 -34.79 -22.04
C ASP D 248 18.18 -33.64 -21.50
N VAL D 249 17.79 -32.44 -21.90
CA VAL D 249 18.59 -31.28 -21.59
C VAL D 249 18.87 -31.13 -20.10
N LEU D 250 17.88 -31.35 -19.23
CA LEU D 250 18.09 -31.11 -17.78
C LEU D 250 19.05 -32.14 -17.17
N LEU D 251 18.90 -33.42 -17.55
CA LEU D 251 19.80 -34.48 -17.09
C LEU D 251 21.24 -34.23 -17.54
N ARG D 252 21.41 -33.83 -18.79
CA ARG D 252 22.74 -33.57 -19.33
C ARG D 252 23.42 -32.39 -18.63
N LEU D 253 22.68 -31.32 -18.38
CA LEU D 253 23.20 -30.18 -17.59
C LEU D 253 23.61 -30.63 -16.19
N ALA D 254 22.73 -31.37 -15.54
CA ALA D 254 22.98 -31.83 -14.17
C ALA D 254 24.14 -32.81 -14.13
N SER D 255 24.39 -33.53 -15.23
CA SER D 255 25.54 -34.41 -15.29
C SER D 255 26.84 -33.63 -15.53
N GLY D 256 26.73 -32.33 -15.82
CA GLY D 256 27.90 -31.46 -16.03
C GLY D 256 28.20 -31.12 -17.48
N GLU D 257 27.32 -31.50 -18.41
CA GLU D 257 27.47 -31.11 -19.81
C GLU D 257 26.85 -29.73 -20.05
N ALA D 258 27.65 -28.78 -20.50
CA ALA D 258 27.16 -27.43 -20.81
C ALA D 258 26.39 -27.47 -22.12
N ILE D 259 25.19 -26.85 -22.10
CA ILE D 259 24.35 -26.73 -23.26
C ILE D 259 23.74 -25.33 -23.28
N GLY D 260 23.72 -24.71 -24.44
CA GLY D 260 23.21 -23.35 -24.60
C GLY D 260 24.16 -22.30 -24.04
N THR D 261 23.60 -21.32 -23.35
CA THR D 261 24.38 -20.22 -22.83
C THR D 261 24.31 -20.21 -21.32
N GLN D 262 25.46 -20.09 -20.69
CA GLN D 262 25.59 -20.07 -19.24
C GLN D 262 26.04 -18.69 -18.79
N LEU D 263 25.26 -18.04 -17.93
CA LEU D 263 25.56 -16.71 -17.41
C LEU D 263 25.84 -16.82 -15.92
N ILE D 264 27.02 -16.38 -15.53
CA ILE D 264 27.50 -16.53 -14.17
C ILE D 264 27.27 -15.21 -13.43
N ALA D 265 26.66 -15.30 -12.25
CA ALA D 265 26.49 -14.14 -11.39
C ALA D 265 27.84 -13.62 -10.87
N ARG D 266 28.02 -12.30 -10.88
CA ARG D 266 29.23 -11.67 -10.37
C ARG D 266 29.41 -11.90 -8.87
N THR D 267 28.29 -11.93 -8.15
CA THR D 267 28.27 -12.02 -6.70
C THR D 267 27.78 -13.39 -6.28
N ALA D 268 28.37 -13.93 -5.23
CA ALA D 268 27.92 -15.21 -4.69
C ALA D 268 26.63 -15.04 -3.86
N ARG D 269 25.97 -16.16 -3.61
CA ARG D 269 24.73 -16.18 -2.86
C ARG D 269 24.79 -15.53 -1.46
N MET D 270 25.80 -15.88 -0.67
CA MET D 270 25.91 -15.37 0.68
C MET D 270 26.22 -13.86 0.64
N ALA D 271 27.11 -13.44 -0.25
CA ALA D 271 27.45 -12.02 -0.37
C ALA D 271 26.25 -11.18 -0.86
N ALA D 272 25.45 -11.72 -1.76
CA ALA D 272 24.22 -11.07 -2.19
C ALA D 272 23.24 -10.96 -1.04
N ARG D 273 23.17 -12.01 -0.23
CA ARG D 273 22.33 -11.97 0.96
C ARG D 273 22.78 -10.89 1.95
N LYS D 274 24.09 -10.75 2.16
CA LYS D 274 24.61 -9.72 3.06
C LYS D 274 24.32 -8.29 2.58
N GLN D 275 24.47 -8.05 1.28
CA GLN D 275 24.07 -6.76 0.70
C GLN D 275 22.55 -6.54 0.86
N TRP D 276 21.74 -7.57 0.65
CA TRP D 276 20.28 -7.43 0.78
C TRP D 276 19.91 -7.07 2.21
N MET D 277 20.50 -7.75 3.18
CA MET D 277 20.23 -7.44 4.60
C MET D 277 20.65 -6.02 4.96
N ALA D 278 21.83 -5.60 4.49
CA ALA D 278 22.30 -4.23 4.75
C ALA D 278 21.40 -3.22 4.09
N ASP D 279 20.98 -3.49 2.87
CA ASP D 279 20.04 -2.61 2.21
C ASP D 279 18.73 -2.38 3.01
N HIS D 280 18.18 -3.44 3.60
CA HIS D 280 16.89 -3.35 4.27
C HIS D 280 16.96 -3.21 5.79
N LEU D 281 18.16 -3.17 6.35
CA LEU D 281 18.30 -3.04 7.80
C LEU D 281 17.61 -1.78 8.36
N GLN D 282 16.88 -1.92 9.46
CA GLN D 282 16.38 -0.79 10.23
C GLN D 282 16.97 -0.91 11.61
N VAL D 283 17.11 0.23 12.29
CA VAL D 283 17.70 0.28 13.62
C VAL D 283 16.76 0.90 14.66
N ARG D 284 15.46 0.95 14.34
CA ARG D 284 14.45 1.35 15.31
C ARG D 284 14.30 0.30 16.41
N GLY D 285 14.68 -0.94 16.13
CA GLY D 285 14.65 -1.99 17.16
C GLY D 285 15.60 -3.13 16.86
N HIS D 286 15.89 -3.91 17.90
CA HIS D 286 16.78 -5.06 17.79
C HIS D 286 16.55 -6.05 18.92
N VAL D 287 17.26 -7.17 18.88
CA VAL D 287 17.23 -8.14 19.96
C VAL D 287 18.62 -8.39 20.51
N VAL D 288 18.67 -8.67 21.81
CA VAL D 288 19.89 -9.06 22.50
C VAL D 288 19.76 -10.56 22.70
N ILE D 289 20.82 -11.27 22.39
CA ILE D 289 20.80 -12.72 22.43
C ILE D 289 21.93 -13.22 23.32
N ASP D 290 21.72 -14.37 23.95
CA ASP D 290 22.73 -14.95 24.83
C ASP D 290 23.83 -15.72 24.10
N ALA D 291 24.89 -16.04 24.84
CA ALA D 291 26.10 -16.68 24.30
C ALA D 291 25.77 -18.01 23.62
N GLY D 292 24.88 -18.78 24.22
CA GLY D 292 24.43 -20.04 23.61
C GLY D 292 23.82 -19.81 22.23
N ALA D 293 23.01 -18.76 22.10
CA ALA D 293 22.43 -18.41 20.81
C ALA D 293 23.49 -17.89 19.84
N VAL D 294 24.41 -17.07 20.33
CA VAL D 294 25.50 -16.55 19.52
C VAL D 294 26.32 -17.69 18.93
N ASP D 295 26.65 -18.69 19.76
CA ASP D 295 27.45 -19.83 19.29
C ASP D 295 26.70 -20.64 18.23
N LYS D 296 25.43 -20.93 18.50
CA LYS D 296 24.59 -21.61 17.53
C LYS D 296 24.55 -20.90 16.19
N LEU D 297 24.46 -19.56 16.23
CA LEU D 297 24.42 -18.79 14.98
C LEU D 297 25.76 -18.82 14.26
N THR D 298 26.83 -18.53 15.00
CA THR D 298 28.17 -18.38 14.43
C THR D 298 28.82 -19.71 14.03
N ALA D 299 28.75 -20.70 14.91
CA ALA D 299 29.37 -21.98 14.65
C ALA D 299 28.39 -22.95 14.01
N GLY D 300 27.22 -23.12 14.63
CA GLY D 300 26.27 -24.17 14.24
C GLY D 300 25.44 -24.00 12.96
N GLY D 301 25.57 -22.87 12.27
CA GLY D 301 24.72 -22.57 11.09
C GLY D 301 23.21 -22.66 11.36
N LYS D 302 22.77 -22.27 12.56
CA LYS D 302 21.38 -22.52 13.01
C LYS D 302 20.51 -21.27 13.00
N SER D 303 19.21 -21.45 13.25
CA SER D 303 18.25 -20.34 13.36
C SER D 303 18.34 -19.67 14.72
N LEU D 304 17.79 -18.47 14.83
CA LEU D 304 17.61 -17.83 16.14
C LEU D 304 16.21 -18.14 16.66
N LEU D 305 16.14 -18.81 17.79
CA LEU D 305 14.89 -19.18 18.40
C LEU D 305 14.57 -18.19 19.53
N PRO D 306 13.26 -18.05 19.84
CA PRO D 306 12.83 -17.18 20.91
C PRO D 306 13.54 -17.43 22.24
N ILE D 307 13.85 -18.69 22.52
CA ILE D 307 14.52 -19.09 23.76
C ILE D 307 15.89 -18.46 23.95
N GLY D 308 16.56 -18.13 22.86
CA GLY D 308 17.88 -17.46 22.92
C GLY D 308 17.83 -15.95 23.08
N VAL D 309 16.64 -15.35 23.08
CA VAL D 309 16.50 -13.90 23.17
C VAL D 309 16.48 -13.47 24.62
N VAL D 310 17.42 -12.61 24.99
CA VAL D 310 17.52 -12.10 26.34
C VAL D 310 16.67 -10.85 26.51
N ALA D 311 16.67 -9.98 25.51
CA ALA D 311 15.86 -8.77 25.55
C ALA D 311 15.48 -8.25 24.17
N VAL D 312 14.41 -7.46 24.17
CA VAL D 312 13.88 -6.86 22.99
C VAL D 312 13.92 -5.37 23.23
N GLN D 313 14.60 -4.64 22.33
CA GLN D 313 14.74 -3.19 22.46
C GLN D 313 14.10 -2.51 21.28
N GLY D 314 13.36 -1.43 21.53
CA GLY D 314 12.77 -0.64 20.46
C GLY D 314 11.61 -1.36 19.81
N VAL D 315 11.39 -1.08 18.53
CA VAL D 315 10.20 -1.56 17.81
C VAL D 315 10.58 -2.15 16.44
N PHE D 316 9.92 -3.23 16.08
CA PHE D 316 10.02 -3.80 14.74
C PHE D 316 8.82 -4.66 14.44
N ALA D 317 8.63 -4.94 13.15
CA ALA D 317 7.47 -5.64 12.64
C ALA D 317 7.92 -6.83 11.82
N ARG D 318 7.03 -7.81 11.66
CA ARG D 318 7.32 -8.99 10.89
C ARG D 318 7.79 -8.59 9.49
N GLY D 319 8.86 -9.23 9.02
CA GLY D 319 9.37 -8.99 7.69
C GLY D 319 10.43 -7.90 7.62
N GLU D 320 10.67 -7.17 8.71
CA GLU D 320 11.76 -6.24 8.77
C GLU D 320 13.07 -6.94 9.11
N VAL D 321 14.16 -6.27 8.76
CA VAL D 321 15.50 -6.76 9.05
C VAL D 321 15.98 -6.10 10.34
N ILE D 322 16.35 -6.92 11.32
CA ILE D 322 16.85 -6.44 12.62
C ILE D 322 18.23 -7.00 12.97
N ALA D 323 18.96 -6.25 13.79
CA ALA D 323 20.23 -6.65 14.32
C ALA D 323 20.04 -7.57 15.52
N CYS D 324 20.92 -8.55 15.62
CA CYS D 324 20.99 -9.41 16.79
C CYS D 324 22.28 -9.04 17.52
N VAL D 325 22.12 -8.58 18.75
CA VAL D 325 23.22 -7.99 19.49
C VAL D 325 23.56 -8.90 20.68
N ASN D 326 24.85 -8.99 21.00
CA ASN D 326 25.35 -9.77 22.11
C ASN D 326 25.26 -8.95 23.40
N ASP D 327 25.54 -9.59 24.54
CA ASP D 327 25.53 -8.91 25.87
C ASP D 327 26.47 -7.69 25.92
N ALA D 328 27.58 -7.77 25.17
CA ALA D 328 28.55 -6.70 25.08
C ALA D 328 28.10 -5.53 24.18
N GLY D 329 26.93 -5.64 23.58
CA GLY D 329 26.41 -4.62 22.67
C GLY D 329 26.93 -4.70 21.23
N ARG D 330 27.66 -5.76 20.89
CA ARG D 330 28.18 -5.93 19.53
C ARG D 330 27.14 -6.63 18.63
N GLU D 331 26.90 -6.10 17.44
CA GLU D 331 26.05 -6.78 16.47
C GLU D 331 26.77 -8.03 15.97
N VAL D 332 26.14 -9.19 16.12
CA VAL D 332 26.73 -10.45 15.66
C VAL D 332 26.00 -11.03 14.44
N ALA D 333 24.74 -10.66 14.24
CA ALA D 333 23.96 -11.11 13.08
C ALA D 333 22.83 -10.20 12.79
N ARG D 334 22.20 -10.45 11.66
CA ARG D 334 21.16 -9.63 11.18
C ARG D 334 20.26 -10.43 10.26
N GLY D 335 18.94 -10.23 10.36
CA GLY D 335 18.02 -11.04 9.61
C GLY D 335 16.58 -10.60 9.66
N ILE D 336 15.77 -11.27 8.86
CA ILE D 336 14.35 -11.00 8.79
C ILE D 336 13.64 -11.60 10.01
N THR D 337 12.98 -10.77 10.80
CA THR D 337 12.16 -11.25 11.94
C THR D 337 10.77 -11.77 11.51
N ASN D 338 10.39 -12.91 12.09
CA ASN D 338 9.08 -13.48 11.90
C ASN D 338 8.00 -12.84 12.77
N TYR D 339 8.42 -12.17 13.83
CA TYR D 339 7.53 -11.67 14.88
C TYR D 339 7.80 -10.18 15.14
N SER D 340 6.76 -9.47 15.56
CA SER D 340 6.92 -8.07 16.00
C SER D 340 7.69 -8.00 17.31
N SER D 341 8.16 -6.81 17.67
CA SER D 341 8.84 -6.63 18.96
C SER D 341 7.95 -6.93 20.18
N ALA D 342 6.68 -6.56 20.10
CA ALA D 342 5.75 -6.83 21.20
C ALA D 342 5.54 -8.34 21.36
N GLU D 343 5.34 -9.03 20.24
CA GLU D 343 5.22 -10.48 20.24
C GLU D 343 6.49 -11.14 20.78
N ALA D 344 7.64 -10.66 20.32
CA ALA D 344 8.92 -11.16 20.77
C ALA D 344 9.11 -10.97 22.28
N LYS D 345 8.64 -9.83 22.81
CA LYS D 345 8.63 -9.59 24.26
C LYS D 345 7.85 -10.63 25.03
N LEU D 346 6.72 -11.04 24.48
CA LEU D 346 5.87 -12.03 25.13
C LEU D 346 6.46 -13.44 25.14
N ILE D 347 7.23 -13.78 24.11
CA ILE D 347 7.70 -15.16 23.91
C ILE D 347 9.19 -15.37 24.14
N GLN D 348 9.90 -14.29 24.45
CA GLN D 348 11.32 -14.42 24.71
C GLN D 348 11.57 -15.43 25.84
N ARG D 349 12.63 -16.22 25.70
CA ARG D 349 12.99 -17.26 26.68
C ARG D 349 12.05 -18.44 26.76
N LYS D 350 11.09 -18.55 25.85
CA LYS D 350 10.14 -19.65 25.89
C LYS D 350 10.46 -20.67 24.78
N PRO D 351 10.25 -21.97 25.08
CA PRO D 351 10.39 -22.97 24.02
C PRO D 351 9.27 -22.79 23.00
N SER D 352 9.50 -23.25 21.78
CA SER D 352 8.58 -22.98 20.69
C SER D 352 7.18 -23.57 20.94
N GLY D 353 7.11 -24.70 21.63
CA GLY D 353 5.83 -25.32 21.97
C GLY D 353 4.98 -24.54 22.95
N GLU D 354 5.55 -23.51 23.58
CA GLU D 354 4.79 -22.63 24.47
C GLU D 354 4.32 -21.33 23.82
N ILE D 355 4.77 -21.03 22.59
CA ILE D 355 4.37 -19.78 21.93
C ILE D 355 2.85 -19.66 21.75
N GLU D 356 2.20 -20.74 21.38
CA GLU D 356 0.77 -20.72 21.09
C GLU D 356 -0.06 -20.32 22.31
N ALA D 357 0.28 -20.88 23.47
CA ALA D 357 -0.41 -20.57 24.72
C ALA D 357 -0.23 -19.11 25.09
N VAL D 358 0.98 -18.59 24.90
CA VAL D 358 1.26 -17.21 25.27
C VAL D 358 0.57 -16.20 24.37
N LEU D 359 0.61 -16.41 23.06
CA LEU D 359 0.08 -15.45 22.09
C LEU D 359 -1.37 -15.69 21.71
N GLY D 360 -1.83 -16.93 21.84
CA GLY D 360 -3.14 -17.33 21.31
C GLY D 360 -3.06 -17.90 19.89
N TYR D 361 -1.85 -17.89 19.32
CA TYR D 361 -1.61 -18.37 17.95
C TYR D 361 -0.12 -18.54 17.86
N MET D 362 0.35 -19.16 16.78
CA MET D 362 1.77 -19.07 16.49
C MET D 362 2.02 -18.86 15.04
N LEU D 363 3.20 -18.31 14.75
CA LEU D 363 3.66 -18.14 13.40
C LEU D 363 4.66 -19.29 13.14
N GLU D 364 5.92 -18.98 12.85
CA GLU D 364 6.95 -19.99 12.75
C GLU D 364 7.55 -20.27 14.12
N PRO D 365 8.22 -21.42 14.30
CA PRO D 365 8.91 -21.64 15.59
C PRO D 365 10.17 -20.77 15.78
N GLU D 366 10.77 -20.31 14.69
CA GLU D 366 11.98 -19.50 14.76
C GLU D 366 11.60 -18.04 14.94
N LEU D 367 12.45 -17.28 15.61
CA LEU D 367 12.35 -15.84 15.53
C LEU D 367 12.95 -15.34 14.19
N ILE D 368 14.16 -15.81 13.86
CA ILE D 368 14.77 -15.51 12.57
C ILE D 368 15.28 -16.83 12.01
N HIS D 369 14.73 -17.25 10.87
CA HIS D 369 15.20 -18.47 10.25
C HIS D 369 16.63 -18.30 9.76
N ARG D 370 17.41 -19.38 9.86
CA ARG D 370 18.77 -19.41 9.33
C ARG D 370 18.91 -18.95 7.88
N ASP D 371 17.91 -19.22 7.04
CA ASP D 371 17.96 -18.84 5.64
C ASP D 371 17.75 -17.33 5.47
N ASN D 372 17.28 -16.67 6.52
CA ASN D 372 16.94 -15.23 6.47
C ASN D 372 17.87 -14.38 7.34
N LEU D 373 19.07 -14.88 7.60
CA LEU D 373 20.04 -14.11 8.37
C LEU D 373 21.45 -14.25 7.84
N VAL D 374 22.28 -13.27 8.20
CA VAL D 374 23.71 -13.30 7.91
C VAL D 374 24.45 -12.91 9.18
N LEU D 375 25.70 -13.36 9.26
CA LEU D 375 26.62 -12.98 10.31
C LEU D 375 27.19 -11.59 10.10
N VAL D 376 27.41 -10.94 11.25
CA VAL D 376 28.03 -9.63 11.47
C VAL D 376 27.34 -8.41 10.84
#